data_3NWY
#
_entry.id   3NWY
#
_cell.length_a   136.710
_cell.length_b   175.480
_cell.length_c   65.410
_cell.angle_alpha   90.00
_cell.angle_beta   90.00
_cell.angle_gamma   90.00
#
_symmetry.space_group_name_H-M   'P 21 21 2'
#
loop_
_entity.id
_entity.type
_entity.pdbx_description
1 polymer 'Uridylate kinase'
2 non-polymer "GUANOSINE-5'-TRIPHOSPHATE"
3 non-polymer "URIDINE-5'-DIPHOSPHATE"
4 water water
#
_entity_poly.entity_id   1
_entity_poly.type   'polypeptide(L)'
_entity_poly.pdbx_seq_one_letter_code
;MGSSHHHHHHSSGLVPRGSHMTEPDVAGAPASKPEPASTGAASAAQLSGYSRVLLKLGGEMFGGGQVGLDPDVVAQVARQ
IADVVRGGVQIAVVIGGGNFFRGAQLQQLGMERTRSDYMGMLGTVMNSLALQDFLEKEGIVTRVQTAITMGQVAEPYLPL
RAVRHLEKGRVVIFGAGMGLPYFSTDTTAAQRALEIGADVVLMAKAVDGVFAEDPRVNPEAELLTAVSHREVLDRGLRVA
DATAFSLCMDNGMPILVFNLLTDGNIARAVRGEKIGTLVTT
;
_entity_poly.pdbx_strand_id   A,B,C,D,E,F
#
# COMPACT_ATOMS: atom_id res chain seq x y z
N LEU A 47 -27.10 27.54 -27.65
CA LEU A 47 -26.10 27.45 -26.53
C LEU A 47 -25.30 26.17 -26.64
N SER A 48 -23.97 26.29 -26.53
CA SER A 48 -23.09 25.13 -26.63
C SER A 48 -23.05 24.45 -25.26
N GLY A 49 -22.14 24.84 -24.37
CA GLY A 49 -22.09 24.24 -23.04
C GLY A 49 -21.32 22.93 -22.94
N TYR A 50 -21.09 22.50 -21.70
CA TYR A 50 -20.13 21.46 -21.39
C TYR A 50 -20.76 20.23 -20.72
N SER A 51 -20.45 19.05 -21.25
CA SER A 51 -20.86 17.78 -20.66
C SER A 51 -20.21 17.60 -19.31
N ARG A 52 -18.89 17.87 -19.27
CA ARG A 52 -18.08 17.62 -18.07
C ARG A 52 -17.08 18.71 -17.80
N VAL A 53 -17.01 19.15 -16.55
CA VAL A 53 -16.15 20.27 -16.16
C VAL A 53 -15.32 19.99 -14.92
N LEU A 54 -14.23 20.76 -14.78
CA LEU A 54 -13.46 20.79 -13.57
C LEU A 54 -13.44 22.21 -13.01
N LEU A 55 -13.93 22.35 -11.78
CA LEU A 55 -14.00 23.63 -11.13
C LEU A 55 -12.83 23.72 -10.14
N LYS A 56 -12.10 24.82 -10.17
CA LYS A 56 -11.00 25.04 -9.27
C LYS A 56 -11.40 26.14 -8.30
N LEU A 57 -11.13 25.91 -7.01
CA LEU A 57 -11.42 26.88 -5.97
C LEU A 57 -10.16 27.09 -5.14
N GLY A 58 -9.87 28.34 -4.81
CA GLY A 58 -8.80 28.61 -3.87
C GLY A 58 -9.27 28.20 -2.50
N GLY A 59 -8.40 27.63 -1.69
CA GLY A 59 -8.75 27.25 -0.32
C GLY A 59 -9.14 28.45 0.54
N GLU A 60 -8.46 29.58 0.36
CA GLU A 60 -8.68 30.77 1.19
C GLU A 60 -10.14 31.20 1.21
N MET A 61 -10.79 31.00 0.07
CA MET A 61 -12.21 31.30 -0.06
C MET A 61 -13.04 30.58 1.02
N PHE A 62 -12.66 29.35 1.37
CA PHE A 62 -13.45 28.55 2.28
C PHE A 62 -13.54 29.11 3.72
N GLY A 63 -12.59 29.94 4.11
CA GLY A 63 -12.60 30.52 5.45
C GLY A 63 -13.05 31.96 5.44
N GLY A 64 -13.31 32.42 4.22
CA GLY A 64 -13.11 33.81 3.82
C GLY A 64 -13.66 34.88 4.72
N GLY A 65 -12.81 35.71 5.32
CA GLY A 65 -11.36 35.61 5.24
C GLY A 65 -10.84 35.54 6.64
N GLN A 66 -11.15 34.42 7.28
CA GLN A 66 -10.62 34.12 8.57
C GLN A 66 -10.10 32.73 8.44
N VAL A 67 -9.34 32.28 9.44
CA VAL A 67 -8.65 31.01 9.35
C VAL A 67 -9.67 29.91 9.54
N GLY A 68 -9.47 28.80 8.85
CA GLY A 68 -10.36 27.67 8.97
C GLY A 68 -11.52 27.73 8.00
N LEU A 69 -12.65 27.15 8.43
CA LEU A 69 -13.80 26.99 7.55
C LEU A 69 -14.97 27.87 7.94
N ASP A 70 -15.43 28.67 6.98
CA ASP A 70 -16.69 29.39 7.09
C ASP A 70 -17.83 28.52 6.56
N PRO A 71 -18.78 28.16 7.44
CA PRO A 71 -19.84 27.25 7.01
C PRO A 71 -20.82 27.82 6.01
N ASP A 72 -20.98 29.14 5.99
CA ASP A 72 -21.82 29.79 4.99
C ASP A 72 -21.22 29.69 3.60
N VAL A 73 -19.98 30.12 3.46
CA VAL A 73 -19.28 30.06 2.19
C VAL A 73 -19.31 28.64 1.63
N VAL A 74 -18.95 27.67 2.45
CA VAL A 74 -18.96 26.29 1.98
C VAL A 74 -20.35 25.83 1.55
N ALA A 75 -21.39 26.21 2.29
CA ALA A 75 -22.79 25.96 1.88
C ALA A 75 -23.18 26.73 0.58
N GLN A 76 -22.68 27.95 0.42
CA GLN A 76 -22.89 28.72 -0.82
C GLN A 76 -22.23 28.03 -2.05
N VAL A 77 -21.01 27.52 -1.86
CA VAL A 77 -20.31 26.78 -2.93
C VAL A 77 -21.07 25.49 -3.30
N ALA A 78 -21.44 24.73 -2.26
CA ALA A 78 -22.19 23.51 -2.43
C ALA A 78 -23.45 23.73 -3.30
N ARG A 79 -24.20 24.77 -2.96
CA ARG A 79 -25.46 25.10 -3.64
C ARG A 79 -25.26 25.43 -5.15
N GLN A 80 -24.26 26.24 -5.47
CA GLN A 80 -23.84 26.43 -6.88
C GLN A 80 -23.41 25.12 -7.57
N ILE A 81 -22.70 24.23 -6.89
CA ILE A 81 -22.27 22.98 -7.52
C ILE A 81 -23.52 22.14 -7.82
N ALA A 82 -24.46 22.16 -6.86
CA ALA A 82 -25.74 21.45 -7.01
C ALA A 82 -26.59 22.03 -8.16
N ASP A 83 -26.39 23.30 -8.45
CA ASP A 83 -26.97 23.93 -9.63
C ASP A 83 -26.42 23.24 -10.89
N VAL A 84 -25.11 23.04 -10.92
CA VAL A 84 -24.46 22.34 -12.03
C VAL A 84 -24.95 20.91 -12.21
N VAL A 85 -25.11 20.18 -11.11
CA VAL A 85 -25.50 18.78 -11.24
C VAL A 85 -26.98 18.75 -11.60
N ARG A 86 -27.75 19.72 -11.09
CA ARG A 86 -29.14 19.90 -11.52
C ARG A 86 -29.32 20.12 -13.02
N GLY A 87 -28.46 20.92 -13.62
CA GLY A 87 -28.46 21.15 -15.07
C GLY A 87 -27.93 19.98 -15.89
N GLY A 88 -27.58 18.89 -15.23
CA GLY A 88 -27.16 17.69 -15.92
C GLY A 88 -25.72 17.69 -16.38
N VAL A 89 -24.89 18.51 -15.73
CA VAL A 89 -23.49 18.58 -16.09
C VAL A 89 -22.65 17.83 -15.05
N GLN A 90 -21.65 17.10 -15.51
CA GLN A 90 -20.74 16.38 -14.67
C GLN A 90 -19.62 17.27 -14.16
N ILE A 91 -19.38 17.23 -12.85
CA ILE A 91 -18.47 18.17 -12.23
C ILE A 91 -17.47 17.56 -11.20
N ALA A 92 -16.17 17.83 -11.40
CA ALA A 92 -15.15 17.46 -10.44
C ALA A 92 -14.58 18.75 -9.86
N VAL A 93 -14.16 18.71 -8.60
CA VAL A 93 -13.69 19.92 -7.92
C VAL A 93 -12.27 19.74 -7.37
N VAL A 94 -11.48 20.80 -7.47
CA VAL A 94 -10.12 20.85 -6.89
C VAL A 94 -10.02 22.09 -6.02
N ILE A 95 -9.86 21.91 -4.70
CA ILE A 95 -9.71 23.04 -3.79
C ILE A 95 -8.28 23.14 -3.31
N GLY A 96 -7.80 24.35 -3.03
CA GLY A 96 -6.54 24.55 -2.37
C GLY A 96 -6.71 24.43 -0.86
N GLY A 97 -5.68 24.81 -0.11
CA GLY A 97 -5.65 24.60 1.33
C GLY A 97 -5.17 25.78 2.13
N GLY A 98 -5.21 26.97 1.55
CA GLY A 98 -4.63 28.12 2.23
C GLY A 98 -5.40 28.64 3.44
N ASN A 99 -6.60 28.13 3.69
CA ASN A 99 -7.43 28.71 4.76
C ASN A 99 -7.02 28.27 6.16
N PHE A 100 -6.16 27.26 6.25
CA PHE A 100 -5.63 26.83 7.55
C PHE A 100 -4.20 27.33 7.76
N ALA A 104 2.53 29.97 5.29
CA ALA A 104 3.65 30.54 4.54
C ALA A 104 4.09 31.94 5.04
N GLN A 105 3.75 32.23 6.29
CA GLN A 105 4.63 32.97 7.20
C GLN A 105 5.50 31.93 7.91
N LEU A 106 5.12 30.66 7.81
CA LEU A 106 5.89 29.56 8.36
C LEU A 106 7.21 29.42 7.63
N GLN A 107 7.18 29.72 6.34
CA GLN A 107 8.38 29.74 5.54
C GLN A 107 9.22 30.91 6.03
N GLN A 108 8.53 32.02 6.28
CA GLN A 108 9.13 33.27 6.73
C GLN A 108 10.04 33.06 7.94
N LEU A 109 9.58 32.27 8.88
CA LEU A 109 10.38 31.96 10.04
C LEU A 109 10.77 30.50 10.07
N GLY A 110 11.42 30.06 9.00
CA GLY A 110 12.17 28.80 9.01
C GLY A 110 11.73 27.64 8.12
N MET A 111 10.42 27.36 8.07
CA MET A 111 9.91 26.10 7.53
C MET A 111 10.24 25.86 6.08
N GLU A 112 10.63 24.63 5.78
CA GLU A 112 10.97 24.23 4.41
C GLU A 112 9.75 24.39 3.54
N ARG A 113 9.94 24.83 2.31
CA ARG A 113 8.83 24.98 1.36
C ARG A 113 8.06 23.67 1.17
N THR A 114 8.85 22.62 1.01
CA THR A 114 8.34 21.26 0.86
C THR A 114 7.39 20.89 1.99
N ARG A 115 7.78 21.15 3.22
CA ARG A 115 6.99 20.72 4.37
C ARG A 115 5.73 21.58 4.45
N SER A 116 5.88 22.84 4.08
CA SER A 116 4.77 23.76 4.04
C SER A 116 3.77 23.31 2.99
N ASP A 117 4.27 22.81 1.87
CA ASP A 117 3.45 22.33 0.80
C ASP A 117 2.62 21.13 1.23
N TYR A 118 3.24 20.18 1.95
CA TYR A 118 2.49 19.02 2.48
C TYR A 118 1.41 19.49 3.46
N MET A 119 1.72 20.48 4.27
CA MET A 119 0.70 21.03 5.12
C MET A 119 -0.52 21.48 4.32
N GLY A 120 -0.30 22.28 3.28
CA GLY A 120 -1.38 22.70 2.39
C GLY A 120 -2.15 21.51 1.81
N MET A 121 -1.42 20.51 1.37
CA MET A 121 -2.04 19.33 0.79
C MET A 121 -3.05 18.71 1.76
N LEU A 122 -2.68 18.58 3.02
CA LEU A 122 -3.59 18.09 4.05
C LEU A 122 -4.76 19.03 4.24
N GLY A 123 -4.52 20.32 4.17
CA GLY A 123 -5.60 21.31 4.22
C GLY A 123 -6.63 21.10 3.13
N THR A 124 -6.17 20.73 1.93
CA THR A 124 -7.07 20.58 0.79
C THR A 124 -8.02 19.42 1.05
N VAL A 125 -7.56 18.46 1.83
CA VAL A 125 -8.36 17.27 2.06
C VAL A 125 -9.42 17.55 3.11
N MET A 126 -9.05 18.36 4.09
CA MET A 126 -10.00 18.83 5.05
C MET A 126 -11.09 19.65 4.38
N ASN A 127 -10.69 20.49 3.42
CA ASN A 127 -11.65 21.28 2.67
C ASN A 127 -12.53 20.37 1.84
N SER A 128 -11.93 19.34 1.25
CA SER A 128 -12.67 18.42 0.42
C SER A 128 -13.74 17.76 1.29
N LEU A 129 -13.34 17.31 2.47
CA LEU A 129 -14.29 16.65 3.37
C LEU A 129 -15.41 17.59 3.79
N ALA A 130 -15.09 18.86 4.06
CA ALA A 130 -16.13 19.85 4.40
C ALA A 130 -17.14 20.06 3.27
N LEU A 131 -16.66 20.20 2.04
CA LEU A 131 -17.53 20.41 0.89
C LEU A 131 -18.41 19.17 0.62
N GLN A 132 -17.82 17.99 0.77
CA GLN A 132 -18.55 16.72 0.57
C GLN A 132 -19.77 16.71 1.47
N ASP A 133 -19.53 17.03 2.74
CA ASP A 133 -20.54 17.02 3.75
C ASP A 133 -21.69 17.94 3.38
N PHE A 134 -21.35 19.17 2.99
CA PHE A 134 -22.34 20.17 2.64
C PHE A 134 -23.08 19.79 1.35
N LEU A 135 -22.41 19.10 0.44
CA LEU A 135 -23.07 18.65 -0.78
C LEU A 135 -24.07 17.54 -0.45
N GLU A 136 -23.65 16.63 0.42
CA GLU A 136 -24.53 15.57 0.85
C GLU A 136 -25.83 16.13 1.45
N LYS A 137 -25.73 17.22 2.22
CA LYS A 137 -26.92 17.91 2.75
C LYS A 137 -27.85 18.43 1.67
N GLU A 138 -27.25 18.89 0.58
CA GLU A 138 -28.00 19.39 -0.53
C GLU A 138 -28.49 18.20 -1.41
N GLY A 139 -28.36 16.98 -0.90
CA GLY A 139 -28.83 15.82 -1.63
C GLY A 139 -27.95 15.39 -2.80
N ILE A 140 -26.76 15.94 -2.90
CA ILE A 140 -25.83 15.55 -3.96
C ILE A 140 -24.86 14.51 -3.45
N VAL A 141 -24.82 13.37 -4.14
CA VAL A 141 -23.91 12.28 -3.79
C VAL A 141 -22.52 12.63 -4.29
N THR A 142 -21.57 12.67 -3.36
CA THR A 142 -20.19 13.05 -3.68
C THR A 142 -19.12 12.14 -3.07
N ARG A 143 -18.10 11.87 -3.88
CA ARG A 143 -16.93 11.11 -3.49
C ARG A 143 -15.68 11.98 -3.49
N VAL A 144 -14.78 11.74 -2.53
CA VAL A 144 -13.50 12.43 -2.46
C VAL A 144 -12.37 11.45 -2.73
N GLN A 145 -11.51 11.76 -3.70
CA GLN A 145 -10.32 10.93 -3.98
C GLN A 145 -9.11 11.78 -3.68
N THR A 146 -8.14 11.21 -2.98
CA THR A 146 -6.92 11.93 -2.58
C THR A 146 -5.68 11.42 -3.33
N ALA A 147 -4.78 12.35 -3.68
CA ALA A 147 -3.59 12.02 -4.51
C ALA A 147 -2.67 11.05 -3.80
N ILE A 148 -2.34 11.37 -2.55
CA ILE A 148 -1.68 10.46 -1.63
C ILE A 148 -2.76 9.61 -0.99
N THR A 149 -2.66 8.30 -1.12
CA THR A 149 -3.64 7.44 -0.48
C THR A 149 -3.70 7.76 1.02
N MET A 150 -4.92 7.93 1.52
CA MET A 150 -5.18 8.15 2.93
C MET A 150 -6.33 7.24 3.37
N GLY A 151 -6.19 5.97 3.06
CA GLY A 151 -6.98 4.89 3.66
C GLY A 151 -8.43 5.15 3.90
N GLN A 152 -8.83 5.19 5.16
CA GLN A 152 -10.24 5.23 5.53
C GLN A 152 -10.81 6.63 5.52
N VAL A 153 -9.96 7.63 5.30
CA VAL A 153 -10.45 9.00 5.26
C VAL A 153 -11.08 9.29 3.90
N ALA A 154 -10.61 8.63 2.85
CA ALA A 154 -11.11 8.87 1.49
C ALA A 154 -10.54 7.88 0.47
N GLU A 155 -11.10 7.93 -0.74
CA GLU A 155 -10.76 6.99 -1.81
C GLU A 155 -9.39 7.31 -2.37
N PRO A 156 -8.69 6.30 -2.87
CA PRO A 156 -7.46 6.59 -3.59
C PRO A 156 -7.78 7.28 -4.90
N TYR A 157 -6.84 8.05 -5.40
CA TYR A 157 -7.00 8.71 -6.70
C TYR A 157 -6.90 7.67 -7.79
N LEU A 158 -7.95 7.61 -8.61
CA LEU A 158 -8.14 6.57 -9.62
C LEU A 158 -9.07 7.15 -10.67
N PRO A 159 -8.50 7.86 -11.68
CA PRO A 159 -9.27 8.58 -12.69
C PRO A 159 -10.43 7.83 -13.34
N LEU A 160 -10.26 6.55 -13.64
CA LEU A 160 -11.31 5.80 -14.34
C LEU A 160 -12.51 5.56 -13.43
N ARG A 161 -12.24 5.44 -12.15
CA ARG A 161 -13.30 5.29 -11.16
C ARG A 161 -13.91 6.65 -10.86
N ALA A 162 -13.10 7.69 -10.93
CA ALA A 162 -13.62 9.04 -10.80
C ALA A 162 -14.64 9.34 -11.90
N VAL A 163 -14.36 8.94 -13.15
CA VAL A 163 -15.32 9.23 -14.21
C VAL A 163 -16.55 8.30 -14.10
N ARG A 164 -16.35 7.08 -13.62
CA ARG A 164 -17.47 6.20 -13.38
C ARG A 164 -18.43 6.88 -12.40
N HIS A 165 -17.90 7.57 -11.39
CA HIS A 165 -18.74 8.29 -10.43
C HIS A 165 -19.50 9.41 -11.11
N LEU A 166 -18.78 10.19 -11.92
CA LEU A 166 -19.36 11.32 -12.65
C LEU A 166 -20.45 10.87 -13.59
N GLU A 167 -20.25 9.75 -14.25
CA GLU A 167 -21.29 9.19 -15.08
C GLU A 167 -22.53 8.83 -14.26
N LYS A 168 -22.35 8.22 -13.09
CA LYS A 168 -23.48 7.95 -12.21
C LYS A 168 -24.11 9.23 -11.64
N GLY A 169 -23.61 10.40 -12.02
CA GLY A 169 -24.17 11.67 -11.56
C GLY A 169 -23.64 12.16 -10.21
N ARG A 170 -22.57 11.56 -9.74
CA ARG A 170 -21.96 11.99 -8.49
C ARG A 170 -20.95 13.13 -8.74
N VAL A 171 -20.73 13.93 -7.72
CA VAL A 171 -19.65 14.92 -7.74
C VAL A 171 -18.39 14.22 -7.26
N VAL A 172 -17.27 14.37 -7.97
CA VAL A 172 -15.99 13.92 -7.40
C VAL A 172 -15.17 15.11 -6.96
N ILE A 173 -14.63 15.07 -5.75
CA ILE A 173 -13.66 16.08 -5.29
C ILE A 173 -12.27 15.46 -5.17
N PHE A 174 -11.28 16.10 -5.80
CA PHE A 174 -9.89 15.66 -5.78
C PHE A 174 -9.07 16.48 -4.76
N GLY A 175 -8.47 15.77 -3.79
CA GLY A 175 -7.69 16.41 -2.74
C GLY A 175 -6.22 16.02 -2.68
N ALA A 176 -5.47 16.79 -1.88
CA ALA A 176 -4.04 16.54 -1.67
C ALA A 176 -3.24 16.89 -2.90
N GLY A 177 -3.67 17.95 -3.61
CA GLY A 177 -3.00 18.40 -4.83
C GLY A 177 -2.73 17.25 -5.77
N MET A 178 -1.49 17.14 -6.21
CA MET A 178 -1.05 15.93 -6.93
C MET A 178 -0.13 15.09 -6.05
N GLY A 179 -0.06 15.41 -4.76
CA GLY A 179 0.77 14.66 -3.81
C GLY A 179 2.25 14.97 -3.88
N LEU A 180 2.58 16.11 -4.49
CA LEU A 180 3.96 16.49 -4.77
C LEU A 180 4.12 17.99 -4.56
N PRO A 181 5.08 18.39 -3.74
CA PRO A 181 5.33 19.82 -3.55
C PRO A 181 5.80 20.53 -4.82
N TYR A 182 5.69 21.85 -4.80
CA TYR A 182 6.02 22.75 -5.93
C TYR A 182 4.96 22.89 -7.02
N PHE A 183 3.91 22.09 -6.98
CA PHE A 183 2.84 22.26 -7.94
C PHE A 183 1.72 23.12 -7.33
N SER A 184 1.20 24.03 -8.13
CA SER A 184 0.12 24.91 -7.69
C SER A 184 -1.20 24.16 -7.79
N THR A 185 -2.22 24.69 -7.13
CA THR A 185 -3.58 24.19 -7.24
C THR A 185 -4.08 24.38 -8.67
N ASP A 186 -3.76 25.53 -9.26
CA ASP A 186 -4.03 25.72 -10.68
C ASP A 186 -3.54 24.51 -11.51
N THR A 187 -2.27 24.11 -11.30
CA THR A 187 -1.69 23.01 -12.08
C THR A 187 -2.40 21.68 -11.80
N THR A 188 -2.76 21.44 -10.55
CA THR A 188 -3.48 20.23 -10.20
C THR A 188 -4.78 20.18 -10.99
N ALA A 189 -5.53 21.27 -10.96
CA ALA A 189 -6.79 21.40 -11.68
C ALA A 189 -6.62 21.03 -13.13
N ALA A 190 -5.61 21.62 -13.77
CA ALA A 190 -5.28 21.28 -15.15
C ALA A 190 -5.10 19.78 -15.28
N GLN A 191 -4.14 19.24 -14.53
CA GLN A 191 -3.76 17.85 -14.71
C GLN A 191 -4.94 16.91 -14.50
N ARG A 192 -5.72 17.15 -13.44
CA ARG A 192 -6.94 16.39 -13.15
C ARG A 192 -8.02 16.50 -14.26
N ALA A 193 -8.39 17.72 -14.62
CA ALA A 193 -9.22 17.99 -15.84
C ALA A 193 -8.81 17.14 -17.08
N LEU A 194 -7.53 17.15 -17.42
CA LEU A 194 -7.06 16.31 -18.52
C LEU A 194 -7.28 14.82 -18.26
N GLU A 195 -6.96 14.35 -17.06
CA GLU A 195 -7.09 12.93 -16.76
C GLU A 195 -8.53 12.43 -16.85
N ILE A 196 -9.49 13.23 -16.38
CA ILE A 196 -10.89 12.85 -16.41
C ILE A 196 -11.60 13.23 -17.72
N GLY A 197 -10.87 13.73 -18.71
CA GLY A 197 -11.46 14.10 -19.99
C GLY A 197 -12.49 15.20 -19.84
N ALA A 198 -12.19 16.21 -19.05
CA ALA A 198 -13.04 17.39 -18.91
C ALA A 198 -13.08 18.20 -20.20
N ASP A 199 -14.19 18.92 -20.38
CA ASP A 199 -14.35 19.86 -21.49
C ASP A 199 -13.74 21.25 -21.19
N VAL A 200 -13.67 21.62 -19.92
CA VAL A 200 -13.06 22.89 -19.48
C VAL A 200 -12.57 22.86 -18.05
N VAL A 201 -11.73 23.84 -17.75
CA VAL A 201 -11.33 24.13 -16.40
C VAL A 201 -12.02 25.42 -15.96
N LEU A 202 -12.93 25.34 -15.02
CA LEU A 202 -13.58 26.54 -14.55
C LEU A 202 -12.75 27.11 -13.41
N MET A 203 -12.12 28.27 -13.64
CA MET A 203 -11.39 28.99 -12.58
C MET A 203 -12.31 29.93 -11.79
N ALA A 204 -12.89 29.45 -10.70
CA ALA A 204 -13.65 30.33 -9.81
C ALA A 204 -12.77 31.47 -9.38
N LYS A 205 -13.18 32.67 -9.72
CA LYS A 205 -12.42 33.86 -9.44
C LYS A 205 -13.36 34.87 -8.80
N ALA A 206 -12.80 36.01 -8.41
CA ALA A 206 -13.50 37.03 -7.63
C ALA A 206 -13.87 38.25 -8.47
N VAL A 207 -13.32 38.31 -9.67
CA VAL A 207 -13.68 39.31 -10.65
C VAL A 207 -14.39 38.59 -11.78
N ASP A 208 -15.26 39.31 -12.49
CA ASP A 208 -16.09 38.75 -13.57
C ASP A 208 -15.29 38.05 -14.67
N GLY A 209 -14.00 38.36 -14.80
CA GLY A 209 -13.13 37.64 -15.74
C GLY A 209 -11.88 38.42 -16.07
N VAL A 210 -11.64 38.65 -17.36
CA VAL A 210 -10.45 39.36 -17.82
C VAL A 210 -10.82 40.53 -18.74
N PHE A 211 -10.37 41.73 -18.38
CA PHE A 211 -10.66 42.95 -19.13
C PHE A 211 -9.47 43.43 -19.98
N ALA A 212 -9.78 44.36 -20.88
CA ALA A 212 -8.75 45.16 -21.57
C ALA A 212 -8.55 46.53 -20.88
N GLU A 213 -8.54 46.56 -19.54
CA GLU A 213 -8.56 47.80 -18.75
C GLU A 213 -7.58 47.77 -17.58
N PRO A 219 -12.49 52.83 -19.69
CA PRO A 219 -12.72 52.76 -18.25
C PRO A 219 -14.03 53.49 -17.86
N GLU A 220 -15.19 52.81 -17.92
CA GLU A 220 -15.29 51.36 -18.16
C GLU A 220 -14.90 50.94 -19.59
N ALA A 221 -14.24 49.80 -19.68
CA ALA A 221 -13.82 49.19 -20.94
C ALA A 221 -14.46 47.81 -21.11
N GLU A 222 -14.06 47.11 -22.16
CA GLU A 222 -14.65 45.82 -22.51
C GLU A 222 -14.02 44.67 -21.73
N LEU A 223 -14.87 43.81 -21.21
CA LEU A 223 -14.44 42.53 -20.67
C LEU A 223 -14.22 41.60 -21.86
N LEU A 224 -13.22 40.74 -21.79
CA LEU A 224 -12.90 39.84 -22.88
C LEU A 224 -13.74 38.57 -22.78
N THR A 225 -14.65 38.38 -23.73
CA THR A 225 -15.55 37.25 -23.73
C THR A 225 -14.86 35.96 -24.17
N ALA A 226 -14.00 36.06 -25.18
CA ALA A 226 -13.32 34.90 -25.74
C ALA A 226 -11.94 35.28 -26.27
N VAL A 227 -10.91 34.61 -25.78
CA VAL A 227 -9.53 34.84 -26.24
C VAL A 227 -8.80 33.53 -26.53
N SER A 228 -7.80 33.59 -27.40
CA SER A 228 -7.00 32.42 -27.75
C SER A 228 -5.94 32.23 -26.69
N HIS A 229 -5.45 30.99 -26.55
CA HIS A 229 -4.31 30.74 -25.67
C HIS A 229 -3.16 31.62 -26.09
N ARG A 230 -2.80 31.49 -27.36
CA ARG A 230 -1.67 32.23 -27.91
C ARG A 230 -1.73 33.71 -27.53
N GLU A 231 -2.94 34.28 -27.50
CA GLU A 231 -3.13 35.70 -27.19
C GLU A 231 -2.87 36.07 -25.74
N VAL A 232 -3.39 35.26 -24.82
CA VAL A 232 -3.21 35.50 -23.39
C VAL A 232 -1.72 35.63 -23.12
N LEU A 233 -0.99 34.68 -23.71
CA LEU A 233 0.45 34.58 -23.64
C LEU A 233 1.08 35.74 -24.39
N ASP A 234 0.76 35.86 -25.69
CA ASP A 234 1.19 37.00 -26.52
C ASP A 234 0.72 38.33 -25.93
N ARG A 235 0.93 38.52 -24.63
CA ARG A 235 0.79 39.83 -24.00
C ARG A 235 -0.62 40.11 -23.49
N GLY A 236 -0.80 40.10 -22.17
CA GLY A 236 0.23 39.64 -21.22
C GLY A 236 -0.39 39.31 -19.89
N LEU A 237 -1.41 38.44 -19.94
CA LEU A 237 -2.36 38.29 -18.83
C LEU A 237 -2.19 36.93 -18.21
N ARG A 238 -2.51 36.86 -16.93
CA ARG A 238 -2.44 35.60 -16.20
C ARG A 238 -3.86 35.14 -15.91
N VAL A 239 -4.21 33.99 -16.45
CA VAL A 239 -5.47 33.32 -16.14
C VAL A 239 -5.20 32.15 -15.21
N ALA A 240 -4.01 31.55 -15.35
CA ALA A 240 -3.47 30.56 -14.43
C ALA A 240 -1.98 30.83 -14.32
N ASP A 241 -1.31 30.20 -13.38
CA ASP A 241 0.15 30.34 -13.31
C ASP A 241 0.78 29.65 -14.51
N ALA A 242 2.01 30.02 -14.85
CA ALA A 242 2.63 29.60 -16.11
C ALA A 242 2.65 28.10 -16.30
N THR A 243 2.90 27.35 -15.22
CA THR A 243 2.92 25.89 -15.32
C THR A 243 1.52 25.34 -15.65
N ALA A 244 0.55 25.69 -14.82
CA ALA A 244 -0.86 25.38 -15.09
C ALA A 244 -1.27 25.81 -16.49
N PHE A 245 -0.94 27.05 -16.84
CA PHE A 245 -1.29 27.55 -18.16
C PHE A 245 -0.61 26.78 -19.28
N SER A 246 0.69 26.52 -19.13
CA SER A 246 1.44 25.73 -20.12
C SER A 246 0.83 24.37 -20.39
N LEU A 247 0.36 23.72 -19.33
CA LEU A 247 -0.20 22.37 -19.41
C LEU A 247 -1.43 22.40 -20.33
N CYS A 248 -2.30 23.37 -20.09
CA CYS A 248 -3.55 23.51 -20.83
C CYS A 248 -3.33 23.85 -22.32
N MET A 249 -2.34 24.68 -22.58
CA MET A 249 -2.03 25.09 -23.92
C MET A 249 -1.45 23.94 -24.75
N ASP A 250 -0.56 23.14 -24.19
CA ASP A 250 0.02 22.00 -24.92
C ASP A 250 -1.02 20.89 -25.19
N ASN A 251 -2.22 21.03 -24.60
CA ASN A 251 -3.25 20.00 -24.71
C ASN A 251 -4.60 20.50 -25.25
N GLY A 252 -4.66 21.77 -25.62
CA GLY A 252 -5.88 22.36 -26.14
C GLY A 252 -6.97 22.51 -25.10
N MET A 253 -6.61 22.45 -23.81
CA MET A 253 -7.61 22.51 -22.75
C MET A 253 -8.11 23.95 -22.52
N PRO A 254 -9.42 24.20 -22.72
CA PRO A 254 -9.96 25.51 -22.45
C PRO A 254 -9.90 25.88 -20.98
N ILE A 255 -9.96 27.17 -20.69
CA ILE A 255 -10.07 27.68 -19.32
C ILE A 255 -11.12 28.80 -19.29
N LEU A 256 -12.05 28.79 -18.34
CA LEU A 256 -13.08 29.82 -18.25
C LEU A 256 -13.03 30.50 -16.90
N VAL A 257 -12.53 31.73 -16.90
CA VAL A 257 -12.31 32.50 -15.68
C VAL A 257 -13.58 33.23 -15.36
N PHE A 258 -14.16 32.98 -14.19
CA PHE A 258 -15.46 33.57 -13.90
C PHE A 258 -15.63 33.87 -12.43
N ASN A 259 -16.71 34.59 -12.13
CA ASN A 259 -17.01 35.08 -10.78
C ASN A 259 -18.01 34.14 -10.10
N LEU A 260 -17.48 33.21 -9.30
CA LEU A 260 -18.31 32.26 -8.56
C LEU A 260 -19.30 32.93 -7.58
N LEU A 261 -18.97 34.14 -7.15
CA LEU A 261 -19.69 34.84 -6.05
C LEU A 261 -21.16 35.15 -6.40
N THR A 262 -21.38 35.49 -7.66
CA THR A 262 -22.71 35.73 -8.19
C THR A 262 -23.45 34.41 -8.36
N ASP A 263 -24.51 34.17 -7.58
CA ASP A 263 -25.20 32.89 -7.73
C ASP A 263 -25.99 32.83 -9.05
N GLY A 264 -25.99 31.65 -9.68
CA GLY A 264 -26.51 31.43 -11.03
C GLY A 264 -25.42 31.32 -12.10
N ASN A 265 -24.22 31.76 -11.77
CA ASN A 265 -23.16 31.96 -12.77
C ASN A 265 -22.56 30.71 -13.33
N ILE A 266 -22.16 29.79 -12.46
CA ILE A 266 -21.53 28.56 -12.91
C ILE A 266 -22.53 27.75 -13.73
N ALA A 267 -23.79 27.75 -13.30
CA ALA A 267 -24.86 27.12 -14.07
C ALA A 267 -25.05 27.77 -15.44
N ARG A 268 -24.89 29.08 -15.49
CA ARG A 268 -24.94 29.83 -16.76
C ARG A 268 -23.73 29.52 -17.63
N ALA A 269 -22.57 29.43 -17.00
CA ALA A 269 -21.35 29.05 -17.69
C ALA A 269 -21.47 27.69 -18.37
N VAL A 270 -21.93 26.70 -17.63
CA VAL A 270 -21.92 25.34 -18.12
C VAL A 270 -23.00 25.09 -19.20
N ARG A 271 -24.07 25.89 -19.23
CA ARG A 271 -25.03 25.91 -20.36
C ARG A 271 -24.44 26.44 -21.67
N GLY A 272 -23.40 27.25 -21.56
CA GLY A 272 -22.78 27.87 -22.73
C GLY A 272 -23.15 29.33 -22.89
N GLU A 273 -23.70 29.91 -21.83
CA GLU A 273 -24.03 31.31 -21.82
C GLU A 273 -22.73 32.10 -21.77
N LYS A 274 -22.75 33.32 -22.29
CA LYS A 274 -21.54 34.13 -22.35
C LYS A 274 -21.22 34.70 -20.97
N ILE A 275 -20.37 33.97 -20.25
CA ILE A 275 -19.97 34.32 -18.90
C ILE A 275 -18.44 34.48 -18.84
N GLY A 276 -17.97 35.49 -18.12
CA GLY A 276 -16.55 35.62 -17.86
C GLY A 276 -15.69 35.63 -19.11
N THR A 277 -14.55 34.94 -19.06
CA THR A 277 -13.59 34.94 -20.15
C THR A 277 -13.14 33.51 -20.49
N LEU A 278 -13.49 33.08 -21.68
CA LEU A 278 -13.19 31.76 -22.16
C LEU A 278 -11.93 31.81 -22.99
N VAL A 279 -10.97 30.97 -22.63
CA VAL A 279 -9.71 30.92 -23.34
C VAL A 279 -9.77 29.63 -24.14
N THR A 280 -9.87 29.76 -25.46
CA THR A 280 -9.84 28.62 -26.39
C THR A 280 -8.65 28.90 -27.30
N THR A 281 -8.02 27.97 -28.03
CA THR A 281 -8.24 26.50 -28.14
C THR A 281 -8.86 26.19 -29.50
N GLN B 46 34.17 27.80 0.54
CA GLN B 46 32.99 27.44 -0.31
C GLN B 46 33.41 26.82 -1.67
N LEU B 47 33.07 25.54 -1.86
CA LEU B 47 33.61 24.75 -2.97
C LEU B 47 33.14 25.21 -4.36
N SER B 48 33.80 24.70 -5.40
CA SER B 48 33.69 25.22 -6.78
C SER B 48 32.82 24.32 -7.66
N GLY B 49 32.08 24.94 -8.57
CA GLY B 49 31.17 24.18 -9.43
C GLY B 49 29.91 23.85 -8.65
N TYR B 50 29.24 22.77 -9.02
CA TYR B 50 27.97 22.37 -8.41
C TYR B 50 28.16 21.26 -7.38
N SER B 51 27.44 21.34 -6.26
CA SER B 51 27.61 20.37 -5.18
C SER B 51 26.68 19.19 -5.32
N ARG B 52 25.38 19.45 -5.49
CA ARG B 52 24.50 18.39 -5.99
C ARG B 52 23.67 18.79 -7.19
N VAL B 53 23.39 17.79 -8.00
CA VAL B 53 23.03 18.00 -9.38
C VAL B 53 21.94 17.04 -9.81
N LEU B 54 20.90 17.54 -10.46
CA LEU B 54 19.97 16.61 -11.10
C LEU B 54 20.32 16.44 -12.60
N LEU B 55 20.79 15.25 -12.95
CA LEU B 55 21.17 14.94 -14.31
C LEU B 55 19.99 14.33 -15.03
N LYS B 56 19.45 15.07 -15.99
CA LYS B 56 18.41 14.51 -16.84
C LYS B 56 19.00 13.91 -18.11
N LEU B 57 18.74 12.61 -18.28
CA LEU B 57 19.20 11.86 -19.45
C LEU B 57 17.99 11.48 -20.27
N GLY B 58 18.07 11.70 -21.58
CA GLY B 58 17.01 11.28 -22.47
C GLY B 58 17.04 9.78 -22.69
N GLY B 59 15.87 9.18 -22.84
CA GLY B 59 15.79 7.74 -23.08
C GLY B 59 16.16 7.29 -24.50
N GLU B 60 15.99 8.15 -25.50
CA GLU B 60 16.35 7.77 -26.86
C GLU B 60 17.84 7.49 -26.96
N MET B 61 18.61 8.22 -26.15
CA MET B 61 20.06 8.10 -26.08
C MET B 61 20.49 6.95 -25.22
N PHE B 62 19.85 5.79 -25.38
CA PHE B 62 19.98 4.72 -24.39
C PHE B 62 20.13 3.24 -24.80
N GLY B 63 19.42 2.71 -25.80
CA GLY B 63 18.73 3.41 -26.87
C GLY B 63 19.37 2.97 -28.18
N GLY B 64 20.49 3.60 -28.52
CA GLY B 64 20.99 3.59 -29.89
C GLY B 64 20.46 4.90 -30.43
N GLY B 65 19.90 4.95 -31.64
CA GLY B 65 19.71 3.81 -32.52
C GLY B 65 18.26 3.39 -32.55
N GLN B 66 17.91 2.49 -31.62
CA GLN B 66 16.78 1.60 -31.82
C GLN B 66 15.96 1.39 -30.57
N VAL B 67 15.13 0.36 -30.60
CA VAL B 67 14.23 0.06 -29.50
C VAL B 67 15.00 -0.65 -28.39
N GLY B 68 14.90 -0.13 -27.17
CA GLY B 68 15.47 -0.80 -26.02
C GLY B 68 16.81 -0.25 -25.59
N LEU B 69 17.73 -1.15 -25.29
CA LEU B 69 18.95 -0.80 -24.59
C LEU B 69 20.20 -1.25 -25.34
N ASP B 70 21.11 -0.30 -25.59
CA ASP B 70 22.46 -0.55 -26.09
C ASP B 70 23.42 -0.36 -24.91
N PRO B 71 23.97 -1.46 -24.40
CA PRO B 71 24.76 -1.44 -23.18
C PRO B 71 26.07 -0.64 -23.27
N ASP B 72 26.59 -0.45 -24.47
CA ASP B 72 27.82 0.32 -24.64
C ASP B 72 27.56 1.78 -24.25
N VAL B 73 26.46 2.33 -24.75
CA VAL B 73 26.03 3.68 -24.39
C VAL B 73 25.83 3.83 -22.88
N VAL B 74 25.00 2.95 -22.32
CA VAL B 74 24.70 2.94 -20.88
C VAL B 74 25.98 2.84 -20.05
N ALA B 75 26.89 1.96 -20.48
CA ALA B 75 28.17 1.72 -19.81
C ALA B 75 29.06 2.95 -19.87
N GLN B 76 28.99 3.67 -20.98
CA GLN B 76 29.80 4.88 -21.16
C GLN B 76 29.30 5.97 -20.21
N VAL B 77 27.98 6.07 -20.11
CA VAL B 77 27.35 7.06 -19.27
C VAL B 77 27.58 6.75 -17.81
N ALA B 78 27.52 5.46 -17.45
CA ALA B 78 27.81 5.03 -16.08
C ALA B 78 29.21 5.47 -15.64
N ARG B 79 30.19 5.30 -16.52
CA ARG B 79 31.58 5.65 -16.21
C ARG B 79 31.80 7.13 -15.97
N GLN B 80 31.16 7.96 -16.75
CA GLN B 80 31.31 9.39 -16.57
C GLN B 80 30.68 9.81 -15.26
N ILE B 81 29.52 9.25 -14.96
CA ILE B 81 28.80 9.57 -13.72
C ILE B 81 29.67 9.14 -12.54
N ALA B 82 30.27 7.96 -12.65
CA ALA B 82 31.13 7.39 -11.60
C ALA B 82 32.31 8.30 -11.26
N ASP B 83 33.00 8.78 -12.29
CA ASP B 83 34.12 9.69 -12.09
C ASP B 83 33.66 10.92 -11.30
N VAL B 84 32.55 11.52 -11.72
CA VAL B 84 32.01 12.70 -11.04
C VAL B 84 31.64 12.38 -9.58
N VAL B 85 30.99 11.25 -9.37
CA VAL B 85 30.56 10.87 -8.03
C VAL B 85 31.75 10.63 -7.09
N ARG B 86 32.75 9.86 -7.53
CA ARG B 86 33.94 9.60 -6.72
C ARG B 86 34.54 10.86 -6.10
N GLY B 87 34.65 11.92 -6.89
CA GLY B 87 35.14 13.20 -6.38
C GLY B 87 34.23 13.91 -5.38
N GLY B 88 33.04 13.35 -5.10
CA GLY B 88 32.19 13.86 -4.03
C GLY B 88 31.07 14.81 -4.43
N VAL B 89 30.84 14.93 -5.73
CA VAL B 89 29.63 15.56 -6.22
C VAL B 89 28.49 14.60 -5.98
N GLN B 90 27.33 15.15 -5.60
CA GLN B 90 26.13 14.36 -5.37
C GLN B 90 25.26 14.43 -6.61
N ILE B 91 24.95 13.28 -7.19
CA ILE B 91 24.17 13.19 -8.43
C ILE B 91 22.93 12.34 -8.24
N ALA B 92 21.77 12.93 -8.53
CA ALA B 92 20.51 12.20 -8.73
C ALA B 92 20.15 12.25 -10.21
N VAL B 93 19.66 11.13 -10.73
CA VAL B 93 19.44 10.99 -12.17
C VAL B 93 17.98 10.79 -12.47
N VAL B 94 17.51 11.45 -13.52
CA VAL B 94 16.17 11.21 -14.07
C VAL B 94 16.38 10.75 -15.53
N ILE B 95 15.77 9.63 -15.91
CA ILE B 95 15.97 9.11 -17.27
C ILE B 95 14.67 9.13 -18.06
N GLY B 96 14.76 9.38 -19.35
CA GLY B 96 13.59 9.43 -20.20
C GLY B 96 13.17 8.07 -20.62
N GLY B 97 12.18 8.00 -21.53
CA GLY B 97 11.62 6.71 -21.98
C GLY B 97 11.38 6.55 -23.46
N GLY B 98 11.90 7.47 -24.26
CA GLY B 98 11.70 7.46 -25.72
C GLY B 98 12.14 6.19 -26.45
N ASN B 99 13.13 5.47 -25.91
CA ASN B 99 13.60 4.20 -26.48
C ASN B 99 12.54 3.11 -26.40
N PHE B 100 11.51 3.33 -25.59
CA PHE B 100 10.36 2.41 -25.48
C PHE B 100 9.06 3.11 -25.94
N PHE B 101 8.53 4.01 -25.09
CA PHE B 101 7.40 4.86 -25.49
C PHE B 101 7.45 6.25 -24.88
N ARG B 102 7.09 7.19 -25.73
CA ARG B 102 6.21 8.30 -25.37
C ARG B 102 4.95 7.70 -25.96
N GLY B 103 3.75 8.21 -25.69
CA GLY B 103 3.48 9.49 -25.07
C GLY B 103 1.95 9.57 -25.10
N ALA B 104 1.29 10.59 -25.65
CA ALA B 104 1.80 11.66 -26.51
C ALA B 104 1.94 11.14 -27.95
N GLN B 105 2.96 10.32 -28.19
CA GLN B 105 3.12 9.59 -29.46
C GLN B 105 1.97 8.63 -29.69
N LEU B 106 1.84 7.69 -28.76
CA LEU B 106 0.82 6.66 -28.83
C LEU B 106 -0.59 7.22 -28.80
N GLN B 107 -0.78 8.37 -28.14
CA GLN B 107 -2.10 9.02 -28.19
C GLN B 107 -2.55 9.27 -29.65
N GLN B 108 -1.66 9.86 -30.44
CA GLN B 108 -1.88 10.08 -31.88
C GLN B 108 -2.26 8.82 -32.63
N LEU B 109 -1.67 7.69 -32.22
CA LEU B 109 -1.81 6.40 -32.89
C LEU B 109 -3.17 5.72 -32.66
N GLY B 110 -3.96 6.26 -31.74
CA GLY B 110 -5.28 5.70 -31.44
C GLY B 110 -5.39 5.29 -29.99
N MET B 111 -4.26 5.07 -29.34
CA MET B 111 -4.24 4.59 -27.96
C MET B 111 -4.68 5.64 -26.94
N GLU B 112 -5.13 5.15 -25.80
CA GLU B 112 -5.56 5.99 -24.70
C GLU B 112 -4.35 6.65 -24.08
N ARG B 113 -4.40 7.97 -23.96
CA ARG B 113 -3.26 8.74 -23.48
C ARG B 113 -2.72 8.26 -22.13
N THR B 114 -3.60 8.22 -21.14
CA THR B 114 -3.22 7.85 -19.78
C THR B 114 -2.49 6.51 -19.71
N ARG B 115 -3.04 5.52 -20.39
CA ARG B 115 -2.45 4.18 -20.52
C ARG B 115 -1.08 4.33 -21.13
N SER B 116 -1.02 5.09 -22.21
CA SER B 116 0.19 5.21 -22.98
C SER B 116 1.28 5.89 -22.19
N ASP B 117 0.89 6.81 -21.32
CA ASP B 117 1.83 7.52 -20.44
C ASP B 117 2.47 6.57 -19.47
N TYR B 118 1.68 5.63 -18.95
CA TYR B 118 2.19 4.67 -18.00
C TYR B 118 3.18 3.73 -18.68
N MET B 119 2.91 3.39 -19.94
CA MET B 119 3.85 2.54 -20.68
C MET B 119 5.19 3.26 -20.76
N GLY B 120 5.15 4.53 -21.11
CA GLY B 120 6.32 5.37 -21.11
C GLY B 120 7.03 5.40 -19.77
N MET B 121 6.27 5.54 -18.67
CA MET B 121 6.84 5.53 -17.33
C MET B 121 7.44 4.14 -16.97
N LEU B 122 6.79 3.07 -17.41
CA LEU B 122 7.36 1.74 -17.23
C LEU B 122 8.69 1.61 -18.00
N GLY B 123 8.70 2.16 -19.20
CA GLY B 123 9.91 2.21 -20.02
C GLY B 123 11.06 2.87 -19.31
N THR B 124 10.78 3.97 -18.58
CA THR B 124 11.82 4.67 -17.83
C THR B 124 12.34 3.87 -16.62
N VAL B 125 11.58 2.86 -16.16
CA VAL B 125 12.05 2.02 -15.05
C VAL B 125 12.99 0.95 -15.62
N MET B 126 12.71 0.48 -16.83
CA MET B 126 13.66 -0.38 -17.57
C MET B 126 15.01 0.30 -17.60
N ASN B 127 15.04 1.52 -18.11
CA ASN B 127 16.28 2.30 -18.23
C ASN B 127 16.96 2.48 -16.88
N SER B 128 16.15 2.80 -15.87
CA SER B 128 16.66 3.05 -14.54
C SER B 128 17.35 1.83 -13.94
N LEU B 129 16.80 0.63 -14.17
CA LEU B 129 17.44 -0.58 -13.66
C LEU B 129 18.74 -0.86 -14.40
N ALA B 130 18.75 -0.64 -15.70
CA ALA B 130 19.94 -0.85 -16.51
C ALA B 130 21.08 0.03 -16.00
N LEU B 131 20.83 1.33 -15.91
CA LEU B 131 21.86 2.28 -15.45
C LEU B 131 22.37 1.90 -14.05
N GLN B 132 21.47 1.38 -13.22
CA GLN B 132 21.82 0.95 -11.87
C GLN B 132 22.85 -0.17 -11.94
N ASP B 133 22.59 -1.13 -12.82
CA ASP B 133 23.44 -2.30 -12.91
C ASP B 133 24.84 -1.89 -13.30
N PHE B 134 24.93 -0.99 -14.28
CA PHE B 134 26.22 -0.50 -14.75
C PHE B 134 26.97 0.37 -13.72
N LEU B 135 26.29 1.30 -13.08
CA LEU B 135 26.90 2.09 -12.03
C LEU B 135 27.44 1.19 -10.94
N GLU B 136 26.79 0.06 -10.69
CA GLU B 136 27.25 -0.85 -9.65
C GLU B 136 28.54 -1.49 -10.09
N LYS B 137 28.53 -1.98 -11.31
CA LYS B 137 29.72 -2.58 -11.86
C LYS B 137 30.89 -1.59 -11.92
N GLU B 138 30.58 -0.29 -11.87
CA GLU B 138 31.59 0.77 -11.68
C GLU B 138 31.96 0.99 -10.22
N GLY B 139 31.40 0.21 -9.31
CA GLY B 139 31.72 0.35 -7.89
C GLY B 139 30.95 1.47 -7.22
N ILE B 140 29.85 1.89 -7.81
CA ILE B 140 29.02 2.98 -7.27
C ILE B 140 27.67 2.48 -6.74
N VAL B 141 27.40 2.73 -5.47
CA VAL B 141 26.19 2.25 -4.86
C VAL B 141 25.10 3.13 -5.41
N THR B 142 24.05 2.51 -5.95
CA THR B 142 22.99 3.22 -6.63
C THR B 142 21.66 2.71 -6.16
N ARG B 143 20.74 3.64 -5.90
CA ARG B 143 19.39 3.32 -5.49
C ARG B 143 18.35 3.92 -6.44
N VAL B 144 17.36 3.11 -6.79
CA VAL B 144 16.30 3.53 -7.68
C VAL B 144 15.06 3.76 -6.83
N GLN B 145 14.51 4.97 -6.89
CA GLN B 145 13.22 5.26 -6.30
C GLN B 145 12.17 5.51 -7.39
N THR B 146 11.10 4.72 -7.40
CA THR B 146 10.04 4.85 -8.42
C THR B 146 8.82 5.62 -7.90
N ALA B 147 8.32 6.54 -8.71
CA ALA B 147 7.18 7.38 -8.33
C ALA B 147 5.95 6.54 -8.12
N ILE B 148 5.78 5.54 -8.98
CA ILE B 148 4.75 4.52 -8.83
C ILE B 148 5.39 3.41 -8.04
N THR B 149 4.93 3.21 -6.80
CA THR B 149 5.51 2.17 -5.98
C THR B 149 5.40 0.87 -6.73
N MET B 150 6.53 0.18 -6.82
CA MET B 150 6.63 -1.11 -7.48
C MET B 150 7.39 -2.03 -6.52
N GLY B 151 6.77 -2.27 -5.37
CA GLY B 151 7.43 -2.81 -4.17
C GLY B 151 8.69 -3.63 -4.34
N GLN B 152 8.53 -4.79 -4.96
CA GLN B 152 9.61 -5.76 -5.16
C GLN B 152 10.78 -5.21 -5.99
N VAL B 153 10.45 -4.30 -6.93
CA VAL B 153 11.34 -3.88 -8.02
C VAL B 153 12.34 -2.79 -7.62
N ALA B 154 11.94 -1.89 -6.74
CA ALA B 154 12.78 -0.77 -6.30
C ALA B 154 12.21 -0.14 -5.03
N GLU B 155 12.76 1.01 -4.63
CA GLU B 155 12.29 1.71 -3.45
C GLU B 155 11.16 2.65 -3.82
N PRO B 156 10.29 2.96 -2.85
CA PRO B 156 9.30 3.97 -3.15
C PRO B 156 9.98 5.32 -3.25
N TYR B 157 9.23 6.30 -3.74
CA TYR B 157 9.69 7.68 -3.75
C TYR B 157 9.61 8.28 -2.35
N LEU B 158 10.76 8.39 -1.72
CA LEU B 158 10.91 9.01 -0.40
C LEU B 158 12.08 10.01 -0.50
N PRO B 159 11.76 11.29 -0.77
CA PRO B 159 12.78 12.27 -1.08
C PRO B 159 13.77 12.55 0.04
N LEU B 160 13.31 12.62 1.29
CA LEU B 160 14.24 12.81 2.42
C LEU B 160 15.23 11.66 2.54
N ARG B 161 14.76 10.46 2.22
CA ARG B 161 15.60 9.28 2.11
C ARG B 161 16.54 9.34 0.87
N ALA B 162 16.08 9.91 -0.24
CA ALA B 162 16.93 10.07 -1.42
C ALA B 162 18.12 10.97 -1.10
N VAL B 163 17.84 12.01 -0.33
CA VAL B 163 18.88 12.92 0.11
C VAL B 163 19.86 12.24 1.06
N ARG B 164 19.36 11.42 1.98
CA ARG B 164 20.25 10.61 2.80
C ARG B 164 21.14 9.74 1.95
N HIS B 165 20.59 9.15 0.89
CA HIS B 165 21.36 8.34 -0.04
C HIS B 165 22.48 9.21 -0.60
N LEU B 166 22.11 10.39 -1.09
CA LEU B 166 23.09 11.29 -1.68
C LEU B 166 24.21 11.60 -0.68
N GLU B 167 23.83 11.89 0.56
CA GLU B 167 24.80 12.26 1.59
C GLU B 167 25.76 11.12 1.92
N LYS B 168 25.37 9.88 1.61
CA LYS B 168 26.22 8.71 1.80
C LYS B 168 27.06 8.36 0.57
N GLY B 169 26.96 9.15 -0.49
CA GLY B 169 27.75 8.94 -1.70
C GLY B 169 27.15 7.90 -2.63
N ARG B 170 25.84 7.69 -2.53
CA ARG B 170 25.15 6.73 -3.40
C ARG B 170 24.49 7.55 -4.49
N VAL B 171 24.46 7.06 -5.73
CA VAL B 171 23.62 7.68 -6.77
C VAL B 171 22.14 7.24 -6.57
N VAL B 172 21.20 8.15 -6.83
CA VAL B 172 19.76 7.82 -6.80
C VAL B 172 19.16 8.09 -8.19
N ILE B 173 18.50 7.08 -8.75
CA ILE B 173 17.85 7.19 -10.05
C ILE B 173 16.35 7.27 -9.83
N PHE B 174 15.78 8.42 -10.18
CA PHE B 174 14.35 8.60 -10.03
C PHE B 174 13.73 8.10 -11.29
N GLY B 175 12.99 6.99 -11.17
CA GLY B 175 12.21 6.43 -12.28
C GLY B 175 10.70 6.54 -12.14
N ALA B 176 10.00 6.07 -13.17
CA ALA B 176 8.54 6.15 -13.28
C ALA B 176 8.06 7.59 -13.37
N GLY B 177 8.94 8.49 -13.79
CA GLY B 177 8.60 9.88 -13.88
C GLY B 177 8.23 10.44 -12.53
N MET B 178 7.19 11.26 -12.53
CA MET B 178 6.49 11.65 -11.31
C MET B 178 5.27 10.75 -11.05
N GLY B 179 4.99 9.84 -11.98
CA GLY B 179 3.83 8.95 -11.85
C GLY B 179 2.53 9.57 -12.35
N LEU B 180 2.60 10.74 -12.96
CA LEU B 180 1.47 11.58 -13.32
C LEU B 180 1.42 11.77 -14.84
N PRO B 181 0.39 11.22 -15.48
CA PRO B 181 0.16 11.41 -16.91
C PRO B 181 0.03 12.87 -17.29
N TYR B 182 0.22 13.14 -18.59
CA TYR B 182 0.26 14.49 -19.19
C TYR B 182 1.50 15.31 -18.78
N PHE B 183 2.45 14.67 -18.10
CA PHE B 183 3.76 15.26 -17.79
C PHE B 183 4.92 14.49 -18.46
N SER B 184 6.05 15.19 -18.60
CA SER B 184 7.24 14.63 -19.21
C SER B 184 8.33 14.50 -18.20
N THR B 185 9.39 13.82 -18.61
CA THR B 185 10.56 13.56 -17.76
C THR B 185 11.33 14.83 -17.41
N ASP B 186 11.29 15.80 -18.32
CA ASP B 186 11.89 17.11 -18.07
C ASP B 186 11.20 17.81 -16.89
N THR B 187 9.88 17.67 -16.80
CA THR B 187 9.18 18.26 -15.69
C THR B 187 9.51 17.46 -14.44
N THR B 188 9.61 16.13 -14.56
CA THR B 188 10.08 15.31 -13.47
C THR B 188 11.41 15.83 -12.95
N ALA B 189 12.34 16.04 -13.89
CA ALA B 189 13.68 16.54 -13.59
C ALA B 189 13.62 17.85 -12.82
N ALA B 190 12.72 18.75 -13.24
CA ALA B 190 12.58 20.04 -12.58
C ALA B 190 12.08 19.81 -11.19
N GLN B 191 10.94 19.14 -11.08
CA GLN B 191 10.32 18.87 -9.78
C GLN B 191 11.27 18.23 -8.80
N ARG B 192 11.99 17.22 -9.25
CA ARG B 192 12.88 16.46 -8.36
C ARG B 192 14.08 17.28 -7.88
N ALA B 193 14.71 18.00 -8.80
CA ALA B 193 15.70 19.04 -8.47
C ALA B 193 15.20 19.92 -7.33
N LEU B 194 13.97 20.38 -7.46
CA LEU B 194 13.34 21.14 -6.39
C LEU B 194 13.28 20.37 -5.04
N GLU B 195 12.67 19.19 -5.01
CA GLU B 195 12.48 18.47 -3.74
C GLU B 195 13.77 18.21 -3.04
N ILE B 196 14.79 17.74 -3.78
CA ILE B 196 16.08 17.42 -3.18
C ILE B 196 17.05 18.58 -3.06
N GLY B 197 16.64 19.79 -3.43
CA GLY B 197 17.50 20.96 -3.27
C GLY B 197 18.74 20.85 -4.12
N ALA B 198 18.53 20.45 -5.37
CA ALA B 198 19.61 20.43 -6.35
C ALA B 198 20.01 21.87 -6.66
N ASP B 199 21.27 22.04 -7.03
CA ASP B 199 21.80 23.37 -7.36
C ASP B 199 21.41 23.73 -8.77
N VAL B 200 21.21 22.72 -9.61
CA VAL B 200 20.94 22.96 -11.02
C VAL B 200 20.31 21.72 -11.68
N VAL B 201 19.48 21.93 -12.70
CA VAL B 201 19.08 20.81 -13.56
C VAL B 201 20.06 20.73 -14.72
N LEU B 202 20.63 19.55 -14.96
CA LEU B 202 21.50 19.35 -16.09
C LEU B 202 20.72 18.63 -17.18
N MET B 203 20.42 19.37 -18.24
CA MET B 203 19.74 18.84 -19.41
C MET B 203 20.77 18.29 -20.39
N ALA B 204 21.00 17.00 -20.37
CA ALA B 204 21.98 16.42 -21.28
C ALA B 204 21.31 16.00 -22.57
N LYS B 205 21.37 16.87 -23.57
CA LYS B 205 20.72 16.65 -24.88
C LYS B 205 21.68 16.07 -25.93
N ALA B 206 21.16 15.89 -27.15
CA ALA B 206 21.94 15.41 -28.31
C ALA B 206 22.67 16.53 -29.04
N VAL B 207 22.38 17.78 -28.69
CA VAL B 207 23.08 18.92 -29.28
C VAL B 207 23.68 19.82 -28.18
N ASP B 208 24.65 20.64 -28.58
CA ASP B 208 25.49 21.34 -27.60
C ASP B 208 24.94 22.69 -27.14
N GLY B 209 23.72 22.68 -26.63
CA GLY B 209 23.16 23.85 -25.95
C GLY B 209 21.94 24.42 -26.63
N VAL B 210 21.53 25.60 -26.19
CA VAL B 210 20.41 26.32 -26.77
C VAL B 210 20.91 27.36 -27.77
N PHE B 211 20.53 27.19 -29.03
CA PHE B 211 20.92 28.13 -30.08
C PHE B 211 19.89 29.24 -30.19
N ALA B 212 20.35 30.44 -30.54
CA ALA B 212 19.45 31.55 -30.83
C ALA B 212 18.79 31.30 -32.17
N GLU B 213 17.52 30.90 -32.15
CA GLU B 213 16.78 30.54 -33.36
C GLU B 213 17.03 29.08 -33.73
N ASP B 214 16.04 28.42 -34.32
CA ASP B 214 16.23 27.08 -34.86
C ASP B 214 17.28 27.15 -35.98
N PRO B 215 18.30 26.27 -35.95
CA PRO B 215 19.33 26.27 -36.99
C PRO B 215 18.86 25.62 -38.28
N ALA B 221 23.75 29.71 -36.65
CA ALA B 221 24.05 29.85 -35.21
C ALA B 221 23.23 31.02 -34.62
N GLU B 222 23.52 31.48 -33.41
CA GLU B 222 24.67 31.08 -32.59
C GLU B 222 24.22 30.36 -31.32
N LEU B 223 25.17 29.66 -30.70
CA LEU B 223 24.98 29.03 -29.41
C LEU B 223 25.04 30.08 -28.31
N LEU B 224 23.96 30.22 -27.55
CA LEU B 224 23.91 31.12 -26.41
C LEU B 224 24.52 30.45 -25.18
N THR B 225 25.55 31.08 -24.60
CA THR B 225 26.23 30.54 -23.43
C THR B 225 25.48 30.80 -22.12
N ALA B 226 24.73 31.89 -22.11
CA ALA B 226 24.06 32.37 -20.91
C ALA B 226 22.82 33.18 -21.32
N VAL B 227 21.65 32.72 -20.90
CA VAL B 227 20.40 33.43 -21.16
C VAL B 227 19.55 33.42 -19.91
N SER B 228 18.48 34.18 -19.92
CA SER B 228 17.51 34.17 -18.83
C SER B 228 16.38 33.19 -19.13
N HIS B 229 15.67 32.74 -18.10
CA HIS B 229 14.48 31.91 -18.27
C HIS B 229 13.47 32.66 -19.13
N ARG B 230 13.39 33.96 -18.85
CA ARG B 230 12.48 34.89 -19.51
C ARG B 230 12.87 35.06 -20.98
N GLU B 231 14.15 35.33 -21.18
CA GLU B 231 14.77 35.47 -22.50
C GLU B 231 14.40 34.33 -23.43
N VAL B 232 14.22 33.15 -22.85
CA VAL B 232 13.86 31.97 -23.63
C VAL B 232 12.49 32.12 -24.28
N LEU B 233 11.51 32.66 -23.56
CA LEU B 233 10.18 32.87 -24.13
C LEU B 233 10.13 34.16 -24.94
N ASP B 234 10.94 35.15 -24.54
CA ASP B 234 11.09 36.41 -25.27
C ASP B 234 11.70 36.17 -26.64
N ARG B 235 12.90 35.58 -26.64
CA ARG B 235 13.52 35.08 -27.87
C ARG B 235 12.96 33.68 -28.21
N GLY B 236 11.76 33.37 -27.69
CA GLY B 236 11.04 32.12 -27.95
C GLY B 236 11.93 30.97 -28.38
N LEU B 237 12.71 30.45 -27.44
CA LEU B 237 13.74 29.45 -27.75
C LEU B 237 13.32 28.02 -27.38
N ARG B 238 12.04 27.71 -27.63
CA ARG B 238 11.54 26.33 -27.60
C ARG B 238 12.49 25.37 -28.38
N VAL B 239 12.48 24.06 -28.09
CA VAL B 239 11.67 23.45 -27.03
C VAL B 239 12.59 22.80 -25.99
N ALA B 240 12.62 23.40 -24.79
CA ALA B 240 13.14 22.73 -23.59
C ALA B 240 12.00 22.16 -22.73
N ASP B 241 10.78 22.18 -23.28
CA ASP B 241 9.54 21.78 -22.60
C ASP B 241 9.02 22.92 -21.76
N ALA B 242 7.95 23.55 -22.24
CA ALA B 242 7.40 24.73 -21.61
C ALA B 242 7.03 24.48 -20.14
N THR B 243 6.30 23.41 -19.88
CA THR B 243 5.83 23.13 -18.52
C THR B 243 6.96 22.96 -17.55
N ALA B 244 8.01 22.27 -17.99
CA ALA B 244 9.19 21.96 -17.15
C ALA B 244 9.96 23.23 -16.93
N PHE B 245 10.00 24.02 -17.97
CA PHE B 245 10.68 25.30 -17.94
C PHE B 245 9.99 26.31 -17.00
N SER B 246 8.67 26.43 -17.15
CA SER B 246 7.88 27.27 -16.30
C SER B 246 8.09 26.93 -14.84
N LEU B 247 8.12 25.64 -14.53
CA LEU B 247 8.32 25.19 -13.16
C LEU B 247 9.68 25.62 -12.62
N CYS B 248 10.73 25.49 -13.42
CA CYS B 248 12.06 25.97 -13.03
C CYS B 248 12.07 27.49 -12.92
N MET B 249 11.41 28.17 -13.85
CA MET B 249 11.33 29.63 -13.82
C MET B 249 10.60 30.15 -12.58
N ASP B 250 9.52 29.48 -12.20
CA ASP B 250 8.74 29.94 -11.05
C ASP B 250 9.49 29.77 -9.71
N ASN B 251 10.55 28.95 -9.69
CA ASN B 251 11.31 28.69 -8.45
C ASN B 251 12.81 28.99 -8.54
N GLY B 252 13.19 29.73 -9.57
CA GLY B 252 14.59 30.12 -9.77
C GLY B 252 15.53 28.94 -9.81
N MET B 253 15.15 27.90 -10.55
CA MET B 253 15.97 26.70 -10.69
C MET B 253 16.76 26.85 -11.96
N PRO B 254 18.11 26.90 -11.84
CA PRO B 254 18.98 27.02 -12.99
C PRO B 254 18.93 25.77 -13.85
N ILE B 255 19.02 25.96 -15.16
CA ILE B 255 19.08 24.84 -16.12
C ILE B 255 20.35 24.97 -16.95
N LEU B 256 21.12 23.89 -17.07
CA LEU B 256 22.25 23.88 -17.98
C LEU B 256 21.99 22.88 -19.08
N VAL B 257 21.87 23.37 -20.30
CA VAL B 257 21.64 22.51 -21.45
C VAL B 257 22.97 22.25 -22.15
N PHE B 258 23.30 20.98 -22.37
CA PHE B 258 24.63 20.63 -22.86
C PHE B 258 24.59 19.32 -23.59
N ASN B 259 25.57 19.11 -24.46
CA ASN B 259 25.68 17.85 -25.21
C ASN B 259 26.42 16.80 -24.39
N LEU B 260 25.79 15.66 -24.13
CA LEU B 260 26.47 14.61 -23.36
C LEU B 260 27.30 13.70 -24.22
N LEU B 261 27.12 13.82 -25.53
CA LEU B 261 27.74 12.91 -26.49
C LEU B 261 29.25 13.10 -26.59
N THR B 262 29.74 14.30 -26.27
CA THR B 262 31.18 14.56 -26.23
C THR B 262 31.71 14.08 -24.90
N ASP B 263 32.46 12.97 -24.90
CA ASP B 263 33.00 12.38 -23.68
C ASP B 263 33.64 13.45 -22.78
N GLY B 264 33.26 13.41 -21.50
CA GLY B 264 33.79 14.31 -20.50
C GLY B 264 32.95 15.54 -20.28
N ASN B 265 31.85 15.67 -21.01
CA ASN B 265 31.05 16.90 -20.91
C ASN B 265 30.31 17.00 -19.57
N ILE B 266 29.74 15.91 -19.08
CA ILE B 266 29.08 15.94 -17.77
C ILE B 266 30.01 16.56 -16.72
N ALA B 267 31.23 16.02 -16.63
CA ALA B 267 32.25 16.51 -15.69
C ALA B 267 32.47 18.01 -15.79
N ARG B 268 32.47 18.52 -17.03
CA ARG B 268 32.60 19.94 -17.26
C ARG B 268 31.40 20.70 -16.77
N ALA B 269 30.20 20.18 -17.05
CA ALA B 269 28.97 20.78 -16.57
C ALA B 269 29.02 20.96 -15.08
N VAL B 270 29.28 19.86 -14.37
CA VAL B 270 29.32 19.82 -12.91
C VAL B 270 30.36 20.78 -12.33
N ARG B 271 31.48 20.91 -13.02
CA ARG B 271 32.59 21.79 -12.62
C ARG B 271 32.32 23.29 -12.70
N GLY B 272 31.12 23.71 -13.08
CA GLY B 272 30.86 25.13 -13.27
C GLY B 272 31.64 25.72 -14.44
N GLU B 273 32.06 24.85 -15.34
CA GLU B 273 32.82 25.20 -16.52
C GLU B 273 31.83 25.66 -17.56
N LYS B 274 32.20 26.67 -18.35
CA LYS B 274 31.28 27.29 -19.30
C LYS B 274 31.15 26.47 -20.60
N ILE B 275 30.14 25.60 -20.66
CA ILE B 275 29.75 24.89 -21.89
C ILE B 275 28.23 24.91 -21.98
N GLY B 276 27.71 24.79 -23.19
CA GLY B 276 26.27 24.83 -23.39
C GLY B 276 25.67 26.17 -22.99
N THR B 277 24.45 26.11 -22.44
CA THR B 277 23.64 27.28 -22.12
C THR B 277 23.18 27.22 -20.67
N LEU B 278 23.54 28.23 -19.88
CA LEU B 278 23.06 28.34 -18.51
C LEU B 278 21.86 29.28 -18.46
N VAL B 279 20.73 28.73 -18.03
CA VAL B 279 19.50 29.49 -17.88
C VAL B 279 19.25 29.85 -16.41
N THR B 280 19.33 31.16 -16.12
CA THR B 280 19.02 31.82 -14.82
C THR B 280 18.31 33.09 -15.30
N THR B 281 18.02 34.18 -14.57
CA THR B 281 17.32 34.32 -13.27
C THR B 281 18.13 34.30 -11.97
N SER C 48 34.76 -27.94 5.24
CA SER C 48 34.38 -26.94 4.20
C SER C 48 32.85 -26.87 3.95
N GLY C 49 32.13 -26.25 4.89
CA GLY C 49 30.65 -26.19 4.89
C GLY C 49 30.01 -24.96 4.26
N TYR C 50 28.94 -24.48 4.88
CA TYR C 50 28.05 -23.50 4.24
C TYR C 50 28.12 -22.12 4.88
N SER C 51 27.99 -21.08 4.05
CA SER C 51 28.07 -19.68 4.48
C SER C 51 26.71 -19.14 4.90
N ARG C 52 25.71 -19.26 4.02
CA ARG C 52 24.32 -19.16 4.45
C ARG C 52 23.41 -20.25 3.92
N VAL C 53 22.41 -20.57 4.73
CA VAL C 53 21.51 -21.67 4.47
C VAL C 53 20.09 -21.17 4.65
N LEU C 54 19.15 -21.91 4.05
CA LEU C 54 17.72 -21.72 4.29
C LEU C 54 17.18 -23.00 4.90
N LEU C 55 16.59 -22.90 6.07
CA LEU C 55 16.07 -24.07 6.78
C LEU C 55 14.57 -24.16 6.63
N LYS C 56 14.08 -25.31 6.17
CA LYS C 56 12.64 -25.55 5.99
C LYS C 56 12.07 -26.49 7.06
N LEU C 57 11.18 -25.95 7.89
CA LEU C 57 10.45 -26.73 8.89
C LEU C 57 9.01 -26.93 8.40
N GLY C 58 8.50 -28.15 8.54
CA GLY C 58 7.07 -28.41 8.35
C GLY C 58 6.25 -27.79 9.47
N GLY C 59 5.01 -27.41 9.17
CA GLY C 59 4.13 -26.86 10.20
C GLY C 59 3.85 -27.88 11.28
N GLU C 60 3.57 -29.11 10.88
CA GLU C 60 3.26 -30.21 11.82
C GLU C 60 4.30 -30.33 12.95
N MET C 61 5.55 -30.00 12.66
CA MET C 61 6.59 -30.04 13.67
C MET C 61 6.28 -29.20 14.90
N PHE C 62 5.77 -27.99 14.69
CA PHE C 62 5.53 -27.03 15.80
C PHE C 62 4.45 -27.46 16.79
N GLY C 63 3.44 -28.17 16.31
CA GLY C 63 2.48 -28.81 17.19
C GLY C 63 3.00 -30.12 17.76
N GLY C 64 3.96 -30.71 17.06
CA GLY C 64 4.50 -32.03 17.39
C GLY C 64 3.39 -33.03 17.61
N GLY C 65 2.38 -33.03 16.74
CA GLY C 65 1.11 -33.70 17.03
C GLY C 65 0.81 -33.36 18.47
N GLN C 66 -0.07 -32.40 18.73
CA GLN C 66 -1.36 -32.28 18.07
C GLN C 66 -1.58 -30.89 17.38
N VAL C 67 -2.59 -30.12 17.78
CA VAL C 67 -3.01 -28.94 17.02
C VAL C 67 -2.51 -27.68 17.72
N GLY C 68 -1.86 -26.81 16.95
CA GLY C 68 -1.31 -25.55 17.49
C GLY C 68 0.17 -25.63 17.77
N LEU C 69 0.59 -25.11 18.90
CA LEU C 69 2.01 -25.00 19.23
C LEU C 69 2.36 -25.74 20.51
N ASP C 70 3.28 -26.69 20.40
CA ASP C 70 3.95 -27.25 21.56
C ASP C 70 5.20 -26.42 21.88
N PRO C 71 5.13 -25.58 22.92
CA PRO C 71 6.26 -24.69 23.20
C PRO C 71 7.57 -25.42 23.61
N ASP C 72 7.52 -26.74 23.82
CA ASP C 72 8.73 -27.52 24.06
C ASP C 72 9.46 -27.75 22.75
N VAL C 73 8.72 -28.28 21.77
CA VAL C 73 9.24 -28.50 20.42
C VAL C 73 9.89 -27.23 19.85
N VAL C 74 9.19 -26.10 19.96
CA VAL C 74 9.66 -24.86 19.37
C VAL C 74 10.92 -24.37 20.11
N ALA C 75 11.02 -24.73 21.38
CA ALA C 75 12.19 -24.42 22.19
C ALA C 75 13.39 -25.20 21.69
N GLN C 76 13.21 -26.49 21.45
CA GLN C 76 14.27 -27.33 20.87
C GLN C 76 14.79 -26.67 19.60
N VAL C 77 13.87 -26.19 18.77
CA VAL C 77 14.22 -25.64 17.45
C VAL C 77 14.96 -24.32 17.58
N ALA C 78 14.52 -23.45 18.46
CA ALA C 78 15.20 -22.18 18.67
C ALA C 78 16.61 -22.44 19.08
N ARG C 79 16.77 -23.25 20.11
CA ARG C 79 18.07 -23.66 20.66
C ARG C 79 19.05 -24.16 19.60
N GLN C 80 18.53 -24.96 18.67
CA GLN C 80 19.31 -25.51 17.58
C GLN C 80 19.69 -24.44 16.57
N ILE C 81 18.78 -23.51 16.34
CA ILE C 81 19.02 -22.44 15.39
C ILE C 81 20.05 -21.47 15.96
N ALA C 82 20.03 -21.27 17.27
CA ALA C 82 21.05 -20.48 17.96
C ALA C 82 22.45 -21.08 17.78
N ASP C 83 22.58 -22.38 17.95
CA ASP C 83 23.88 -23.04 17.76
C ASP C 83 24.43 -22.72 16.38
N VAL C 84 23.54 -22.59 15.39
CA VAL C 84 23.98 -22.25 14.05
C VAL C 84 24.50 -20.82 14.01
N VAL C 85 23.72 -19.87 14.53
CA VAL C 85 24.11 -18.46 14.52
C VAL C 85 25.48 -18.30 15.18
N ARG C 86 25.64 -18.92 16.34
CA ARG C 86 26.89 -18.79 17.09
C ARG C 86 28.04 -19.49 16.38
N GLY C 87 27.72 -20.53 15.60
CA GLY C 87 28.70 -21.17 14.73
C GLY C 87 29.17 -20.27 13.59
N GLY C 88 28.61 -19.07 13.50
CA GLY C 88 28.97 -18.10 12.49
C GLY C 88 28.07 -18.08 11.27
N VAL C 89 27.32 -19.14 11.01
CA VAL C 89 26.51 -19.25 9.81
C VAL C 89 25.21 -18.40 9.80
N GLN C 90 24.86 -17.92 8.61
CA GLN C 90 23.66 -17.11 8.38
C GLN C 90 22.50 -18.03 8.01
N ILE C 91 21.33 -17.82 8.63
CA ILE C 91 20.16 -18.72 8.47
C ILE C 91 18.85 -17.97 8.27
N ALA C 92 18.15 -18.34 7.21
CA ALA C 92 16.76 -17.93 7.05
C ALA C 92 15.93 -19.19 7.28
N VAL C 93 14.71 -19.01 7.76
CA VAL C 93 13.81 -20.12 8.02
C VAL C 93 12.51 -19.92 7.24
N VAL C 94 11.96 -20.99 6.67
CA VAL C 94 10.62 -21.00 6.09
C VAL C 94 9.87 -22.09 6.84
N ILE C 95 8.70 -21.74 7.37
CA ILE C 95 7.91 -22.67 8.17
C ILE C 95 6.61 -22.96 7.45
N GLY C 96 6.05 -24.14 7.68
CA GLY C 96 4.73 -24.51 7.14
C GLY C 96 3.64 -24.02 8.08
N GLY C 97 2.40 -24.39 7.79
CA GLY C 97 1.25 -24.01 8.63
C GLY C 97 0.29 -25.13 9.03
N GLY C 98 0.68 -26.38 8.78
CA GLY C 98 -0.17 -27.53 8.97
C GLY C 98 -0.70 -27.71 10.38
N ASN C 99 0.10 -27.34 11.38
CA ASN C 99 -0.26 -27.59 12.78
C ASN C 99 -1.55 -26.95 13.25
N PHE C 100 -2.12 -26.08 12.42
CA PHE C 100 -3.25 -25.27 12.87
C PHE C 100 -4.62 -25.74 12.39
N PHE C 101 -4.68 -26.81 11.60
CA PHE C 101 -5.98 -27.48 11.42
C PHE C 101 -5.93 -29.00 11.53
N ARG C 102 -6.96 -29.50 12.21
CA ARG C 102 -7.14 -30.91 12.58
C ARG C 102 -6.09 -31.89 12.01
N GLY C 103 -6.33 -32.51 10.85
CA GLY C 103 -7.28 -32.09 9.83
C GLY C 103 -6.60 -32.48 8.53
N ALA C 104 -7.03 -31.95 7.39
CA ALA C 104 -8.27 -31.21 7.22
C ALA C 104 -8.99 -31.84 6.03
N GLN C 105 -10.29 -32.12 6.08
CA GLN C 105 -11.29 -31.76 7.11
C GLN C 105 -12.01 -30.52 6.61
N LEU C 106 -11.31 -29.39 6.63
CA LEU C 106 -11.83 -28.18 6.02
C LEU C 106 -12.07 -28.47 4.53
N GLN C 107 -11.07 -29.03 3.87
CA GLN C 107 -11.15 -29.28 2.43
C GLN C 107 -12.08 -30.43 2.08
N GLN C 108 -11.79 -31.62 2.65
CA GLN C 108 -12.73 -32.74 2.61
C GLN C 108 -13.84 -32.41 3.60
N LEU C 109 -14.73 -31.52 3.18
CA LEU C 109 -15.61 -30.76 4.08
C LEU C 109 -15.95 -29.35 3.54
N GLY C 110 -15.74 -29.14 2.24
CA GLY C 110 -16.25 -27.96 1.54
C GLY C 110 -15.23 -26.99 0.98
N MET C 111 -14.22 -26.65 1.77
CA MET C 111 -13.30 -25.54 1.46
C MET C 111 -12.52 -25.71 0.18
N GLU C 112 -12.50 -24.65 -0.60
CA GLU C 112 -11.61 -24.53 -1.76
C GLU C 112 -10.13 -24.55 -1.35
N ARG C 113 -9.29 -25.14 -2.20
CA ARG C 113 -7.85 -25.15 -1.99
C ARG C 113 -7.32 -23.75 -1.79
N THR C 114 -7.86 -22.84 -2.58
CA THR C 114 -7.49 -21.46 -2.57
C THR C 114 -7.62 -20.86 -1.16
N ARG C 115 -8.75 -21.10 -0.51
CA ARG C 115 -9.01 -20.56 0.83
C ARG C 115 -8.22 -21.27 1.92
N SER C 116 -8.07 -22.58 1.79
CA SER C 116 -7.37 -23.35 2.80
C SER C 116 -5.89 -23.03 2.79
N ASP C 117 -5.35 -22.75 1.61
CA ASP C 117 -3.99 -22.28 1.45
C ASP C 117 -3.75 -20.92 2.14
N TYR C 118 -4.70 -20.00 2.02
CA TYR C 118 -4.62 -18.73 2.74
C TYR C 118 -4.68 -18.91 4.26
N MET C 119 -5.39 -19.94 4.72
CA MET C 119 -5.45 -20.21 6.15
C MET C 119 -4.11 -20.72 6.62
N GLY C 120 -3.52 -21.59 5.82
CA GLY C 120 -2.17 -22.10 6.07
C GLY C 120 -1.17 -20.98 6.14
N MET C 121 -1.18 -20.12 5.15
CA MET C 121 -0.30 -18.96 5.15
C MET C 121 -0.43 -18.16 6.47
N LEU C 122 -1.65 -17.92 6.92
CA LEU C 122 -1.84 -17.26 8.22
C LEU C 122 -1.28 -18.10 9.35
N GLY C 123 -1.36 -19.41 9.22
CA GLY C 123 -0.77 -20.31 10.19
C GLY C 123 0.73 -20.14 10.27
N THR C 124 1.35 -20.10 9.09
CA THR C 124 2.80 -19.97 9.01
C THR C 124 3.24 -18.71 9.77
N VAL C 125 2.45 -17.66 9.69
CA VAL C 125 2.85 -16.43 10.34
C VAL C 125 2.69 -16.50 11.84
N MET C 126 1.80 -17.35 12.34
CA MET C 126 1.71 -17.58 13.77
C MET C 126 2.90 -18.39 14.20
N ASN C 127 3.27 -19.38 13.39
CA ASN C 127 4.43 -20.19 13.69
C ASN C 127 5.70 -19.31 13.77
N SER C 128 5.83 -18.39 12.82
CA SER C 128 7.02 -17.54 12.74
C SER C 128 7.17 -16.65 13.96
N LEU C 129 6.06 -16.07 14.41
CA LEU C 129 6.09 -15.16 15.57
C LEU C 129 6.45 -15.91 16.84
N ALA C 130 5.94 -17.14 16.98
CA ALA C 130 6.26 -17.98 18.14
C ALA C 130 7.75 -18.29 18.15
N LEU C 131 8.28 -18.67 16.99
CA LEU C 131 9.69 -19.01 16.85
C LEU C 131 10.57 -17.79 17.09
N GLN C 132 10.18 -16.65 16.55
CA GLN C 132 10.89 -15.41 16.81
C GLN C 132 11.06 -15.24 18.31
N ASP C 133 9.97 -15.41 19.01
CA ASP C 133 9.93 -15.20 20.44
C ASP C 133 10.86 -16.17 21.18
N PHE C 134 10.90 -17.43 20.79
CA PHE C 134 11.80 -18.36 21.45
C PHE C 134 13.24 -18.07 21.10
N LEU C 135 13.50 -17.60 19.88
CA LEU C 135 14.86 -17.22 19.47
C LEU C 135 15.33 -16.00 20.21
N GLU C 136 14.43 -15.05 20.45
CA GLU C 136 14.78 -13.82 21.17
C GLU C 136 15.14 -14.09 22.64
N LYS C 137 14.43 -15.03 23.27
CA LYS C 137 14.75 -15.42 24.66
C LYS C 137 16.03 -16.24 24.67
N GLU C 138 16.49 -16.63 23.47
CA GLU C 138 17.72 -17.40 23.31
C GLU C 138 18.91 -16.47 23.06
N GLY C 139 18.69 -15.16 23.13
CA GLY C 139 19.69 -14.16 22.78
C GLY C 139 19.87 -13.89 21.30
N ILE C 140 19.10 -14.58 20.45
CA ILE C 140 19.25 -14.41 19.00
C ILE C 140 18.30 -13.37 18.45
N VAL C 141 18.85 -12.33 17.83
CA VAL C 141 18.06 -11.29 17.17
C VAL C 141 17.45 -11.86 15.89
N THR C 142 16.15 -11.69 15.74
CA THR C 142 15.39 -12.34 14.69
C THR C 142 14.45 -11.36 14.04
N ARG C 143 14.26 -11.46 12.72
CA ARG C 143 13.29 -10.61 12.00
C ARG C 143 12.28 -11.47 11.26
N VAL C 144 11.02 -11.05 11.19
CA VAL C 144 10.06 -11.74 10.35
C VAL C 144 9.60 -10.87 9.16
N GLN C 145 9.75 -11.42 7.96
CA GLN C 145 9.16 -10.79 6.77
C GLN C 145 8.05 -11.69 6.27
N THR C 146 6.92 -11.07 5.94
CA THR C 146 5.74 -11.78 5.44
C THR C 146 5.53 -11.55 3.94
N ALA C 147 5.31 -12.65 3.21
CA ALA C 147 5.06 -12.60 1.74
C ALA C 147 3.91 -11.66 1.40
N ILE C 148 2.77 -11.85 2.08
CA ILE C 148 1.69 -10.88 2.07
C ILE C 148 2.09 -9.87 3.13
N THR C 149 2.02 -8.58 2.84
CA THR C 149 2.49 -7.60 3.80
C THR C 149 1.41 -7.41 4.86
N MET C 150 1.83 -7.55 6.11
CA MET C 150 0.96 -7.47 7.26
C MET C 150 1.55 -6.38 8.11
N GLY C 151 1.40 -5.16 7.60
CA GLY C 151 2.10 -3.99 8.11
C GLY C 151 2.49 -4.04 9.58
N GLN C 152 1.49 -4.15 10.43
CA GLN C 152 1.67 -3.98 11.87
C GLN C 152 2.44 -5.17 12.48
N VAL C 153 2.20 -6.34 11.92
CA VAL C 153 2.58 -7.57 12.52
C VAL C 153 4.03 -7.87 12.28
N ALA C 154 4.52 -7.54 11.10
CA ALA C 154 5.85 -7.95 10.67
C ALA C 154 6.35 -7.08 9.52
N GLU C 155 7.58 -7.35 9.08
CA GLU C 155 8.19 -6.61 7.97
C GLU C 155 7.71 -7.17 6.64
N PRO C 156 7.75 -6.35 5.57
CA PRO C 156 7.41 -6.85 4.27
C PRO C 156 8.54 -7.66 3.65
N TYR C 157 8.19 -8.55 2.73
CA TYR C 157 9.15 -9.37 2.03
C TYR C 157 10.00 -8.53 1.10
N LEU C 158 11.24 -8.29 1.50
CA LEU C 158 12.24 -7.58 0.68
C LEU C 158 13.59 -8.27 0.81
N PRO C 159 13.86 -9.25 -0.06
CA PRO C 159 15.08 -10.03 0.05
C PRO C 159 16.37 -9.25 0.25
N LEU C 160 16.53 -8.09 -0.38
CA LEU C 160 17.74 -7.26 -0.17
C LEU C 160 17.92 -6.79 1.26
N ARG C 161 16.81 -6.51 1.93
CA ARG C 161 16.81 -6.12 3.32
C ARG C 161 17.03 -7.36 4.20
N ALA C 162 16.48 -8.50 3.76
CA ALA C 162 16.69 -9.76 4.48
C ALA C 162 18.19 -10.10 4.51
N VAL C 163 18.84 -10.05 3.34
CA VAL C 163 20.29 -10.30 3.25
C VAL C 163 21.07 -9.40 4.21
N ARG C 164 20.72 -8.12 4.20
CA ARG C 164 21.30 -7.17 5.12
C ARG C 164 21.16 -7.66 6.56
N HIS C 165 20.00 -8.23 6.89
CA HIS C 165 19.75 -8.75 8.25
C HIS C 165 20.70 -9.92 8.53
N LEU C 166 20.75 -10.87 7.61
CA LEU C 166 21.58 -12.06 7.75
C LEU C 166 23.02 -11.63 8.04
N GLU C 167 23.50 -10.66 7.26
CA GLU C 167 24.88 -10.18 7.36
C GLU C 167 25.20 -9.49 8.69
N LYS C 168 24.18 -9.19 9.48
CA LYS C 168 24.37 -8.69 10.85
C LYS C 168 24.21 -9.77 11.91
N GLY C 169 24.18 -11.03 11.50
CA GLY C 169 23.95 -12.14 12.43
C GLY C 169 22.54 -12.14 13.01
N ARG C 170 21.57 -11.76 12.19
CA ARG C 170 20.17 -11.92 12.56
C ARG C 170 19.57 -13.10 11.81
N VAL C 171 18.67 -13.83 12.47
CA VAL C 171 17.87 -14.82 11.76
C VAL C 171 16.75 -14.06 11.08
N VAL C 172 16.44 -14.46 9.86
CA VAL C 172 15.29 -13.96 9.16
C VAL C 172 14.30 -15.13 9.01
N ILE C 173 13.04 -14.90 9.36
CA ILE C 173 11.98 -15.90 9.17
C ILE C 173 11.06 -15.42 8.07
N PHE C 174 10.74 -16.30 7.12
CA PHE C 174 9.88 -15.95 6.01
C PHE C 174 8.50 -16.56 6.18
N GLY C 175 7.50 -15.72 6.45
CA GLY C 175 6.14 -16.17 6.75
C GLY C 175 5.17 -16.04 5.58
N ALA C 176 4.03 -16.74 5.68
CA ALA C 176 2.94 -16.67 4.67
C ALA C 176 3.37 -17.13 3.27
N GLY C 177 4.25 -18.13 3.26
CA GLY C 177 4.69 -18.79 2.02
C GLY C 177 5.17 -17.84 0.97
N MET C 178 4.61 -17.95 -0.23
CA MET C 178 4.86 -17.01 -1.30
C MET C 178 3.69 -16.04 -1.46
N GLY C 179 2.68 -16.18 -0.61
CA GLY C 179 1.45 -15.44 -0.77
C GLY C 179 0.58 -15.96 -1.90
N LEU C 180 0.80 -17.19 -2.33
CA LEU C 180 0.09 -17.70 -3.48
C LEU C 180 -0.42 -19.11 -3.24
N PRO C 181 -1.71 -19.36 -3.52
CA PRO C 181 -2.20 -20.73 -3.45
C PRO C 181 -1.53 -21.61 -4.50
N TYR C 182 -1.51 -22.92 -4.22
CA TYR C 182 -1.00 -23.98 -5.11
C TYR C 182 0.52 -24.23 -5.03
N PHE C 183 1.25 -23.40 -4.28
CA PHE C 183 2.68 -23.63 -3.99
C PHE C 183 2.85 -24.17 -2.57
N SER C 184 3.61 -25.24 -2.44
CA SER C 184 3.93 -25.84 -1.17
C SER C 184 5.01 -25.04 -0.46
N THR C 185 5.11 -25.26 0.86
CA THR C 185 6.21 -24.75 1.66
C THR C 185 7.57 -25.09 1.02
N ASP C 186 7.73 -26.34 0.60
CA ASP C 186 8.93 -26.75 -0.11
C ASP C 186 9.27 -25.74 -1.21
N THR C 187 8.31 -25.45 -2.07
CA THR C 187 8.53 -24.52 -3.17
C THR C 187 8.86 -23.11 -2.64
N THR C 188 8.23 -22.70 -1.53
CA THR C 188 8.55 -21.41 -0.92
C THR C 188 10.00 -21.46 -0.50
N ALA C 189 10.39 -22.54 0.16
CA ALA C 189 11.76 -22.74 0.63
C ALA C 189 12.77 -22.57 -0.51
N ALA C 190 12.53 -23.27 -1.61
CA ALA C 190 13.46 -23.25 -2.73
C ALA C 190 13.66 -21.82 -3.25
N GLN C 191 12.56 -21.09 -3.42
CA GLN C 191 12.60 -19.79 -4.06
C GLN C 191 13.20 -18.73 -3.15
N ARG C 192 12.92 -18.81 -1.86
CA ARG C 192 13.57 -17.92 -0.89
C ARG C 192 15.07 -18.16 -0.77
N ALA C 193 15.47 -19.42 -0.78
CA ALA C 193 16.88 -19.81 -0.78
C ALA C 193 17.62 -19.18 -1.94
N LEU C 194 16.98 -19.22 -3.11
CA LEU C 194 17.50 -18.54 -4.29
C LEU C 194 17.57 -17.01 -4.12
N GLU C 195 16.45 -16.35 -3.83
CA GLU C 195 16.46 -14.91 -3.66
C GLU C 195 17.58 -14.47 -2.72
N ILE C 196 17.69 -15.07 -1.54
CA ILE C 196 18.77 -14.71 -0.60
C ILE C 196 20.17 -15.24 -1.00
N GLY C 197 20.24 -16.03 -2.06
CA GLY C 197 21.49 -16.61 -2.50
C GLY C 197 22.07 -17.59 -1.49
N ALA C 198 21.20 -18.40 -0.90
CA ALA C 198 21.63 -19.44 0.04
C ALA C 198 22.46 -20.50 -0.68
N ASP C 199 23.46 -21.03 0.04
CA ASP C 199 24.33 -22.08 -0.48
C ASP C 199 23.59 -23.41 -0.54
N VAL C 200 22.53 -23.55 0.26
CA VAL C 200 21.79 -24.80 0.37
C VAL C 200 20.46 -24.63 1.09
N VAL C 201 19.48 -25.45 0.71
CA VAL C 201 18.19 -25.55 1.40
C VAL C 201 18.24 -26.73 2.33
N LEU C 202 18.27 -26.49 3.64
CA LEU C 202 18.23 -27.56 4.66
C LEU C 202 16.78 -28.03 4.91
N MET C 203 16.46 -29.24 4.48
CA MET C 203 15.12 -29.82 4.69
C MET C 203 15.02 -30.68 5.93
N ALA C 204 14.31 -30.17 6.94
CA ALA C 204 14.10 -30.89 8.18
C ALA C 204 12.94 -31.89 8.06
N LYS C 205 13.29 -33.18 7.93
CA LYS C 205 12.33 -34.27 7.95
C LYS C 205 12.38 -34.97 9.32
N ALA C 206 11.65 -36.07 9.44
CA ALA C 206 11.79 -37.01 10.56
C ALA C 206 12.77 -38.15 10.22
N VAL C 207 12.99 -38.39 8.92
CA VAL C 207 13.99 -39.36 8.43
C VAL C 207 15.30 -38.62 8.18
N ASP C 208 16.40 -39.10 8.77
CA ASP C 208 17.69 -38.39 8.69
C ASP C 208 18.41 -38.60 7.35
N GLY C 209 17.67 -38.50 6.26
CA GLY C 209 18.21 -38.73 4.93
C GLY C 209 17.18 -39.21 3.95
N VAL C 210 17.67 -39.77 2.85
CA VAL C 210 16.84 -40.30 1.79
C VAL C 210 17.20 -41.77 1.57
N PHE C 211 16.24 -42.68 1.77
CA PHE C 211 16.47 -44.10 1.54
C PHE C 211 16.54 -44.40 0.05
N ALA C 212 17.55 -45.17 -0.36
CA ALA C 212 17.53 -45.78 -1.69
C ALA C 212 16.42 -46.83 -1.65
N GLU C 213 15.38 -46.63 -2.47
CA GLU C 213 14.13 -47.41 -2.43
C GLU C 213 13.43 -47.39 -1.06
N ASP C 214 12.11 -47.56 -1.05
CA ASP C 214 11.36 -47.59 0.20
C ASP C 214 11.82 -48.84 0.98
N PRO C 215 12.07 -48.69 2.29
CA PRO C 215 12.33 -49.82 3.15
C PRO C 215 11.02 -50.44 3.63
N ARG C 216 10.60 -51.52 2.97
CA ARG C 216 9.33 -52.22 3.27
C ARG C 216 8.27 -51.33 3.91
N ALA C 221 18.04 -51.55 3.92
CA ALA C 221 17.91 -50.25 3.25
C ALA C 221 18.72 -49.20 3.97
N GLU C 222 19.67 -48.62 3.24
CA GLU C 222 20.52 -47.57 3.79
C GLU C 222 20.17 -46.24 3.12
N LEU C 223 20.27 -45.17 3.90
CA LEU C 223 20.03 -43.83 3.38
C LEU C 223 21.32 -43.30 2.79
N LEU C 224 21.17 -42.64 1.65
CA LEU C 224 22.29 -42.09 0.92
C LEU C 224 22.92 -40.95 1.71
N THR C 225 24.20 -40.71 1.45
CA THR C 225 24.90 -39.56 2.01
C THR C 225 24.91 -38.43 0.97
N ALA C 226 24.93 -38.79 -0.31
CA ALA C 226 25.08 -37.81 -1.37
C ALA C 226 24.72 -38.38 -2.74
N VAL C 227 23.68 -37.80 -3.35
CA VAL C 227 23.24 -38.16 -4.70
C VAL C 227 23.04 -36.90 -5.51
N SER C 228 22.97 -37.05 -6.83
CA SER C 228 22.81 -35.91 -7.71
C SER C 228 21.33 -35.64 -7.95
N HIS C 229 21.03 -34.49 -8.54
CA HIS C 229 19.66 -34.12 -8.87
C HIS C 229 19.02 -35.06 -9.89
N ARG C 230 19.75 -35.38 -10.96
CA ARG C 230 19.25 -36.32 -11.97
C ARG C 230 18.98 -37.70 -11.36
N GLU C 231 19.91 -38.18 -10.54
CA GLU C 231 19.75 -39.48 -9.86
C GLU C 231 18.43 -39.56 -9.08
N VAL C 232 18.11 -38.48 -8.36
CA VAL C 232 16.89 -38.41 -7.53
C VAL C 232 15.63 -38.55 -8.36
N LEU C 233 15.57 -37.76 -9.42
CA LEU C 233 14.50 -37.84 -10.38
C LEU C 233 14.57 -39.19 -11.13
N ASP C 234 15.69 -39.40 -11.83
CA ASP C 234 15.86 -40.55 -12.73
C ASP C 234 15.75 -41.87 -11.98
N ARG C 235 14.51 -42.32 -11.78
CA ARG C 235 14.24 -43.56 -11.05
C ARG C 235 14.84 -43.50 -9.64
N GLY C 236 14.03 -43.19 -8.64
CA GLY C 236 12.67 -42.69 -8.82
C GLY C 236 12.24 -42.10 -7.49
N LEU C 237 13.14 -41.33 -6.91
CA LEU C 237 13.09 -41.01 -5.50
C LEU C 237 12.26 -39.76 -5.23
N ARG C 238 12.19 -39.39 -3.96
CA ARG C 238 11.28 -38.34 -3.52
C ARG C 238 11.94 -37.57 -2.37
N VAL C 239 12.55 -36.45 -2.72
CA VAL C 239 13.21 -35.60 -1.74
C VAL C 239 12.25 -34.51 -1.32
N ALA C 240 11.59 -33.94 -2.32
CA ALA C 240 10.60 -32.90 -2.13
C ALA C 240 9.47 -33.00 -3.16
N ASP C 241 8.45 -32.19 -2.93
CA ASP C 241 7.47 -31.84 -3.94
C ASP C 241 8.19 -31.61 -5.28
N ALA C 242 7.61 -32.16 -6.35
CA ALA C 242 8.24 -32.12 -7.67
C ALA C 242 8.50 -30.69 -8.16
N THR C 243 7.56 -29.80 -7.89
CA THR C 243 7.70 -28.41 -8.29
C THR C 243 8.88 -27.76 -7.57
N ALA C 244 8.97 -27.96 -6.26
CA ALA C 244 10.08 -27.42 -5.50
C ALA C 244 11.39 -27.99 -6.00
N PHE C 245 11.39 -29.28 -6.31
CA PHE C 245 12.60 -29.92 -6.81
C PHE C 245 13.02 -29.38 -8.19
N SER C 246 12.06 -29.07 -9.04
CA SER C 246 12.35 -28.50 -10.38
C SER C 246 13.09 -27.18 -10.28
N LEU C 247 12.57 -26.30 -9.42
CA LEU C 247 13.17 -25.00 -9.20
C LEU C 247 14.61 -25.16 -8.77
N CYS C 248 14.83 -26.00 -7.78
CA CYS C 248 16.17 -26.33 -7.32
C CYS C 248 17.04 -26.90 -8.44
N MET C 249 16.49 -27.83 -9.20
CA MET C 249 17.28 -28.56 -10.17
C MET C 249 17.70 -27.64 -11.32
N ASP C 250 16.76 -26.82 -11.77
CA ASP C 250 17.00 -25.92 -12.90
C ASP C 250 18.02 -24.84 -12.52
N ASN C 251 18.16 -24.58 -11.22
CA ASN C 251 19.08 -23.54 -10.71
C ASN C 251 20.30 -24.11 -9.98
N GLY C 252 20.40 -25.43 -9.90
CA GLY C 252 21.47 -26.08 -9.15
C GLY C 252 21.51 -25.76 -7.67
N MET C 253 20.34 -25.75 -7.02
CA MET C 253 20.30 -25.53 -5.57
C MET C 253 20.46 -26.87 -4.85
N PRO C 254 21.53 -27.02 -4.05
CA PRO C 254 21.69 -28.21 -3.22
C PRO C 254 20.59 -28.32 -2.20
N ILE C 255 20.05 -29.53 -2.04
CA ILE C 255 19.08 -29.81 -1.00
C ILE C 255 19.77 -30.73 0.00
N LEU C 256 19.50 -30.55 1.27
CA LEU C 256 20.07 -31.41 2.30
C LEU C 256 18.96 -31.90 3.18
N VAL C 257 18.63 -33.18 3.05
CA VAL C 257 17.57 -33.78 3.87
C VAL C 257 18.14 -34.35 5.16
N PHE C 258 17.61 -33.95 6.32
CA PHE C 258 18.11 -34.40 7.61
C PHE C 258 17.10 -34.24 8.74
N ASN C 259 17.28 -34.97 9.83
CA ASN C 259 16.44 -34.81 11.02
C ASN C 259 17.01 -33.69 11.85
N LEU C 260 16.23 -32.64 12.08
CA LEU C 260 16.69 -31.51 12.92
C LEU C 260 16.61 -31.74 14.44
N LEU C 261 15.68 -32.59 14.86
CA LEU C 261 15.45 -32.77 16.29
C LEU C 261 16.46 -33.68 16.98
N THR C 262 17.22 -34.45 16.19
CA THR C 262 18.45 -35.09 16.66
C THR C 262 19.41 -33.98 17.09
N ASP C 263 19.50 -33.78 18.39
CA ASP C 263 20.30 -32.70 18.95
C ASP C 263 21.67 -32.61 18.31
N GLY C 264 22.05 -31.41 17.88
CA GLY C 264 23.38 -31.14 17.31
C GLY C 264 23.51 -31.28 15.79
N ASN C 265 22.48 -31.83 15.13
CA ASN C 265 22.55 -32.11 13.69
C ASN C 265 22.92 -30.87 12.87
N ILE C 266 22.10 -29.84 12.98
CA ILE C 266 22.21 -28.70 12.09
C ILE C 266 23.59 -28.00 12.18
N ALA C 267 24.13 -27.83 13.38
CA ALA C 267 25.45 -27.22 13.56
C ALA C 267 26.55 -28.04 12.87
N ARG C 268 26.35 -29.35 12.83
CA ARG C 268 27.30 -30.21 12.13
C ARG C 268 27.06 -30.07 10.64
N ALA C 269 25.81 -30.26 10.22
CA ALA C 269 25.40 -30.10 8.82
C ALA C 269 26.04 -28.87 8.18
N VAL C 270 25.92 -27.73 8.86
CA VAL C 270 26.39 -26.46 8.29
C VAL C 270 27.91 -26.35 8.29
N ARG C 271 28.59 -27.13 9.11
CA ARG C 271 30.05 -27.20 9.04
C ARG C 271 30.51 -28.02 7.83
N GLY C 272 29.57 -28.65 7.12
CA GLY C 272 29.87 -29.45 5.95
C GLY C 272 30.32 -30.82 6.40
N GLU C 273 29.56 -31.38 7.34
CA GLU C 273 30.00 -32.53 8.12
C GLU C 273 29.17 -33.79 7.83
N LYS C 274 28.85 -34.02 6.56
CA LYS C 274 28.29 -35.30 6.10
C LYS C 274 27.26 -35.91 7.07
N ILE C 275 26.12 -35.23 7.20
CA ILE C 275 24.99 -35.76 7.93
C ILE C 275 23.75 -35.61 7.07
N GLY C 276 22.85 -36.57 7.12
CA GLY C 276 21.69 -36.56 6.23
C GLY C 276 22.08 -36.93 4.81
N THR C 277 21.29 -36.45 3.86
CA THR C 277 21.49 -36.76 2.44
C THR C 277 21.60 -35.48 1.58
N LEU C 278 22.79 -35.28 1.00
CA LEU C 278 23.07 -34.07 0.22
C LEU C 278 22.79 -34.30 -1.25
N VAL C 279 21.81 -33.59 -1.79
CA VAL C 279 21.48 -33.68 -3.21
C VAL C 279 22.26 -32.59 -3.88
N THR C 280 22.81 -32.89 -5.04
CA THR C 280 23.84 -32.04 -5.64
C THR C 280 23.88 -32.25 -7.15
N THR C 281 24.72 -31.47 -7.83
CA THR C 281 24.97 -31.67 -9.26
C THR C 281 26.32 -31.04 -9.65
N SER D 48 -40.79 -3.32 17.66
CA SER D 48 -39.59 -2.43 17.51
C SER D 48 -38.31 -3.25 17.41
N GLY D 49 -38.06 -3.78 16.22
CA GLY D 49 -36.86 -4.58 15.97
C GLY D 49 -35.64 -3.73 15.69
N TYR D 50 -34.58 -4.37 15.19
CA TYR D 50 -33.33 -3.70 14.82
C TYR D 50 -33.13 -3.83 13.33
N SER D 51 -32.53 -2.82 12.71
CA SER D 51 -32.29 -2.82 11.26
C SER D 51 -30.89 -3.35 10.92
N ARG D 52 -29.87 -2.79 11.54
CA ARG D 52 -28.55 -3.41 11.46
C ARG D 52 -27.88 -3.57 12.80
N VAL D 53 -27.17 -4.70 12.90
CA VAL D 53 -26.63 -5.19 14.14
C VAL D 53 -25.16 -5.60 13.94
N LEU D 54 -24.38 -5.50 15.01
CA LEU D 54 -23.05 -6.05 15.04
C LEU D 54 -22.99 -7.13 16.10
N LEU D 55 -22.68 -8.34 15.64
CA LEU D 55 -22.66 -9.54 16.46
C LEU D 55 -21.24 -9.81 16.82
N LYS D 56 -20.97 -9.85 18.12
CA LYS D 56 -19.68 -10.27 18.61
C LYS D 56 -19.68 -11.76 18.92
N LEU D 57 -18.61 -12.44 18.50
CA LEU D 57 -18.42 -13.88 18.77
C LEU D 57 -17.03 -14.12 19.36
N GLY D 58 -17.01 -14.80 20.51
CA GLY D 58 -15.75 -15.15 21.16
C GLY D 58 -15.05 -16.23 20.38
N GLY D 59 -13.72 -16.23 20.41
CA GLY D 59 -12.97 -17.26 19.69
C GLY D 59 -13.28 -18.62 20.26
N GLU D 60 -13.17 -18.70 21.59
CA GLU D 60 -13.39 -19.94 22.34
C GLU D 60 -14.52 -20.72 21.71
N MET D 61 -15.63 -20.01 21.49
CA MET D 61 -16.81 -20.49 20.72
C MET D 61 -16.43 -21.54 19.65
N PHE D 62 -15.68 -21.08 18.65
CA PHE D 62 -15.27 -21.85 17.45
C PHE D 62 -14.49 -23.15 17.72
N GLY D 63 -13.84 -23.24 18.88
CA GLY D 63 -13.07 -24.42 19.26
C GLY D 63 -13.91 -25.63 19.61
N GLY D 64 -14.86 -25.43 20.52
CA GLY D 64 -15.89 -26.44 20.85
C GLY D 64 -15.53 -27.78 21.49
N GLY D 65 -14.81 -27.81 22.61
CA GLY D 65 -14.09 -26.69 23.20
C GLY D 65 -12.64 -27.14 23.26
N GLN D 66 -12.16 -27.57 22.10
CA GLN D 66 -10.79 -27.98 21.93
C GLN D 66 -10.11 -26.89 21.11
N VAL D 67 -8.90 -27.16 20.62
CA VAL D 67 -8.15 -26.15 19.88
C VAL D 67 -8.56 -26.17 18.41
N GLY D 68 -8.53 -24.98 17.79
CA GLY D 68 -8.83 -24.83 16.36
C GLY D 68 -10.29 -24.67 16.00
N LEU D 69 -10.71 -25.36 14.94
CA LEU D 69 -12.04 -25.20 14.41
C LEU D 69 -12.88 -26.48 14.48
N ASP D 70 -14.04 -26.39 15.15
CA ASP D 70 -15.08 -27.43 15.12
C ASP D 70 -16.13 -27.03 14.08
N PRO D 71 -16.15 -27.72 12.93
CA PRO D 71 -17.08 -27.33 11.87
C PRO D 71 -18.56 -27.56 12.20
N ASP D 72 -18.87 -28.15 13.35
CA ASP D 72 -20.25 -28.28 13.81
C ASP D 72 -20.71 -26.98 14.43
N VAL D 73 -19.90 -26.45 15.36
CA VAL D 73 -20.18 -25.19 16.02
C VAL D 73 -20.32 -24.02 15.04
N VAL D 74 -19.46 -24.01 14.03
CA VAL D 74 -19.40 -22.92 13.05
C VAL D 74 -20.60 -23.01 12.10
N ALA D 75 -20.91 -24.21 11.64
CA ALA D 75 -22.11 -24.43 10.82
C ALA D 75 -23.37 -23.96 11.53
N GLN D 76 -23.42 -24.20 12.84
CA GLN D 76 -24.56 -23.85 13.66
C GLN D 76 -24.70 -22.34 13.76
N VAL D 77 -23.55 -21.68 13.91
CA VAL D 77 -23.50 -20.23 14.03
C VAL D 77 -23.84 -19.61 12.70
N ALA D 78 -23.29 -20.18 11.63
CA ALA D 78 -23.57 -19.72 10.27
C ALA D 78 -25.06 -19.70 9.96
N ARG D 79 -25.77 -20.76 10.33
CA ARG D 79 -27.21 -20.88 10.07
C ARG D 79 -28.03 -19.87 10.85
N GLN D 80 -27.70 -19.70 12.12
CA GLN D 80 -28.32 -18.69 12.94
C GLN D 80 -28.23 -17.31 12.27
N ILE D 81 -27.02 -16.97 11.83
CA ILE D 81 -26.79 -15.74 11.08
C ILE D 81 -27.58 -15.72 9.79
N ALA D 82 -27.63 -16.86 9.10
CA ALA D 82 -28.35 -16.96 7.83
C ALA D 82 -29.87 -16.75 8.00
N ASP D 83 -30.42 -17.23 9.13
CA ASP D 83 -31.79 -16.88 9.54
C ASP D 83 -32.08 -15.37 9.62
N VAL D 84 -31.06 -14.59 10.01
CA VAL D 84 -31.20 -13.17 10.23
C VAL D 84 -31.15 -12.41 8.92
N VAL D 85 -30.24 -12.82 8.04
CA VAL D 85 -30.05 -12.21 6.72
C VAL D 85 -31.25 -12.47 5.83
N ARG D 86 -31.70 -13.73 5.82
CA ARG D 86 -32.93 -14.10 5.14
C ARG D 86 -34.10 -13.27 5.65
N GLY D 87 -34.07 -12.92 6.94
CA GLY D 87 -35.09 -12.05 7.53
C GLY D 87 -35.08 -10.60 7.08
N GLY D 88 -34.05 -10.18 6.35
CA GLY D 88 -33.89 -8.80 5.90
C GLY D 88 -33.09 -7.90 6.83
N VAL D 89 -32.61 -8.44 7.95
CA VAL D 89 -31.80 -7.68 8.89
C VAL D 89 -30.36 -7.67 8.42
N GLN D 90 -29.67 -6.58 8.74
CA GLN D 90 -28.30 -6.34 8.32
C GLN D 90 -27.33 -6.66 9.47
N ILE D 91 -26.31 -7.46 9.18
CA ILE D 91 -25.45 -7.94 10.24
C ILE D 91 -23.99 -7.92 9.84
N ALA D 92 -23.21 -7.24 10.67
CA ALA D 92 -21.76 -7.34 10.65
C ALA D 92 -21.28 -8.22 11.82
N VAL D 93 -20.15 -8.89 11.67
CA VAL D 93 -19.67 -9.79 12.71
C VAL D 93 -18.26 -9.47 13.13
N VAL D 94 -18.00 -9.57 14.44
CA VAL D 94 -16.65 -9.38 14.97
C VAL D 94 -16.25 -10.60 15.78
N ILE D 95 -15.16 -11.25 15.39
CA ILE D 95 -14.80 -12.52 16.01
C ILE D 95 -13.53 -12.40 16.80
N GLY D 96 -13.50 -13.05 17.96
CA GLY D 96 -12.31 -13.12 18.79
C GLY D 96 -11.40 -14.25 18.35
N GLY D 97 -10.25 -14.39 19.01
CA GLY D 97 -9.19 -15.28 18.55
C GLY D 97 -8.72 -16.37 19.51
N GLY D 98 -9.33 -16.48 20.69
CA GLY D 98 -8.89 -17.45 21.71
C GLY D 98 -8.70 -18.93 21.31
N ASN D 99 -9.52 -19.44 20.40
CA ASN D 99 -9.49 -20.86 20.02
C ASN D 99 -8.22 -21.39 19.35
N PHE D 100 -7.16 -20.57 19.30
CA PHE D 100 -5.93 -20.99 18.62
C PHE D 100 -4.69 -21.06 19.53
N GLN D 105 -1.50 -17.58 29.34
CA GLN D 105 -1.49 -18.95 28.81
C GLN D 105 -0.30 -19.26 27.86
N LEU D 106 0.62 -18.30 27.77
CA LEU D 106 1.66 -18.19 26.73
C LEU D 106 2.32 -16.84 26.97
N GLN D 107 1.50 -15.85 27.31
CA GLN D 107 1.94 -14.63 27.98
C GLN D 107 2.43 -14.99 29.37
N GLN D 108 1.77 -15.98 29.96
CA GLN D 108 2.32 -16.80 31.02
C GLN D 108 3.30 -17.83 30.45
N LEU D 109 4.16 -17.37 29.55
CA LEU D 109 5.32 -18.14 29.06
C LEU D 109 6.40 -17.19 28.53
N GLY D 110 6.22 -15.89 28.75
CA GLY D 110 7.19 -14.88 28.36
C GLY D 110 6.81 -14.06 27.14
N MET D 111 5.89 -14.57 26.31
CA MET D 111 5.54 -13.90 25.07
C MET D 111 5.09 -12.47 25.35
N GLU D 112 5.72 -11.54 24.65
CA GLU D 112 5.48 -10.12 24.90
C GLU D 112 4.08 -9.77 24.44
N ARG D 113 3.41 -8.93 25.23
CA ARG D 113 2.01 -8.56 25.02
C ARG D 113 1.68 -8.23 23.55
N THR D 114 2.43 -7.29 22.99
CA THR D 114 2.19 -6.82 21.63
C THR D 114 2.14 -8.00 20.67
N ARG D 115 3.18 -8.80 20.69
CA ARG D 115 3.28 -10.00 19.87
C ARG D 115 2.13 -10.99 20.12
N SER D 116 1.76 -11.18 21.38
CA SER D 116 0.63 -12.06 21.74
C SER D 116 -0.66 -11.58 21.12
N ASP D 117 -0.91 -10.26 21.18
CA ASP D 117 -2.10 -9.69 20.58
C ASP D 117 -2.16 -9.94 19.09
N TYR D 118 -1.01 -9.87 18.42
CA TYR D 118 -0.98 -10.12 16.99
C TYR D 118 -1.24 -11.59 16.68
N MET D 119 -0.77 -12.49 17.52
CA MET D 119 -1.12 -13.89 17.38
C MET D 119 -2.65 -14.01 17.31
N GLY D 120 -3.34 -13.36 18.26
CA GLY D 120 -4.79 -13.40 18.34
C GLY D 120 -5.47 -12.87 17.10
N MET D 121 -5.01 -11.72 16.64
CA MET D 121 -5.58 -11.08 15.48
C MET D 121 -5.50 -12.03 14.28
N LEU D 122 -4.35 -12.64 14.10
CA LEU D 122 -4.17 -13.60 13.03
C LEU D 122 -5.17 -14.74 13.18
N GLY D 123 -5.40 -15.19 14.41
CA GLY D 123 -6.41 -16.20 14.69
C GLY D 123 -7.79 -15.75 14.25
N THR D 124 -8.15 -14.50 14.51
CA THR D 124 -9.47 -13.99 14.14
C THR D 124 -9.66 -13.97 12.61
N VAL D 125 -8.57 -13.76 11.86
CA VAL D 125 -8.70 -13.81 10.40
C VAL D 125 -8.97 -15.25 9.98
N MET D 126 -8.31 -16.20 10.62
CA MET D 126 -8.56 -17.62 10.36
C MET D 126 -10.03 -17.96 10.60
N ASN D 127 -10.54 -17.55 11.75
CA ASN D 127 -11.93 -17.77 12.13
C ASN D 127 -12.91 -17.16 11.12
N SER D 128 -12.60 -15.93 10.70
CA SER D 128 -13.41 -15.18 9.75
C SER D 128 -13.58 -15.99 8.48
N LEU D 129 -12.44 -16.39 7.90
CA LEU D 129 -12.41 -17.16 6.67
C LEU D 129 -13.19 -18.46 6.81
N ALA D 130 -13.17 -19.04 8.00
CA ALA D 130 -13.89 -20.29 8.25
C ALA D 130 -15.39 -20.00 8.28
N LEU D 131 -15.79 -18.96 9.00
CA LEU D 131 -17.21 -18.59 9.04
C LEU D 131 -17.71 -18.21 7.64
N GLN D 132 -16.90 -17.44 6.92
CA GLN D 132 -17.20 -17.09 5.54
C GLN D 132 -17.50 -18.30 4.68
N ASP D 133 -16.76 -19.37 4.88
CA ASP D 133 -16.96 -20.55 4.07
C ASP D 133 -18.30 -21.20 4.38
N PHE D 134 -18.69 -21.18 5.66
CA PHE D 134 -19.94 -21.79 6.11
C PHE D 134 -21.15 -20.94 5.74
N LEU D 135 -21.02 -19.62 5.91
CA LEU D 135 -22.09 -18.73 5.49
C LEU D 135 -22.38 -18.91 4.00
N GLU D 136 -21.32 -18.95 3.20
CA GLU D 136 -21.50 -19.04 1.76
C GLU D 136 -22.23 -20.31 1.38
N LYS D 137 -21.88 -21.41 2.01
CA LYS D 137 -22.53 -22.69 1.71
C LYS D 137 -23.91 -22.74 2.33
N GLU D 138 -24.22 -21.79 3.22
CA GLU D 138 -25.58 -21.55 3.67
C GLU D 138 -26.29 -20.59 2.71
N GLY D 139 -25.68 -20.33 1.56
CA GLY D 139 -26.25 -19.42 0.55
C GLY D 139 -26.03 -17.92 0.75
N ILE D 140 -25.45 -17.54 1.88
CA ILE D 140 -25.28 -16.12 2.19
C ILE D 140 -23.97 -15.59 1.60
N VAL D 141 -24.07 -14.55 0.78
CA VAL D 141 -22.89 -13.86 0.26
C VAL D 141 -22.24 -13.08 1.38
N THR D 142 -20.94 -13.27 1.60
CA THR D 142 -20.24 -12.63 2.72
C THR D 142 -18.82 -12.17 2.39
N ARG D 143 -18.47 -10.99 2.89
CA ARG D 143 -17.14 -10.41 2.70
C ARG D 143 -16.45 -10.25 4.04
N VAL D 144 -15.15 -10.52 4.05
CA VAL D 144 -14.31 -10.38 5.24
C VAL D 144 -13.43 -9.17 5.05
N GLN D 145 -13.45 -8.26 6.03
CA GLN D 145 -12.56 -7.08 6.06
C GLN D 145 -11.61 -7.18 7.23
N THR D 146 -10.31 -6.98 6.97
CA THR D 146 -9.30 -7.11 8.00
C THR D 146 -8.71 -5.77 8.34
N ALA D 147 -8.62 -5.47 9.64
CA ALA D 147 -7.99 -4.23 10.12
C ALA D 147 -6.55 -4.18 9.66
N ILE D 148 -5.90 -5.34 9.65
CA ILE D 148 -4.60 -5.51 9.05
C ILE D 148 -4.81 -5.87 7.56
N THR D 149 -4.20 -5.10 6.66
CA THR D 149 -4.39 -5.29 5.23
C THR D 149 -3.61 -6.51 4.77
N MET D 150 -4.33 -7.46 4.17
CA MET D 150 -3.79 -8.76 3.77
C MET D 150 -4.13 -9.13 2.32
N GLY D 151 -3.81 -8.21 1.41
CA GLY D 151 -3.98 -8.40 -0.03
C GLY D 151 -5.05 -9.40 -0.47
N GLN D 152 -4.61 -10.60 -0.87
CA GLN D 152 -5.51 -11.61 -1.44
C GLN D 152 -6.43 -12.23 -0.42
N VAL D 153 -6.04 -12.21 0.85
CA VAL D 153 -6.75 -12.97 1.88
C VAL D 153 -8.15 -12.42 2.18
N ALA D 154 -8.28 -11.11 2.21
CA ALA D 154 -9.51 -10.46 2.58
C ALA D 154 -9.51 -9.05 2.07
N GLU D 155 -10.48 -8.26 2.49
CA GLU D 155 -10.53 -6.86 2.10
C GLU D 155 -9.85 -5.94 3.09
N PRO D 156 -9.54 -4.72 2.65
CA PRO D 156 -9.12 -3.72 3.62
C PRO D 156 -10.28 -3.33 4.49
N TYR D 157 -10.00 -2.87 5.70
CA TYR D 157 -11.04 -2.30 6.56
C TYR D 157 -11.48 -0.96 5.99
N LEU D 158 -12.73 -0.89 5.57
CA LEU D 158 -13.28 0.23 4.83
C LEU D 158 -14.81 0.27 5.11
N PRO D 159 -15.21 0.98 6.17
CA PRO D 159 -16.56 0.88 6.73
C PRO D 159 -17.67 1.28 5.78
N LEU D 160 -17.44 2.36 5.04
CA LEU D 160 -18.41 2.85 4.08
C LEU D 160 -18.69 1.76 3.06
N ARG D 161 -17.62 1.11 2.59
CA ARG D 161 -17.76 -0.05 1.73
C ARG D 161 -18.49 -1.19 2.47
N ALA D 162 -18.30 -1.29 3.79
CA ALA D 162 -18.96 -2.36 4.58
C ALA D 162 -20.47 -2.15 4.62
N VAL D 163 -20.86 -0.92 4.90
CA VAL D 163 -22.26 -0.54 4.84
C VAL D 163 -22.85 -0.92 3.48
N ARG D 164 -22.14 -0.60 2.41
CA ARG D 164 -22.57 -0.93 1.06
C ARG D 164 -22.85 -2.44 0.94
N HIS D 165 -21.93 -3.26 1.42
CA HIS D 165 -22.18 -4.71 1.48
C HIS D 165 -23.45 -5.10 2.26
N LEU D 166 -23.70 -4.43 3.37
CA LEU D 166 -24.85 -4.75 4.21
C LEU D 166 -26.16 -4.41 3.48
N GLU D 167 -26.15 -3.31 2.75
CA GLU D 167 -27.31 -2.89 1.95
C GLU D 167 -27.66 -3.86 0.82
N LYS D 168 -26.65 -4.51 0.23
CA LYS D 168 -26.89 -5.60 -0.73
C LYS D 168 -27.31 -6.92 -0.08
N GLY D 169 -27.55 -6.91 1.22
CA GLY D 169 -27.84 -8.13 1.98
C GLY D 169 -26.68 -9.11 2.11
N ARG D 170 -25.45 -8.59 2.19
CA ARG D 170 -24.25 -9.42 2.37
C ARG D 170 -23.81 -9.32 3.82
N VAL D 171 -23.21 -10.40 4.35
CA VAL D 171 -22.63 -10.35 5.69
C VAL D 171 -21.20 -9.82 5.56
N VAL D 172 -20.79 -8.94 6.49
CA VAL D 172 -19.42 -8.45 6.57
C VAL D 172 -18.83 -8.95 7.89
N ILE D 173 -17.68 -9.61 7.82
CA ILE D 173 -16.99 -10.11 9.01
C ILE D 173 -15.75 -9.26 9.17
N PHE D 174 -15.62 -8.60 10.32
CA PHE D 174 -14.46 -7.76 10.62
C PHE D 174 -13.37 -8.56 11.33
N GLY D 175 -12.25 -8.79 10.64
CA GLY D 175 -11.13 -9.57 11.19
C GLY D 175 -9.97 -8.72 11.66
N ALA D 176 -9.03 -9.38 12.36
CA ALA D 176 -7.77 -8.80 12.85
C ALA D 176 -7.92 -7.77 13.97
N GLY D 177 -8.95 -7.90 14.79
CA GLY D 177 -9.28 -6.86 15.78
C GLY D 177 -9.33 -5.50 15.08
N MET D 178 -8.80 -4.48 15.74
CA MET D 178 -8.59 -3.19 15.10
C MET D 178 -7.13 -2.99 14.70
N GLY D 179 -6.36 -4.07 14.62
CA GLY D 179 -4.92 -4.00 14.34
C GLY D 179 -4.11 -3.24 15.37
N LEU D 180 -4.63 -3.13 16.60
CA LEU D 180 -3.97 -2.42 17.68
C LEU D 180 -3.85 -3.30 18.91
N PRO D 181 -2.62 -3.51 19.40
CA PRO D 181 -2.47 -4.21 20.64
C PRO D 181 -3.04 -3.38 21.79
N TYR D 182 -3.24 -4.05 22.94
CA TYR D 182 -3.86 -3.48 24.13
C TYR D 182 -5.37 -3.16 23.97
N PHE D 183 -6.03 -3.78 22.99
CA PHE D 183 -7.47 -3.60 22.78
C PHE D 183 -8.22 -4.91 22.62
N SER D 184 -9.23 -5.12 23.44
CA SER D 184 -10.06 -6.34 23.44
C SER D 184 -10.88 -6.54 22.18
N THR D 185 -11.49 -7.72 22.07
CA THR D 185 -12.41 -7.99 20.98
C THR D 185 -13.69 -7.17 21.21
N ASP D 186 -14.15 -7.13 22.46
CA ASP D 186 -15.31 -6.32 22.83
C ASP D 186 -15.17 -4.87 22.33
N THR D 187 -14.00 -4.28 22.58
CA THR D 187 -13.72 -2.93 22.11
C THR D 187 -13.78 -2.83 20.58
N THR D 188 -13.24 -3.84 19.89
CA THR D 188 -13.26 -3.87 18.44
C THR D 188 -14.70 -3.90 17.94
N ALA D 189 -15.54 -4.68 18.61
CA ALA D 189 -16.99 -4.73 18.34
C ALA D 189 -17.68 -3.40 18.66
N ALA D 190 -17.33 -2.76 19.76
CA ALA D 190 -17.95 -1.48 20.13
C ALA D 190 -17.62 -0.42 19.08
N GLN D 191 -16.34 -0.36 18.70
CA GLN D 191 -15.87 0.60 17.72
C GLN D 191 -16.50 0.38 16.34
N ARG D 192 -16.50 -0.86 15.88
CA ARG D 192 -17.01 -1.13 14.55
C ARG D 192 -18.52 -0.93 14.49
N ALA D 193 -19.20 -1.22 15.59
CA ALA D 193 -20.64 -1.03 15.67
C ALA D 193 -20.99 0.42 15.37
N LEU D 194 -20.22 1.31 15.98
CA LEU D 194 -20.35 2.74 15.78
C LEU D 194 -19.95 3.18 14.37
N GLU D 195 -18.90 2.58 13.83
CA GLU D 195 -18.44 2.92 12.49
C GLU D 195 -19.54 2.70 11.47
N ILE D 196 -20.16 1.54 11.54
CA ILE D 196 -21.22 1.22 10.58
C ILE D 196 -22.61 1.79 10.90
N GLY D 197 -22.74 2.51 12.01
CA GLY D 197 -24.07 2.96 12.44
C GLY D 197 -24.95 1.78 12.85
N ALA D 198 -24.42 0.90 13.67
CA ALA D 198 -25.21 -0.23 14.17
C ALA D 198 -26.24 0.25 15.16
N ASP D 199 -27.37 -0.43 15.21
CA ASP D 199 -28.42 -0.14 16.22
C ASP D 199 -28.04 -0.69 17.59
N VAL D 200 -27.46 -1.89 17.61
CA VAL D 200 -27.03 -2.60 18.82
C VAL D 200 -25.71 -3.32 18.57
N VAL D 201 -24.94 -3.50 19.65
CA VAL D 201 -23.92 -4.55 19.70
C VAL D 201 -24.59 -5.77 20.29
N LEU D 202 -24.64 -6.86 19.55
CA LEU D 202 -25.12 -8.13 20.10
C LEU D 202 -23.92 -8.92 20.56
N MET D 203 -24.03 -9.40 21.77
CA MET D 203 -22.89 -9.85 22.52
C MET D 203 -23.18 -11.30 22.89
N ALA D 204 -22.67 -12.25 22.12
CA ALA D 204 -22.97 -13.65 22.34
C ALA D 204 -22.21 -14.21 23.55
N LYS D 205 -22.95 -14.67 24.57
CA LYS D 205 -22.36 -15.46 25.66
C LYS D 205 -23.21 -16.70 25.99
N ALA D 206 -22.54 -17.80 26.31
CA ALA D 206 -23.25 -19.06 26.65
C ALA D 206 -24.23 -18.92 27.82
N VAL D 207 -23.94 -17.99 28.73
CA VAL D 207 -24.90 -17.62 29.76
C VAL D 207 -25.85 -16.61 29.14
N ASP D 208 -27.14 -16.89 29.17
CA ASP D 208 -28.14 -16.07 28.43
C ASP D 208 -28.56 -14.77 29.17
N GLY D 209 -27.58 -13.99 29.62
CA GLY D 209 -27.87 -12.74 30.33
C GLY D 209 -26.77 -12.24 31.26
N VAL D 210 -27.04 -11.10 31.92
CA VAL D 210 -26.14 -10.53 32.91
C VAL D 210 -26.73 -10.73 34.31
N PHE D 211 -25.92 -11.33 35.20
CA PHE D 211 -26.33 -11.51 36.59
C PHE D 211 -26.55 -10.17 37.26
N ALA D 212 -27.47 -10.11 38.21
CA ALA D 212 -27.78 -8.87 38.91
C ALA D 212 -26.68 -8.49 39.89
N GLU D 213 -26.13 -9.48 40.58
CA GLU D 213 -24.88 -9.32 41.35
C GLU D 213 -23.87 -10.31 40.83
N ASP D 214 -22.59 -10.05 41.07
CA ASP D 214 -21.54 -11.03 40.82
C ASP D 214 -21.88 -12.31 41.61
N PRO D 215 -21.85 -13.51 40.97
CA PRO D 215 -22.17 -14.72 41.74
C PRO D 215 -21.18 -15.10 42.84
N ARG D 216 -20.08 -14.36 42.94
CA ARG D 216 -19.05 -14.59 43.95
C ARG D 216 -19.33 -13.83 45.25
N VAL D 217 -20.38 -13.00 45.18
CA VAL D 217 -20.87 -12.18 46.27
C VAL D 217 -22.27 -12.63 46.66
N ASN D 218 -23.07 -12.94 45.65
CA ASN D 218 -24.38 -13.56 45.83
C ASN D 218 -24.54 -14.77 44.93
N PRO D 219 -24.23 -15.98 45.45
CA PRO D 219 -24.29 -17.22 44.70
C PRO D 219 -25.61 -17.46 44.00
N GLU D 220 -26.70 -16.93 44.56
CA GLU D 220 -28.04 -17.19 44.02
C GLU D 220 -28.63 -16.06 43.16
N ALA D 221 -27.80 -15.09 42.77
CA ALA D 221 -28.15 -14.21 41.64
C ALA D 221 -28.17 -15.13 40.41
N GLU D 222 -29.13 -15.05 39.45
CA GLU D 222 -30.28 -14.12 39.26
C GLU D 222 -29.98 -13.18 38.07
N LEU D 223 -30.66 -13.42 36.94
CA LEU D 223 -30.39 -12.67 35.70
C LEU D 223 -31.22 -11.39 35.52
N LEU D 224 -30.60 -10.43 34.85
CA LEU D 224 -31.26 -9.19 34.47
C LEU D 224 -31.92 -9.38 33.11
N THR D 225 -32.90 -8.52 32.84
CA THR D 225 -33.59 -8.49 31.55
C THR D 225 -33.36 -7.14 30.88
N ALA D 226 -33.32 -6.07 31.67
CA ALA D 226 -33.06 -4.72 31.16
C ALA D 226 -32.32 -3.90 32.21
N VAL D 227 -31.37 -3.10 31.77
CA VAL D 227 -30.63 -2.16 32.64
C VAL D 227 -30.20 -0.94 31.86
N SER D 228 -29.88 0.12 32.57
CA SER D 228 -29.30 1.31 31.96
C SER D 228 -27.80 1.16 32.02
N HIS D 229 -27.10 1.97 31.22
CA HIS D 229 -25.63 1.98 31.25
C HIS D 229 -25.09 2.41 32.62
N ARG D 230 -25.69 3.45 33.21
CA ARG D 230 -25.30 3.90 34.56
C ARG D 230 -25.50 2.82 35.60
N GLU D 231 -26.66 2.17 35.56
CA GLU D 231 -26.94 1.09 36.48
C GLU D 231 -25.84 0.05 36.38
N VAL D 232 -25.35 -0.18 35.16
CA VAL D 232 -24.25 -1.11 34.95
C VAL D 232 -22.95 -0.57 35.56
N LEU D 233 -22.72 0.73 35.39
CA LEU D 233 -21.47 1.36 35.86
C LEU D 233 -21.35 1.41 37.38
N ASP D 234 -22.23 2.16 38.06
CA ASP D 234 -22.30 2.05 39.53
C ASP D 234 -22.75 0.63 39.73
N ARG D 235 -22.27 0.00 40.78
CA ARG D 235 -22.37 -1.46 40.92
C ARG D 235 -21.08 -2.03 40.32
N GLY D 236 -21.12 -3.28 39.91
CA GLY D 236 -20.01 -3.87 39.19
C GLY D 236 -20.55 -4.91 38.27
N LEU D 237 -21.60 -4.54 37.54
CA LEU D 237 -22.22 -5.44 36.60
C LEU D 237 -21.17 -5.77 35.56
N ARG D 238 -21.46 -6.79 34.76
CA ARG D 238 -20.44 -7.43 33.95
C ARG D 238 -20.95 -7.64 32.54
N VAL D 239 -20.78 -6.64 31.67
CA VAL D 239 -21.31 -6.73 30.31
C VAL D 239 -20.21 -6.96 29.29
N ALA D 240 -19.21 -6.09 29.32
CA ALA D 240 -18.05 -6.21 28.45
C ALA D 240 -16.91 -5.68 29.28
N ASP D 241 -15.69 -5.71 28.75
CA ASP D 241 -14.56 -5.14 29.48
C ASP D 241 -14.69 -3.63 29.57
N ALA D 242 -13.92 -3.04 30.48
CA ALA D 242 -14.11 -1.65 30.88
C ALA D 242 -14.02 -0.72 29.69
N THR D 243 -12.95 -0.86 28.92
CA THR D 243 -12.71 0.00 27.77
C THR D 243 -13.90 0.00 26.83
N ALA D 244 -14.33 -1.19 26.44
CA ALA D 244 -15.42 -1.33 25.46
C ALA D 244 -16.76 -0.80 25.97
N PHE D 245 -17.01 -0.89 27.26
CA PHE D 245 -18.28 -0.39 27.80
C PHE D 245 -18.31 1.13 27.81
N SER D 246 -17.14 1.76 28.01
CA SER D 246 -17.06 3.21 27.96
C SER D 246 -17.43 3.74 26.58
N LEU D 247 -16.80 3.19 25.54
CA LEU D 247 -17.14 3.57 24.18
C LEU D 247 -18.64 3.61 23.98
N CYS D 248 -19.30 2.52 24.38
CA CYS D 248 -20.74 2.36 24.14
C CYS D 248 -21.55 3.36 24.94
N MET D 249 -21.25 3.46 26.23
CA MET D 249 -22.02 4.35 27.10
C MET D 249 -21.89 5.79 26.62
N ASP D 250 -20.67 6.22 26.34
CA ASP D 250 -20.45 7.58 25.91
C ASP D 250 -21.10 7.89 24.56
N ASN D 251 -21.50 6.84 23.83
CA ASN D 251 -22.15 7.01 22.52
C ASN D 251 -23.58 6.49 22.46
N GLY D 252 -24.15 6.18 23.62
CA GLY D 252 -25.52 5.71 23.69
C GLY D 252 -25.77 4.41 22.93
N MET D 253 -24.73 3.61 22.77
CA MET D 253 -24.81 2.36 22.01
C MET D 253 -25.38 1.27 22.93
N PRO D 254 -26.53 0.70 22.55
CA PRO D 254 -27.07 -0.38 23.35
C PRO D 254 -26.31 -1.67 23.12
N ILE D 255 -26.28 -2.51 24.14
CA ILE D 255 -25.57 -3.80 24.10
C ILE D 255 -26.56 -4.85 24.57
N LEU D 256 -26.70 -5.95 23.84
CA LEU D 256 -27.65 -7.02 24.20
C LEU D 256 -26.92 -8.35 24.37
N VAL D 257 -26.91 -8.86 25.61
CA VAL D 257 -26.16 -10.06 25.96
C VAL D 257 -27.08 -11.26 25.93
N PHE D 258 -26.74 -12.26 25.13
CA PHE D 258 -27.64 -13.38 24.89
C PHE D 258 -26.88 -14.61 24.41
N ASN D 259 -27.56 -15.74 24.39
CA ASN D 259 -26.94 -17.02 24.06
C ASN D 259 -27.33 -17.44 22.65
N LEU D 260 -26.36 -17.31 21.75
CA LEU D 260 -26.55 -17.59 20.34
C LEU D 260 -26.82 -19.05 20.07
N LEU D 261 -26.25 -19.91 20.90
CA LEU D 261 -26.20 -21.35 20.60
C LEU D 261 -27.52 -22.11 20.79
N THR D 262 -28.54 -21.47 21.36
CA THR D 262 -29.89 -22.06 21.35
C THR D 262 -30.63 -21.56 20.11
N ASP D 263 -31.11 -22.49 19.30
CA ASP D 263 -31.66 -22.18 18.00
C ASP D 263 -32.83 -21.19 18.05
N GLY D 264 -32.81 -20.24 17.11
CA GLY D 264 -33.81 -19.20 17.03
C GLY D 264 -33.54 -17.97 17.89
N ASN D 265 -32.57 -18.03 18.80
CA ASN D 265 -32.33 -16.92 19.70
C ASN D 265 -31.92 -15.60 19.04
N ILE D 266 -31.02 -15.66 18.05
CA ILE D 266 -30.65 -14.43 17.36
C ILE D 266 -31.86 -13.85 16.60
N ALA D 267 -32.67 -14.70 15.98
CA ALA D 267 -33.89 -14.23 15.28
C ALA D 267 -34.84 -13.51 16.23
N ARG D 268 -35.04 -14.07 17.42
CA ARG D 268 -35.79 -13.39 18.48
C ARG D 268 -35.19 -12.01 18.78
N ALA D 269 -33.88 -11.97 18.99
CA ALA D 269 -33.20 -10.75 19.43
C ALA D 269 -33.42 -9.60 18.46
N VAL D 270 -33.10 -9.83 17.19
CA VAL D 270 -33.21 -8.79 16.16
C VAL D 270 -34.64 -8.33 15.90
N ARG D 271 -35.64 -9.19 16.16
CA ARG D 271 -37.05 -8.83 16.06
C ARG D 271 -37.57 -7.94 17.20
N GLY D 272 -36.91 -7.98 18.35
CA GLY D 272 -37.26 -7.14 19.49
C GLY D 272 -37.95 -7.88 20.63
N GLU D 273 -37.99 -9.20 20.53
CA GLU D 273 -38.56 -10.04 21.57
C GLU D 273 -37.72 -9.92 22.84
N LYS D 274 -38.31 -10.26 23.98
CA LYS D 274 -37.63 -10.12 25.27
C LYS D 274 -36.68 -11.28 25.43
N ILE D 275 -35.40 -11.02 25.20
CA ILE D 275 -34.37 -12.06 25.13
C ILE D 275 -33.06 -11.53 25.69
N GLY D 276 -32.46 -12.25 26.63
CA GLY D 276 -31.18 -11.86 27.22
C GLY D 276 -31.29 -10.67 28.15
N THR D 277 -30.20 -9.90 28.26
CA THR D 277 -30.19 -8.64 29.01
C THR D 277 -29.90 -7.49 28.05
N LEU D 278 -30.74 -6.43 28.11
CA LEU D 278 -30.66 -5.27 27.22
C LEU D 278 -30.25 -4.01 27.98
N VAL D 279 -29.11 -3.45 27.61
CA VAL D 279 -28.58 -2.26 28.27
C VAL D 279 -28.78 -1.06 27.37
N THR D 280 -29.59 -0.11 27.83
CA THR D 280 -29.99 1.06 27.04
C THR D 280 -30.01 2.26 27.96
N THR D 281 -29.67 3.43 27.41
CA THR D 281 -29.75 4.70 28.13
C THR D 281 -30.68 5.68 27.41
N SER E 48 13.46 10.61 41.92
CA SER E 48 13.38 9.61 40.81
C SER E 48 13.59 10.24 39.42
N GLY E 49 13.41 9.41 38.40
CA GLY E 49 13.42 9.87 37.02
C GLY E 49 12.36 9.14 36.21
N TYR E 50 12.20 9.60 34.97
CA TYR E 50 11.53 8.84 33.94
C TYR E 50 12.51 8.68 32.78
N SER E 51 12.76 7.43 32.38
CA SER E 51 13.68 7.16 31.29
C SER E 51 13.00 7.47 29.96
N ARG E 52 11.72 7.12 29.85
CA ARG E 52 10.93 7.56 28.70
C ARG E 52 9.44 7.76 28.95
N VAL E 53 8.95 8.85 28.33
CA VAL E 53 7.67 9.45 28.64
C VAL E 53 6.94 9.79 27.35
N LEU E 54 5.62 9.60 27.30
CA LEU E 54 4.81 10.09 26.19
C LEU E 54 4.05 11.35 26.58
N LEU E 55 4.33 12.45 25.88
CA LEU E 55 3.71 13.74 26.18
C LEU E 55 2.53 13.99 25.27
N LYS E 56 1.34 14.16 25.86
CA LYS E 56 0.14 14.41 25.09
C LYS E 56 -0.19 15.90 25.13
N LEU E 57 -0.31 16.50 23.95
CA LEU E 57 -0.68 17.90 23.81
C LEU E 57 -2.06 18.04 23.15
N GLY E 58 -2.97 18.75 23.82
CA GLY E 58 -4.21 19.18 23.19
C GLY E 58 -3.91 20.16 22.07
N GLY E 59 -4.52 19.96 20.91
CA GLY E 59 -4.26 20.80 19.74
C GLY E 59 -4.68 22.20 20.08
N GLU E 60 -5.68 22.25 20.94
CA GLU E 60 -6.34 23.48 21.39
C GLU E 60 -5.39 24.36 22.19
N MET E 61 -4.10 24.21 21.97
CA MET E 61 -3.12 25.06 22.62
C MET E 61 -2.02 25.50 21.68
N PHE E 62 -1.78 24.71 20.64
CA PHE E 62 -0.96 25.11 19.47
C PHE E 62 -1.51 26.32 18.68
N GLY E 63 -2.68 26.83 19.06
CA GLY E 63 -3.28 27.96 18.39
C GLY E 63 -3.35 29.22 19.22
N GLY E 64 -3.28 29.09 20.54
CA GLY E 64 -3.55 30.21 21.44
C GLY E 64 -4.51 29.78 22.52
N GLY E 65 -5.60 29.09 22.17
CA GLY E 65 -6.25 29.23 20.84
C GLY E 65 -6.76 30.65 20.94
N GLN E 66 -6.78 31.46 19.89
CA GLN E 66 -7.38 31.26 18.55
C GLN E 66 -7.15 30.07 17.61
N VAL E 67 -7.87 30.12 16.48
CA VAL E 67 -7.87 29.08 15.44
C VAL E 67 -6.67 29.20 14.51
N GLY E 68 -6.01 28.07 14.26
CA GLY E 68 -4.82 28.04 13.41
C GLY E 68 -3.58 27.64 14.22
N LEU E 69 -2.43 28.03 13.71
CA LEU E 69 -1.16 27.78 14.38
C LEU E 69 -0.55 29.09 14.86
N ASP E 70 -0.25 29.14 16.16
CA ASP E 70 0.55 30.19 16.77
C ASP E 70 1.99 29.67 16.89
N PRO E 71 2.90 30.19 16.05
CA PRO E 71 4.32 29.81 16.09
C PRO E 71 5.05 30.19 17.39
N ASP E 72 4.60 31.24 18.07
CA ASP E 72 5.27 31.63 19.31
C ASP E 72 4.97 30.59 20.40
N VAL E 73 3.88 29.86 20.24
CA VAL E 73 3.53 28.84 21.21
C VAL E 73 4.13 27.51 20.83
N VAL E 74 4.20 27.22 19.53
CA VAL E 74 4.82 25.98 19.05
C VAL E 74 6.32 26.01 19.31
N ALA E 75 6.94 27.15 19.05
CA ALA E 75 8.38 27.35 19.27
C ALA E 75 8.73 27.22 20.75
N GLN E 76 7.85 27.69 21.62
CA GLN E 76 8.09 27.65 23.05
C GLN E 76 7.95 26.23 23.58
N VAL E 77 7.12 25.43 22.92
CA VAL E 77 6.92 24.04 23.27
C VAL E 77 8.08 23.16 22.79
N ALA E 78 8.55 23.44 21.58
CA ALA E 78 9.75 22.81 21.04
C ALA E 78 10.94 23.01 21.97
N ARG E 79 11.10 24.25 22.41
CA ARG E 79 12.12 24.64 23.38
C ARG E 79 12.13 23.77 24.64
N GLN E 80 10.97 23.64 25.26
CA GLN E 80 10.77 22.81 26.44
C GLN E 80 11.11 21.35 26.16
N ILE E 81 10.66 20.84 25.01
CA ILE E 81 10.92 19.45 24.65
C ILE E 81 12.41 19.25 24.40
N ALA E 82 13.04 20.25 23.78
CA ALA E 82 14.47 20.15 23.49
C ALA E 82 15.30 19.91 24.76
N ASP E 83 15.03 20.67 25.84
CA ASP E 83 15.71 20.47 27.14
C ASP E 83 15.64 19.02 27.61
N VAL E 84 14.42 18.48 27.57
CA VAL E 84 14.12 17.11 28.00
C VAL E 84 14.99 16.10 27.25
N VAL E 85 15.18 16.36 25.95
CA VAL E 85 15.98 15.50 25.08
C VAL E 85 17.46 15.68 25.44
N ARG E 86 17.92 16.92 25.53
CA ARG E 86 19.31 17.23 25.85
C ARG E 86 19.70 16.67 27.20
N GLY E 87 18.77 16.77 28.15
CA GLY E 87 18.95 16.18 29.48
C GLY E 87 18.89 14.67 29.48
N GLY E 88 18.76 14.06 28.31
CA GLY E 88 18.94 12.63 28.14
C GLY E 88 17.69 11.78 28.21
N VAL E 89 16.51 12.40 28.31
CA VAL E 89 15.27 11.63 28.31
C VAL E 89 14.78 11.34 26.88
N GLN E 90 14.07 10.24 26.75
CA GLN E 90 13.44 9.82 25.51
C GLN E 90 11.96 10.17 25.58
N ILE E 91 11.46 10.86 24.56
CA ILE E 91 10.11 11.41 24.60
C ILE E 91 9.33 11.25 23.27
N ALA E 92 8.08 10.78 23.38
CA ALA E 92 7.17 10.69 22.23
C ALA E 92 6.04 11.67 22.42
N VAL E 93 5.56 12.27 21.33
CA VAL E 93 4.51 13.24 21.43
C VAL E 93 3.24 12.79 20.67
N VAL E 94 2.11 12.97 21.33
CA VAL E 94 0.81 12.76 20.72
C VAL E 94 0.08 14.10 20.81
N ILE E 95 -0.41 14.59 19.68
CA ILE E 95 -1.01 15.93 19.59
C ILE E 95 -2.47 15.85 19.15
N GLY E 96 -3.29 16.74 19.72
CA GLY E 96 -4.68 16.89 19.30
C GLY E 96 -4.77 17.76 18.07
N GLY E 97 -5.95 17.83 17.47
CA GLY E 97 -6.17 18.63 16.26
C GLY E 97 -7.19 19.75 16.34
N GLY E 98 -7.80 19.95 17.50
CA GLY E 98 -8.87 20.93 17.70
C GLY E 98 -8.63 22.39 17.35
N ASN E 99 -7.38 22.84 17.33
CA ASN E 99 -7.08 24.22 16.93
C ASN E 99 -7.49 24.62 15.49
N PHE E 100 -7.83 23.66 14.64
CA PHE E 100 -8.24 23.98 13.27
C PHE E 100 -9.76 24.05 13.08
N PHE E 101 -10.48 23.85 14.18
CA PHE E 101 -11.92 23.95 14.18
C PHE E 101 -12.37 25.24 14.82
N ARG E 102 -13.54 25.68 14.41
CA ARG E 102 -14.12 26.94 14.82
C ARG E 102 -15.25 26.66 15.77
N GLY E 103 -14.92 26.57 17.05
CA GLY E 103 -15.85 26.12 18.05
C GLY E 103 -16.08 24.65 17.78
N ALA E 104 -17.36 24.29 17.67
CA ALA E 104 -17.80 22.99 17.18
C ALA E 104 -18.89 23.22 16.12
N GLN E 105 -18.81 24.40 15.48
CA GLN E 105 -19.72 24.84 14.41
C GLN E 105 -20.17 23.77 13.45
N LEU E 106 -19.22 22.95 13.02
CA LEU E 106 -19.47 21.93 12.02
C LEU E 106 -20.30 20.79 12.56
N GLN E 107 -19.98 20.37 13.79
CA GLN E 107 -20.67 19.26 14.41
C GLN E 107 -22.11 19.66 14.69
N GLN E 108 -22.29 20.92 15.08
CA GLN E 108 -23.62 21.50 15.28
C GLN E 108 -24.47 21.58 14.02
N LEU E 109 -23.82 21.67 12.87
CA LEU E 109 -24.50 21.85 11.59
C LEU E 109 -24.86 20.51 10.96
N GLY E 110 -24.49 19.42 11.65
CA GLY E 110 -24.89 18.08 11.28
C GLY E 110 -23.81 17.19 10.73
N MET E 111 -22.54 17.52 10.97
CA MET E 111 -21.44 16.69 10.48
C MET E 111 -21.37 15.36 11.21
N GLU E 112 -21.13 14.30 10.44
CA GLU E 112 -20.91 12.97 11.01
C GLU E 112 -19.66 13.01 11.85
N ARG E 113 -19.72 12.36 13.00
CA ARG E 113 -18.55 12.17 13.85
C ARG E 113 -17.40 11.54 13.06
N THR E 114 -17.73 10.50 12.31
CA THR E 114 -16.78 9.83 11.47
C THR E 114 -15.95 10.88 10.72
N ARG E 115 -16.65 11.75 10.01
CA ARG E 115 -16.02 12.74 9.16
C ARG E 115 -15.32 13.83 9.97
N SER E 116 -15.94 14.30 11.05
CA SER E 116 -15.25 15.18 12.01
C SER E 116 -13.93 14.58 12.47
N ASP E 117 -14.00 13.37 13.03
CA ASP E 117 -12.80 12.74 13.56
C ASP E 117 -11.71 12.63 12.51
N TYR E 118 -12.09 12.35 11.27
CA TYR E 118 -11.12 12.33 10.18
C TYR E 118 -10.52 13.68 9.90
N MET E 119 -11.33 14.73 9.99
CA MET E 119 -10.80 16.08 9.89
C MET E 119 -9.79 16.41 11.00
N GLY E 120 -10.05 15.90 12.20
CA GLY E 120 -9.18 16.13 13.35
C GLY E 120 -7.87 15.43 13.15
N MET E 121 -7.92 14.23 12.60
CA MET E 121 -6.71 13.45 12.42
C MET E 121 -5.76 14.21 11.52
N LEU E 122 -6.29 14.68 10.39
CA LEU E 122 -5.51 15.50 9.44
C LEU E 122 -5.03 16.77 10.14
N GLY E 123 -5.85 17.27 11.05
CA GLY E 123 -5.44 18.39 11.88
C GLY E 123 -4.17 18.06 12.63
N THR E 124 -4.16 16.91 13.31
CA THR E 124 -3.02 16.50 14.17
C THR E 124 -1.74 16.34 13.35
N VAL E 125 -1.87 16.02 12.06
CA VAL E 125 -0.69 15.83 11.21
C VAL E 125 -0.12 17.19 10.83
N MET E 126 -1.02 18.16 10.72
CA MET E 126 -0.66 19.54 10.45
C MET E 126 0.19 20.04 11.63
N ASN E 127 -0.35 19.92 12.84
CA ASN E 127 0.40 20.31 14.04
C ASN E 127 1.72 19.56 14.17
N SER E 128 1.71 18.24 13.89
CA SER E 128 2.91 17.41 14.05
C SER E 128 4.05 17.97 13.22
N LEU E 129 3.77 18.29 11.95
CA LEU E 129 4.78 18.82 11.02
C LEU E 129 5.31 20.21 11.43
N ALA E 130 4.44 21.01 12.03
CA ALA E 130 4.84 22.29 12.58
C ALA E 130 5.81 22.05 13.72
N LEU E 131 5.39 21.23 14.68
CA LEU E 131 6.28 20.90 15.79
C LEU E 131 7.60 20.30 15.33
N GLN E 132 7.51 19.37 14.39
CA GLN E 132 8.70 18.73 13.87
C GLN E 132 9.65 19.82 13.42
N ASP E 133 9.11 20.74 12.64
CA ASP E 133 9.93 21.80 12.06
C ASP E 133 10.57 22.63 13.15
N PHE E 134 9.79 22.98 14.17
CA PHE E 134 10.32 23.80 15.26
C PHE E 134 11.32 23.06 16.12
N LEU E 135 11.11 21.76 16.33
CA LEU E 135 12.09 20.93 17.01
C LEU E 135 13.40 20.83 16.23
N GLU E 136 13.34 20.68 14.91
CA GLU E 136 14.57 20.55 14.08
C GLU E 136 15.43 21.82 14.08
N LYS E 137 14.78 22.95 14.25
CA LYS E 137 15.45 24.23 14.36
C LYS E 137 16.15 24.38 15.71
N GLU E 138 15.83 23.47 16.62
CA GLU E 138 16.37 23.50 17.97
C GLU E 138 17.46 22.44 18.06
N GLY E 139 17.83 21.86 16.92
CA GLY E 139 18.84 20.80 16.87
C GLY E 139 18.33 19.43 17.29
N ILE E 140 17.02 19.29 17.47
CA ILE E 140 16.45 18.01 17.86
C ILE E 140 15.97 17.25 16.64
N VAL E 141 16.54 16.07 16.42
CA VAL E 141 16.15 15.19 15.32
C VAL E 141 14.81 14.52 15.63
N THR E 142 13.82 14.76 14.78
CA THR E 142 12.44 14.40 15.06
C THR E 142 11.83 13.62 13.90
N ARG E 143 11.03 12.60 14.21
CA ARG E 143 10.36 11.83 13.19
C ARG E 143 8.88 11.87 13.47
N VAL E 144 8.08 11.84 12.39
CA VAL E 144 6.61 11.91 12.52
C VAL E 144 5.97 10.65 11.98
N GLN E 145 5.38 9.86 12.87
CA GLN E 145 4.66 8.67 12.43
C GLN E 145 3.15 8.94 12.41
N THR E 146 2.48 8.54 11.32
CA THR E 146 1.02 8.74 11.17
C THR E 146 0.26 7.42 11.17
N ALA E 147 -0.83 7.36 11.95
CA ALA E 147 -1.65 6.15 12.06
C ALA E 147 -2.31 5.83 10.72
N ILE E 148 -2.78 6.86 10.02
CA ILE E 148 -3.12 6.76 8.61
C ILE E 148 -1.84 6.96 7.80
N THR E 149 -1.44 5.95 7.03
CA THR E 149 -0.24 6.09 6.23
C THR E 149 -0.46 7.15 5.14
N MET E 150 0.50 8.08 5.03
CA MET E 150 0.41 9.26 4.17
C MET E 150 1.68 9.44 3.36
N GLY E 151 1.99 8.43 2.57
CA GLY E 151 3.09 8.48 1.63
C GLY E 151 4.30 9.20 2.16
N GLN E 152 4.70 10.24 1.44
CA GLN E 152 5.94 10.93 1.74
C GLN E 152 5.72 12.14 2.67
N VAL E 153 4.48 12.37 3.09
CA VAL E 153 4.16 13.40 4.07
C VAL E 153 4.76 13.08 5.43
N ALA E 154 4.79 11.80 5.77
CA ALA E 154 5.42 11.36 7.01
C ALA E 154 5.45 9.85 7.04
N GLU E 155 6.08 9.28 8.06
CA GLU E 155 6.32 7.83 8.13
C GLU E 155 5.12 7.01 8.56
N PRO E 156 5.08 5.73 8.20
CA PRO E 156 4.01 4.88 8.73
C PRO E 156 4.11 4.66 10.25
N TYR E 157 2.98 4.40 10.88
CA TYR E 157 2.95 4.10 12.31
C TYR E 157 3.54 2.73 12.47
N LEU E 158 4.66 2.68 13.18
CA LEU E 158 5.45 1.47 13.26
C LEU E 158 6.19 1.52 14.59
N PRO E 159 5.49 1.22 15.69
CA PRO E 159 6.03 1.52 17.04
C PRO E 159 7.39 0.90 17.35
N LEU E 160 7.73 -0.22 16.71
CA LEU E 160 9.06 -0.81 16.88
C LEU E 160 10.16 0.11 16.36
N ARG E 161 9.96 0.85 15.27
CA ARG E 161 10.99 1.83 14.92
C ARG E 161 10.87 3.11 15.68
N ALA E 162 9.68 3.41 16.17
CA ALA E 162 9.53 4.53 17.07
C ALA E 162 10.55 4.34 18.21
N VAL E 163 10.52 3.16 18.83
CA VAL E 163 11.42 2.86 19.94
C VAL E 163 12.89 2.95 19.49
N ARG E 164 13.18 2.49 18.28
CA ARG E 164 14.50 2.69 17.66
C ARG E 164 14.92 4.16 17.45
N HIS E 165 13.99 4.98 16.97
CA HIS E 165 14.24 6.40 16.85
C HIS E 165 14.56 6.95 18.21
N LEU E 166 13.79 6.53 19.20
CA LEU E 166 13.97 7.00 20.56
C LEU E 166 15.38 6.67 21.02
N GLU E 167 15.77 5.40 20.85
CA GLU E 167 17.07 4.92 21.33
C GLU E 167 18.22 5.67 20.69
N LYS E 168 17.95 6.31 19.56
CA LYS E 168 18.94 7.08 18.87
C LYS E 168 18.96 8.54 19.34
N GLY E 169 18.10 8.90 20.29
CA GLY E 169 17.98 10.29 20.72
C GLY E 169 16.92 11.12 19.99
N ARG E 170 16.41 10.61 18.89
CA ARG E 170 15.38 11.31 18.13
C ARG E 170 14.12 11.53 18.97
N VAL E 171 13.34 12.54 18.61
CA VAL E 171 11.96 12.72 19.10
C VAL E 171 10.97 12.10 18.10
N VAL E 172 9.95 11.41 18.64
CA VAL E 172 8.90 10.84 17.80
C VAL E 172 7.55 11.52 18.07
N ILE E 173 6.92 12.01 17.01
CA ILE E 173 5.58 12.61 17.13
C ILE E 173 4.63 11.70 16.41
N PHE E 174 3.55 11.29 17.10
CA PHE E 174 2.54 10.42 16.51
C PHE E 174 1.39 11.27 16.01
N GLY E 175 0.98 11.12 14.75
CA GLY E 175 -0.08 11.94 14.16
C GLY E 175 -1.24 11.12 13.61
N ALA E 176 -2.36 11.78 13.37
CA ALA E 176 -3.51 11.08 12.81
C ALA E 176 -4.18 10.15 13.84
N GLY E 177 -4.04 10.50 15.11
CA GLY E 177 -4.67 9.74 16.19
C GLY E 177 -4.29 8.28 16.09
N MET E 178 -5.30 7.42 16.13
CA MET E 178 -5.09 5.99 16.00
C MET E 178 -5.59 5.54 14.64
N GLY E 179 -5.93 6.51 13.79
CA GLY E 179 -6.49 6.23 12.49
C GLY E 179 -7.92 5.71 12.53
N LEU E 180 -8.61 5.95 13.63
CA LEU E 180 -9.95 5.43 13.86
C LEU E 180 -10.82 6.45 14.55
N PRO E 181 -12.05 6.65 14.08
CA PRO E 181 -13.01 7.51 14.77
C PRO E 181 -13.54 6.95 16.10
N TYR E 182 -14.18 7.81 16.88
CA TYR E 182 -14.67 7.52 18.25
C TYR E 182 -13.58 7.39 19.32
N PHE E 183 -12.31 7.57 18.96
CA PHE E 183 -11.20 7.57 19.93
C PHE E 183 -10.55 8.95 20.13
N SER E 184 -10.53 9.39 21.38
CA SER E 184 -9.98 10.68 21.77
C SER E 184 -8.47 10.75 21.62
N THR E 185 -7.93 11.96 21.80
CA THR E 185 -6.48 12.14 21.85
C THR E 185 -5.92 11.46 23.10
N ASP E 186 -6.60 11.60 24.24
CA ASP E 186 -6.15 10.92 25.47
C ASP E 186 -5.98 9.41 25.24
N THR E 187 -6.94 8.79 24.58
CA THR E 187 -6.85 7.35 24.34
C THR E 187 -5.65 7.05 23.45
N THR E 188 -5.44 7.85 22.42
CA THR E 188 -4.29 7.70 21.52
C THR E 188 -3.01 7.83 22.33
N ALA E 189 -3.00 8.81 23.23
CA ALA E 189 -1.91 8.99 24.18
C ALA E 189 -1.62 7.69 24.96
N ALA E 190 -2.65 7.15 25.61
CA ALA E 190 -2.50 5.91 26.40
C ALA E 190 -1.89 4.75 25.60
N GLN E 191 -2.51 4.44 24.46
CA GLN E 191 -2.16 3.28 23.65
C GLN E 191 -0.73 3.37 23.16
N ARG E 192 -0.37 4.51 22.56
CA ARG E 192 0.98 4.78 22.08
C ARG E 192 1.97 4.67 23.23
N ALA E 193 1.63 5.26 24.37
CA ALA E 193 2.41 5.11 25.60
C ALA E 193 2.63 3.62 25.88
N LEU E 194 1.56 2.84 25.80
CA LEU E 194 1.68 1.41 26.03
C LEU E 194 2.56 0.73 24.96
N GLU E 195 2.37 1.08 23.69
CA GLU E 195 3.10 0.39 22.60
C GLU E 195 4.58 0.68 22.60
N ILE E 196 4.97 1.90 22.95
CA ILE E 196 6.39 2.24 23.00
C ILE E 196 7.00 1.90 24.35
N GLY E 197 6.24 1.25 25.23
CA GLY E 197 6.76 0.93 26.55
C GLY E 197 7.19 2.15 27.34
N ALA E 198 6.43 3.23 27.20
CA ALA E 198 6.69 4.45 27.96
C ALA E 198 6.54 4.23 29.47
N ASP E 199 7.18 5.07 30.29
CA ASP E 199 7.09 4.94 31.76
C ASP E 199 5.90 5.71 32.34
N VAL E 200 5.49 6.79 31.68
CA VAL E 200 4.40 7.63 32.12
C VAL E 200 3.77 8.38 30.96
N VAL E 201 2.47 8.67 31.08
CA VAL E 201 1.79 9.57 30.16
C VAL E 201 1.80 10.95 30.79
N LEU E 202 2.56 11.87 30.22
CA LEU E 202 2.53 13.27 30.65
C LEU E 202 1.36 13.97 30.00
N MET E 203 0.40 14.38 30.82
CA MET E 203 -0.80 15.05 30.35
C MET E 203 -0.65 16.55 30.47
N ALA E 204 -0.34 17.21 29.36
CA ALA E 204 -0.13 18.65 29.35
C ALA E 204 -1.46 19.33 29.51
N LYS E 205 -1.50 20.33 30.40
CA LYS E 205 -2.71 21.05 30.75
C LYS E 205 -2.43 22.53 31.01
N ALA E 206 -3.52 23.28 31.10
CA ALA E 206 -3.52 24.72 31.41
C ALA E 206 -3.65 24.96 32.92
N VAL E 207 -4.06 23.92 33.65
CA VAL E 207 -4.19 23.94 35.09
C VAL E 207 -3.04 23.13 35.71
N ASP E 208 -2.55 23.58 36.86
CA ASP E 208 -1.30 23.05 37.46
C ASP E 208 -1.33 21.54 37.72
N GLY E 209 -2.51 21.01 38.00
CA GLY E 209 -2.72 19.57 38.14
C GLY E 209 -4.21 19.25 38.25
N VAL E 210 -4.57 18.51 39.31
CA VAL E 210 -5.98 18.32 39.69
C VAL E 210 -6.19 18.90 41.09
N LEU E 224 -4.30 18.82 44.99
CA LEU E 224 -3.99 17.40 44.86
C LEU E 224 -2.61 17.19 44.21
N THR E 225 -1.86 16.19 44.68
CA THR E 225 -0.49 15.91 44.19
C THR E 225 -0.20 14.46 43.77
N ALA E 226 -0.95 13.50 44.30
CA ALA E 226 -0.72 12.08 44.04
C ALA E 226 -1.91 11.21 44.44
N VAL E 227 -2.35 10.34 43.55
CA VAL E 227 -3.46 9.42 43.84
C VAL E 227 -3.28 8.09 43.11
N SER E 228 -4.17 7.14 43.38
CA SER E 228 -4.18 5.86 42.68
C SER E 228 -5.23 5.88 41.57
N HIS E 229 -5.21 4.87 40.72
CA HIS E 229 -6.20 4.76 39.63
C HIS E 229 -7.63 4.57 40.15
N ARG E 230 -7.78 3.78 41.21
CA ARG E 230 -9.10 3.50 41.81
C ARG E 230 -9.67 4.71 42.54
N GLU E 231 -8.79 5.48 43.18
CA GLU E 231 -9.17 6.67 43.93
C GLU E 231 -9.86 7.69 43.01
N VAL E 232 -9.31 7.84 41.81
CA VAL E 232 -9.88 8.72 40.80
C VAL E 232 -11.30 8.27 40.41
N LEU E 233 -11.45 6.96 40.21
CA LEU E 233 -12.77 6.37 39.95
C LEU E 233 -13.70 6.62 41.13
N ASP E 234 -13.20 6.38 42.34
CA ASP E 234 -14.00 6.52 43.56
C ASP E 234 -14.45 7.95 43.77
N ARG E 235 -13.50 8.87 43.92
CA ARG E 235 -13.78 10.26 44.26
C ARG E 235 -14.58 10.97 43.17
N GLY E 236 -14.24 10.69 41.91
CA GLY E 236 -14.95 11.29 40.77
C GLY E 236 -14.11 12.30 40.00
N LEU E 237 -12.88 12.52 40.45
CA LEU E 237 -11.92 13.38 39.74
C LEU E 237 -11.92 13.11 38.23
N ARG E 238 -11.62 14.16 37.45
CA ARG E 238 -11.65 14.09 35.99
C ARG E 238 -10.39 13.43 35.46
N ALA E 240 -8.54 12.51 32.75
CA ALA E 240 -8.63 12.26 31.31
C ALA E 240 -9.87 11.46 30.91
N ASP E 241 -10.29 11.67 29.67
CA ASP E 241 -11.33 10.89 29.00
C ASP E 241 -11.50 9.47 29.59
N ALA E 242 -12.76 9.07 29.82
CA ALA E 242 -13.05 7.80 30.52
C ALA E 242 -12.36 6.59 29.91
N THR E 243 -12.62 6.35 28.63
CA THR E 243 -12.02 5.24 27.87
C THR E 243 -10.49 5.23 27.85
N ALA E 244 -9.88 6.42 27.82
CA ALA E 244 -8.43 6.54 27.93
C ALA E 244 -7.96 6.04 29.29
N PHE E 245 -8.66 6.47 30.34
CA PHE E 245 -8.25 6.18 31.72
C PHE E 245 -8.30 4.70 32.06
N SER E 246 -9.26 3.99 31.45
CA SER E 246 -9.44 2.55 31.66
C SER E 246 -8.30 1.75 31.05
N LEU E 247 -7.80 2.23 29.92
CA LEU E 247 -6.68 1.59 29.22
C LEU E 247 -5.45 1.61 30.12
N CYS E 248 -5.27 2.72 30.84
CA CYS E 248 -4.13 2.92 31.71
C CYS E 248 -4.27 2.15 33.00
N MET E 249 -5.50 2.14 33.52
CA MET E 249 -5.80 1.46 34.78
C MET E 249 -5.56 -0.03 34.63
N ASP E 250 -6.02 -0.58 33.52
CA ASP E 250 -5.91 -2.02 33.27
C ASP E 250 -4.49 -2.47 32.98
N ASN E 251 -3.58 -1.51 32.76
CA ASN E 251 -2.18 -1.81 32.53
C ASN E 251 -1.25 -1.10 33.50
N GLY E 252 -1.82 -0.43 34.48
CA GLY E 252 -1.04 0.21 35.52
C GLY E 252 -0.14 1.31 35.03
N MET E 253 -0.55 1.97 33.94
CA MET E 253 0.22 3.06 33.34
C MET E 253 0.07 4.33 34.17
N PRO E 254 1.19 4.91 34.62
CA PRO E 254 1.09 6.17 35.36
C PRO E 254 0.64 7.33 34.46
N ILE E 255 0.01 8.32 35.06
CA ILE E 255 -0.44 9.51 34.34
C ILE E 255 -0.08 10.75 35.12
N LEU E 256 0.69 11.66 34.51
CA LEU E 256 1.04 12.91 35.16
C LEU E 256 0.34 14.10 34.50
N VAL E 257 -0.74 14.57 35.12
CA VAL E 257 -1.43 15.79 34.71
C VAL E 257 -0.67 17.00 35.28
N PHE E 258 -0.15 17.84 34.40
CA PHE E 258 0.67 18.98 34.82
C PHE E 258 0.48 20.17 33.89
N ASN E 259 0.97 21.32 34.31
CA ASN E 259 0.67 22.58 33.66
C ASN E 259 1.77 23.00 32.72
N LEU E 260 1.68 22.51 31.49
CA LEU E 260 2.66 22.81 30.46
C LEU E 260 2.96 24.29 30.31
N LEU E 261 2.04 25.15 30.75
CA LEU E 261 2.15 26.61 30.57
C LEU E 261 3.31 27.25 31.35
N THR E 262 3.27 27.16 32.68
CA THR E 262 4.39 27.60 33.51
C THR E 262 5.68 27.02 32.93
N ASP E 263 6.65 27.89 32.68
CA ASP E 263 7.90 27.50 32.00
C ASP E 263 8.70 26.46 32.80
N GLY E 264 9.52 25.68 32.09
CA GLY E 264 10.41 24.69 32.71
C GLY E 264 9.71 23.53 33.41
N ASN E 265 8.40 23.40 33.20
CA ASN E 265 7.59 22.46 33.97
C ASN E 265 7.69 21.03 33.43
N ILE E 266 8.06 20.89 32.16
CA ILE E 266 8.26 19.58 31.56
C ILE E 266 9.57 18.97 32.09
N ALA E 267 10.62 19.78 32.13
CA ALA E 267 11.94 19.37 32.62
C ALA E 267 11.89 18.98 34.10
N ARG E 268 10.88 19.49 34.79
CA ARG E 268 10.65 19.13 36.18
C ARG E 268 10.10 17.72 36.31
N ALA E 269 9.02 17.45 35.58
CA ALA E 269 8.33 16.15 35.65
C ALA E 269 9.22 14.96 35.32
N VAL E 270 10.00 15.09 34.25
CA VAL E 270 10.88 14.00 33.81
C VAL E 270 12.04 13.69 34.76
N ARG E 271 12.28 14.57 35.74
CA ARG E 271 13.23 14.31 36.82
C ARG E 271 12.52 13.89 38.12
N GLY E 272 11.30 13.35 37.97
CA GLY E 272 10.55 12.78 39.10
C GLY E 272 10.13 13.76 40.18
N GLU E 273 10.24 15.05 39.90
CA GLU E 273 9.99 16.10 40.88
C GLU E 273 8.49 16.16 41.21
N LYS E 274 8.17 16.53 42.45
CA LYS E 274 6.77 16.57 42.90
C LYS E 274 6.00 17.70 42.21
N ILE E 275 5.38 17.38 41.07
CA ILE E 275 4.66 18.37 40.25
C ILE E 275 3.28 17.86 39.86
N GLY E 276 2.30 18.75 39.85
CA GLY E 276 0.97 18.43 39.36
C GLY E 276 0.28 17.29 40.10
N THR E 277 -0.16 16.28 39.36
CA THR E 277 -0.88 15.14 39.92
C THR E 277 -0.40 13.84 39.26
N LEU E 278 -0.15 12.81 40.07
CA LEU E 278 0.34 11.53 39.60
C LEU E 278 -0.71 10.47 39.89
N VAL E 279 -1.04 9.67 38.89
CA VAL E 279 -2.07 8.64 39.04
C VAL E 279 -1.41 7.26 38.98
N THR E 280 -0.32 7.11 39.73
CA THR E 280 0.36 5.82 39.88
C THR E 280 -0.46 4.96 40.83
N THR E 281 -0.76 3.73 40.43
CA THR E 281 -1.51 2.79 41.27
C THR E 281 -0.57 1.82 42.00
N GLY F 49 -15.20 -28.42 -26.64
CA GLY F 49 -15.20 -26.96 -26.32
C GLY F 49 -14.58 -26.67 -24.96
N TYR F 50 -13.95 -25.50 -24.82
CA TYR F 50 -13.39 -25.07 -23.54
C TYR F 50 -14.19 -23.87 -22.99
N SER F 51 -14.60 -23.96 -21.73
CA SER F 51 -15.49 -22.95 -21.16
C SER F 51 -14.72 -21.71 -20.73
N ARG F 52 -13.61 -21.89 -19.99
CA ARG F 52 -12.67 -20.80 -19.78
C ARG F 52 -11.19 -21.20 -19.86
N VAL F 53 -10.42 -20.35 -20.53
CA VAL F 53 -9.03 -20.68 -20.83
C VAL F 53 -8.02 -19.65 -20.32
N LEU F 54 -6.80 -20.12 -20.07
CA LEU F 54 -5.69 -19.22 -19.89
C LEU F 54 -4.86 -19.25 -21.14
N LEU F 55 -4.80 -18.13 -21.83
CA LEU F 55 -3.98 -17.99 -23.02
C LEU F 55 -2.63 -17.39 -22.63
N LYS F 56 -1.56 -18.12 -22.91
CA LYS F 56 -0.20 -17.66 -22.64
C LYS F 56 0.51 -17.35 -23.95
N LEU F 57 1.27 -16.27 -23.95
CA LEU F 57 2.12 -15.90 -25.10
C LEU F 57 3.48 -15.45 -24.59
N GLY F 58 4.55 -15.87 -25.26
CA GLY F 58 5.87 -15.25 -25.07
C GLY F 58 5.85 -13.80 -25.53
N GLY F 59 6.54 -12.93 -24.82
CA GLY F 59 6.61 -11.53 -25.24
C GLY F 59 7.01 -11.33 -26.72
N GLU F 60 7.89 -12.19 -27.20
CA GLU F 60 8.36 -12.09 -28.60
C GLU F 60 7.25 -12.23 -29.66
N MET F 61 6.13 -12.87 -29.33
CA MET F 61 4.98 -12.90 -30.24
C MET F 61 4.55 -11.47 -30.59
N PHE F 62 4.49 -10.62 -29.56
CA PHE F 62 4.10 -9.21 -29.71
C PHE F 62 5.14 -8.37 -30.44
N GLY F 63 6.33 -8.94 -30.65
CA GLY F 63 7.34 -8.32 -31.49
C GLY F 63 7.12 -8.49 -32.99
N GLY F 64 6.40 -9.54 -33.40
CA GLY F 64 6.30 -9.94 -34.81
C GLY F 64 7.72 -10.01 -35.35
N GLY F 65 8.56 -10.61 -34.51
CA GLY F 65 9.87 -10.03 -34.21
C GLY F 65 10.99 -10.19 -35.20
N GLN F 66 11.98 -9.30 -35.14
CA GLN F 66 11.94 -7.95 -34.52
C GLN F 66 11.70 -7.77 -33.01
N VAL F 67 12.27 -6.69 -32.49
CA VAL F 67 12.25 -6.41 -31.07
C VAL F 67 11.25 -5.30 -30.80
N GLY F 68 10.77 -5.20 -29.57
CA GLY F 68 9.77 -4.21 -29.22
C GLY F 68 8.35 -4.64 -29.55
N LEU F 69 7.48 -3.66 -29.80
CA LEU F 69 6.05 -3.89 -29.86
C LEU F 69 5.48 -3.57 -31.24
N ASP F 70 4.98 -4.61 -31.90
CA ASP F 70 4.36 -4.44 -33.20
C ASP F 70 2.84 -4.29 -33.06
N PRO F 71 2.26 -3.19 -33.57
CA PRO F 71 0.83 -2.95 -33.33
C PRO F 71 -0.11 -3.81 -34.18
N ASP F 72 0.34 -4.21 -35.36
CA ASP F 72 -0.48 -5.05 -36.23
C ASP F 72 -0.63 -6.45 -35.63
N VAL F 73 0.35 -6.88 -34.83
CA VAL F 73 0.27 -8.17 -34.15
C VAL F 73 -0.64 -8.03 -32.94
N VAL F 74 -0.46 -6.97 -32.17
CA VAL F 74 -1.34 -6.75 -31.02
C VAL F 74 -2.77 -6.66 -31.54
N ALA F 75 -2.95 -5.89 -32.62
CA ALA F 75 -4.24 -5.75 -33.30
C ALA F 75 -4.79 -7.11 -33.68
N GLN F 76 -4.01 -7.86 -34.46
CA GLN F 76 -4.40 -9.20 -34.89
C GLN F 76 -4.81 -10.06 -33.71
N VAL F 77 -4.00 -10.04 -32.66
CA VAL F 77 -4.24 -10.89 -31.51
C VAL F 77 -5.47 -10.44 -30.75
N ALA F 78 -5.70 -9.14 -30.61
CA ALA F 78 -6.91 -8.66 -29.93
C ALA F 78 -8.15 -8.97 -30.74
N ARG F 79 -8.00 -8.91 -32.05
CA ARG F 79 -9.08 -9.21 -32.98
C ARG F 79 -9.58 -10.63 -32.77
N GLN F 80 -8.65 -11.55 -32.56
CA GLN F 80 -8.97 -12.96 -32.44
C GLN F 80 -9.45 -13.31 -31.05
N ILE F 81 -8.91 -12.65 -30.02
CA ILE F 81 -9.40 -12.85 -28.65
C ILE F 81 -10.84 -12.33 -28.58
N ALA F 82 -11.08 -11.25 -29.31
CA ALA F 82 -12.42 -10.64 -29.42
C ALA F 82 -13.45 -11.60 -30.00
N ASP F 83 -13.05 -12.40 -30.98
CA ASP F 83 -13.94 -13.42 -31.56
C ASP F 83 -14.26 -14.52 -30.57
N VAL F 84 -13.23 -15.02 -29.91
CA VAL F 84 -13.38 -16.05 -28.87
C VAL F 84 -14.34 -15.59 -27.78
N VAL F 85 -14.28 -14.32 -27.43
CA VAL F 85 -15.13 -13.78 -26.36
C VAL F 85 -16.58 -13.64 -26.83
N ARG F 86 -16.76 -13.04 -27.99
CA ARG F 86 -18.09 -12.88 -28.58
C ARG F 86 -18.79 -14.25 -28.80
N GLY F 87 -17.97 -15.30 -28.94
CA GLY F 87 -18.45 -16.67 -29.00
C GLY F 87 -19.00 -17.18 -27.67
N GLY F 88 -18.64 -16.51 -26.57
CA GLY F 88 -19.12 -16.88 -25.23
C GLY F 88 -18.05 -17.49 -24.30
N VAL F 89 -16.83 -17.64 -24.79
CA VAL F 89 -15.72 -18.13 -23.96
C VAL F 89 -15.22 -17.03 -23.00
N GLN F 90 -14.74 -17.46 -21.84
CA GLN F 90 -14.03 -16.57 -20.91
C GLN F 90 -12.53 -16.80 -21.07
N ILE F 91 -11.74 -15.73 -21.09
CA ILE F 91 -10.31 -15.79 -21.44
C ILE F 91 -9.47 -14.95 -20.49
N ALA F 92 -8.57 -15.59 -19.77
CA ALA F 92 -7.51 -14.88 -19.05
C ALA F 92 -6.28 -14.99 -19.93
N VAL F 93 -5.44 -13.96 -19.90
CA VAL F 93 -4.27 -13.90 -20.77
C VAL F 93 -3.02 -13.61 -19.94
N VAL F 94 -1.91 -14.19 -20.36
CA VAL F 94 -0.64 -14.00 -19.70
C VAL F 94 0.41 -13.83 -20.78
N ILE F 95 1.08 -12.69 -20.78
CA ILE F 95 2.09 -12.39 -21.80
C ILE F 95 3.46 -12.35 -21.11
N GLY F 96 4.50 -12.78 -21.81
CA GLY F 96 5.89 -12.59 -21.35
C GLY F 96 6.41 -11.21 -21.69
N GLY F 97 7.66 -10.92 -21.38
CA GLY F 97 8.24 -9.61 -21.63
C GLY F 97 9.50 -9.62 -22.47
N GLY F 98 9.83 -10.77 -23.06
CA GLY F 98 11.06 -10.95 -23.81
C GLY F 98 11.27 -10.02 -25.00
N ASN F 99 10.19 -9.52 -25.59
CA ASN F 99 10.34 -8.63 -26.75
C ASN F 99 11.02 -7.27 -26.51
N PHE F 100 11.34 -6.93 -25.27
CA PHE F 100 12.00 -5.67 -24.95
C PHE F 100 13.46 -5.83 -24.58
N PHE F 101 14.00 -7.01 -24.84
CA PHE F 101 15.42 -7.27 -24.61
C PHE F 101 16.04 -7.64 -25.96
N ARG F 102 17.20 -7.06 -26.25
CA ARG F 102 17.92 -7.36 -27.47
C ARG F 102 18.53 -8.74 -27.26
N GLY F 103 17.91 -9.76 -27.87
CA GLY F 103 18.31 -11.13 -27.61
C GLY F 103 18.46 -11.34 -26.11
N ALA F 104 19.71 -11.37 -25.64
CA ALA F 104 20.02 -11.47 -24.20
C ALA F 104 21.38 -10.88 -23.86
N GLN F 105 21.59 -9.63 -24.25
CA GLN F 105 22.83 -8.91 -23.97
C GLN F 105 23.09 -8.80 -22.49
N LEU F 106 22.29 -7.99 -21.81
CA LEU F 106 22.56 -7.56 -20.43
C LEU F 106 22.53 -8.72 -19.44
N GLN F 107 21.73 -9.74 -19.76
CA GLN F 107 21.75 -10.98 -18.97
C GLN F 107 23.14 -11.61 -19.08
N GLN F 108 23.61 -11.77 -20.30
CA GLN F 108 25.00 -12.17 -20.53
C GLN F 108 25.92 -11.18 -19.80
N LEU F 109 25.86 -9.91 -20.21
CA LEU F 109 26.78 -8.84 -19.75
C LEU F 109 27.01 -8.69 -18.23
N GLY F 110 26.11 -9.24 -17.42
CA GLY F 110 26.35 -9.31 -15.96
C GLY F 110 25.26 -8.77 -15.04
N MET F 111 24.07 -8.54 -15.55
CA MET F 111 22.95 -8.18 -14.69
C MET F 111 22.66 -9.30 -13.70
N GLU F 112 22.35 -8.90 -12.47
CA GLU F 112 21.79 -9.81 -11.48
C GLU F 112 20.51 -10.41 -12.02
N ARG F 113 20.44 -11.75 -12.01
CA ARG F 113 19.26 -12.51 -12.46
C ARG F 113 17.97 -11.90 -12.01
N THR F 114 17.91 -11.58 -10.73
CA THR F 114 16.75 -10.96 -10.12
C THR F 114 16.37 -9.66 -10.83
N ARG F 115 17.35 -8.85 -11.18
CA ARG F 115 17.09 -7.59 -11.86
C ARG F 115 16.65 -7.81 -13.31
N SER F 116 17.20 -8.80 -14.00
CA SER F 116 16.67 -9.18 -15.31
C SER F 116 15.22 -9.58 -15.17
N ASP F 117 14.94 -10.49 -14.23
CA ASP F 117 13.57 -10.91 -13.98
C ASP F 117 12.63 -9.72 -13.88
N TYR F 118 12.98 -8.72 -13.08
CA TYR F 118 12.10 -7.58 -12.90
C TYR F 118 11.95 -6.75 -14.17
N MET F 119 13.00 -6.69 -14.98
CA MET F 119 12.91 -5.97 -16.22
C MET F 119 11.89 -6.65 -17.11
N GLY F 120 11.97 -7.98 -17.19
CA GLY F 120 10.98 -8.78 -17.90
C GLY F 120 9.57 -8.53 -17.41
N MET F 121 9.40 -8.44 -16.10
CA MET F 121 8.07 -8.26 -15.52
C MET F 121 7.47 -6.93 -15.90
N LEU F 122 8.32 -5.91 -15.94
CA LEU F 122 7.90 -4.64 -16.47
C LEU F 122 7.54 -4.76 -17.96
N GLY F 123 8.22 -5.66 -18.66
CA GLY F 123 7.95 -5.91 -20.07
C GLY F 123 6.55 -6.43 -20.23
N THR F 124 6.20 -7.43 -19.41
CA THR F 124 4.89 -8.05 -19.45
C THR F 124 3.79 -7.00 -19.29
N VAL F 125 4.03 -6.02 -18.43
CA VAL F 125 3.00 -5.04 -18.15
C VAL F 125 2.83 -4.13 -19.36
N MET F 126 3.94 -3.70 -19.97
CA MET F 126 3.87 -2.90 -21.19
C MET F 126 3.06 -3.62 -22.28
N ASN F 127 3.29 -4.92 -22.43
CA ASN F 127 2.50 -5.72 -23.37
C ASN F 127 1.03 -5.78 -22.92
N SER F 128 0.80 -5.93 -21.60
CA SER F 128 -0.56 -6.06 -21.08
C SER F 128 -1.37 -4.79 -21.37
N LEU F 129 -0.81 -3.64 -20.98
CA LEU F 129 -1.44 -2.34 -21.27
C LEU F 129 -1.74 -2.21 -22.78
N ALA F 130 -0.81 -2.66 -23.61
CA ALA F 130 -1.01 -2.57 -25.05
C ALA F 130 -2.21 -3.40 -25.47
N LEU F 131 -2.20 -4.68 -25.11
CA LEU F 131 -3.28 -5.57 -25.50
C LEU F 131 -4.61 -5.03 -25.02
N GLN F 132 -4.64 -4.47 -23.82
CA GLN F 132 -5.87 -3.89 -23.26
C GLN F 132 -6.49 -2.88 -24.21
N ASP F 133 -5.66 -2.01 -24.75
CA ASP F 133 -6.13 -0.94 -25.61
C ASP F 133 -6.79 -1.54 -26.84
N PHE F 134 -6.07 -2.43 -27.53
CA PHE F 134 -6.56 -3.04 -28.79
C PHE F 134 -7.81 -3.92 -28.61
N LEU F 135 -8.05 -4.39 -27.40
CA LEU F 135 -9.24 -5.15 -27.12
C LEU F 135 -10.40 -4.20 -26.87
N GLU F 136 -10.15 -3.15 -26.09
CA GLU F 136 -11.18 -2.14 -25.82
C GLU F 136 -11.66 -1.50 -27.12
N LYS F 137 -10.72 -1.29 -28.02
CA LYS F 137 -11.02 -0.80 -29.37
C LYS F 137 -11.86 -1.83 -30.12
N GLU F 138 -11.59 -3.11 -29.88
CA GLU F 138 -12.32 -4.20 -30.50
C GLU F 138 -13.71 -4.38 -29.86
N GLY F 139 -14.05 -3.52 -28.91
CA GLY F 139 -15.37 -3.54 -28.28
C GLY F 139 -15.42 -4.32 -26.97
N ILE F 140 -14.29 -4.84 -26.54
CA ILE F 140 -14.23 -5.81 -25.44
C ILE F 140 -13.64 -5.22 -24.15
N VAL F 141 -14.42 -5.28 -23.07
CA VAL F 141 -14.00 -4.72 -21.78
C VAL F 141 -12.87 -5.57 -21.18
N THR F 142 -11.76 -4.92 -20.88
CA THR F 142 -10.54 -5.59 -20.51
C THR F 142 -9.99 -4.98 -19.22
N ARG F 143 -9.61 -5.85 -18.29
CA ARG F 143 -8.93 -5.44 -17.09
C ARG F 143 -7.53 -6.00 -17.05
N VAL F 144 -6.61 -5.24 -16.46
CA VAL F 144 -5.24 -5.72 -16.22
C VAL F 144 -4.97 -5.77 -14.72
N GLN F 145 -4.64 -6.97 -14.25
CA GLN F 145 -4.26 -7.15 -12.86
C GLN F 145 -2.77 -7.44 -12.81
N THR F 146 -2.00 -6.61 -12.08
CA THR F 146 -0.55 -6.82 -11.92
C THR F 146 -0.18 -7.46 -10.59
N ALA F 147 0.71 -8.46 -10.65
CA ALA F 147 1.27 -9.16 -9.46
C ALA F 147 2.03 -8.23 -8.52
N ILE F 148 2.61 -7.19 -9.12
CA ILE F 148 3.24 -6.07 -8.43
C ILE F 148 2.23 -4.94 -8.44
N THR F 149 1.85 -4.45 -7.28
CA THR F 149 0.82 -3.45 -7.22
C THR F 149 1.39 -2.17 -7.80
N MET F 150 0.76 -1.67 -8.87
CA MET F 150 1.14 -0.41 -9.52
C MET F 150 -0.08 0.48 -9.62
N GLY F 151 -0.41 1.10 -8.49
CA GLY F 151 -1.66 1.84 -8.26
C GLY F 151 -2.55 2.20 -9.44
N GLN F 152 -2.14 3.21 -10.18
CA GLN F 152 -2.96 3.79 -11.25
C GLN F 152 -2.87 3.01 -12.55
N VAL F 153 -1.77 2.28 -12.73
CA VAL F 153 -1.47 1.60 -13.98
C VAL F 153 -2.47 0.47 -14.26
N ALA F 154 -2.84 -0.26 -13.23
CA ALA F 154 -3.73 -1.42 -13.38
C ALA F 154 -4.30 -1.75 -12.03
N GLU F 155 -5.23 -2.70 -11.98
CA GLU F 155 -5.74 -3.23 -10.70
C GLU F 155 -4.69 -4.11 -10.03
N PRO F 156 -4.77 -4.26 -8.71
CA PRO F 156 -3.91 -5.26 -8.05
C PRO F 156 -4.32 -6.67 -8.43
N TYR F 157 -3.58 -7.66 -7.95
CA TYR F 157 -3.92 -9.06 -8.21
C TYR F 157 -4.95 -9.52 -7.22
N LEU F 158 -6.15 -9.70 -7.75
CA LEU F 158 -7.31 -10.11 -6.99
C LEU F 158 -8.03 -11.20 -7.80
N PRO F 159 -7.76 -12.48 -7.47
CA PRO F 159 -8.28 -13.64 -8.18
C PRO F 159 -9.81 -13.74 -8.21
N LEU F 160 -10.45 -13.40 -7.10
CA LEU F 160 -11.90 -13.45 -7.03
C LEU F 160 -12.51 -12.33 -7.88
N ARG F 161 -11.92 -11.16 -7.82
CA ARG F 161 -12.24 -10.05 -8.74
C ARG F 161 -12.16 -10.52 -10.17
N ALA F 162 -11.03 -11.13 -10.52
CA ALA F 162 -10.76 -11.54 -11.90
C ALA F 162 -11.82 -12.52 -12.40
N VAL F 163 -12.14 -13.52 -11.58
CA VAL F 163 -13.19 -14.46 -11.92
C VAL F 163 -14.51 -13.72 -12.17
N ARG F 164 -14.85 -12.79 -11.27
CA ARG F 164 -16.08 -12.01 -11.44
C ARG F 164 -16.01 -11.18 -12.71
N HIS F 165 -14.83 -10.68 -13.06
CA HIS F 165 -14.67 -10.00 -14.34
C HIS F 165 -14.97 -10.93 -15.49
N LEU F 166 -14.37 -12.11 -15.44
CA LEU F 166 -14.54 -13.11 -16.50
C LEU F 166 -16.02 -13.45 -16.69
N GLU F 167 -16.70 -13.78 -15.60
CA GLU F 167 -18.11 -14.15 -15.70
C GLU F 167 -19.03 -12.97 -16.09
N LYS F 168 -18.52 -11.74 -15.96
CA LYS F 168 -19.20 -10.56 -16.53
C LYS F 168 -18.89 -10.37 -18.04
N GLY F 169 -18.13 -11.30 -18.61
CA GLY F 169 -17.80 -11.27 -20.03
C GLY F 169 -16.67 -10.34 -20.42
N ARG F 170 -15.67 -10.21 -19.55
CA ARG F 170 -14.51 -9.35 -19.78
C ARG F 170 -13.31 -10.25 -19.99
N VAL F 171 -12.24 -9.69 -20.53
CA VAL F 171 -10.94 -10.34 -20.52
C VAL F 171 -10.13 -9.82 -19.33
N VAL F 172 -9.35 -10.71 -18.73
CA VAL F 172 -8.46 -10.33 -17.64
C VAL F 172 -7.05 -10.66 -18.09
N ILE F 173 -6.19 -9.63 -18.13
CA ILE F 173 -4.81 -9.85 -18.50
C ILE F 173 -4.05 -9.86 -17.20
N PHE F 174 -3.27 -10.91 -16.95
CA PHE F 174 -2.45 -10.93 -15.73
C PHE F 174 -1.05 -10.50 -16.05
N GLY F 175 -0.58 -9.47 -15.37
CA GLY F 175 0.71 -8.86 -15.67
C GLY F 175 1.72 -8.95 -14.53
N ALA F 176 2.97 -8.61 -14.86
CA ALA F 176 4.09 -8.58 -13.94
C ALA F 176 4.43 -9.99 -13.40
N GLY F 177 4.01 -11.03 -14.12
CA GLY F 177 4.30 -12.41 -13.75
C GLY F 177 3.68 -12.67 -12.41
N MET F 178 4.46 -13.21 -11.47
CA MET F 178 3.98 -13.36 -10.10
C MET F 178 4.69 -12.41 -9.12
N GLY F 179 5.53 -11.53 -9.66
CA GLY F 179 6.28 -10.59 -8.85
C GLY F 179 7.44 -11.25 -8.13
N LEU F 180 7.67 -12.52 -8.44
CA LEU F 180 8.70 -13.30 -7.82
C LEU F 180 9.66 -13.73 -8.93
N PRO F 181 10.95 -13.35 -8.80
CA PRO F 181 12.06 -13.87 -9.59
C PRO F 181 12.23 -15.39 -9.53
N TYR F 182 13.08 -15.93 -10.40
CA TYR F 182 13.26 -17.38 -10.58
C TYR F 182 11.98 -18.13 -11.01
N PHE F 183 10.98 -17.42 -11.53
CA PHE F 183 9.81 -18.08 -12.12
C PHE F 183 9.57 -17.52 -13.51
N SER F 184 9.19 -18.41 -14.42
CA SER F 184 8.97 -18.03 -15.82
C SER F 184 7.54 -17.60 -16.07
N THR F 185 7.29 -17.13 -17.27
CA THR F 185 5.96 -16.76 -17.70
C THR F 185 5.05 -17.99 -17.74
N ASP F 186 5.61 -19.15 -18.06
CA ASP F 186 4.82 -20.37 -18.13
C ASP F 186 4.32 -20.76 -16.73
N THR F 187 5.12 -20.45 -15.71
CA THR F 187 4.79 -20.79 -14.31
C THR F 187 3.71 -19.84 -13.82
N THR F 188 3.86 -18.57 -14.20
CA THR F 188 2.85 -17.56 -13.91
C THR F 188 1.54 -18.00 -14.52
N ALA F 189 1.61 -18.45 -15.76
CA ALA F 189 0.44 -18.91 -16.52
C ALA F 189 -0.25 -20.10 -15.82
N ALA F 190 0.55 -21.03 -15.32
CA ALA F 190 0.04 -22.20 -14.65
C ALA F 190 -0.68 -21.82 -13.36
N GLN F 191 0.00 -21.04 -12.52
CA GLN F 191 -0.56 -20.67 -11.23
C GLN F 191 -1.86 -19.90 -11.39
N ARG F 192 -1.80 -18.90 -12.26
CA ARG F 192 -2.96 -18.07 -12.57
C ARG F 192 -4.13 -18.92 -13.09
N ALA F 193 -3.83 -19.84 -14.01
CA ALA F 193 -4.83 -20.74 -14.54
C ALA F 193 -5.48 -21.59 -13.43
N LEU F 194 -4.69 -22.05 -12.47
CA LEU F 194 -5.21 -22.81 -11.33
C LEU F 194 -6.04 -21.93 -10.40
N GLU F 195 -5.58 -20.73 -10.13
CA GLU F 195 -6.33 -19.82 -9.27
C GLU F 195 -7.71 -19.51 -9.81
N ILE F 196 -7.77 -19.15 -11.09
CA ILE F 196 -9.03 -18.74 -11.70
C ILE F 196 -9.86 -19.95 -12.17
N GLY F 197 -9.39 -21.16 -11.89
CA GLY F 197 -10.12 -22.38 -12.23
C GLY F 197 -10.29 -22.60 -13.73
N ALA F 198 -9.25 -22.31 -14.50
CA ALA F 198 -9.29 -22.43 -15.95
C ALA F 198 -9.29 -23.91 -16.34
N ASP F 199 -9.90 -24.19 -17.49
CA ASP F 199 -10.06 -25.57 -18.01
C ASP F 199 -8.75 -26.04 -18.64
N VAL F 200 -7.99 -25.10 -19.19
CA VAL F 200 -6.76 -25.40 -19.90
C VAL F 200 -5.81 -24.21 -19.90
N VAL F 201 -4.52 -24.53 -20.05
CA VAL F 201 -3.51 -23.54 -20.39
C VAL F 201 -3.24 -23.63 -21.88
N LEU F 202 -3.64 -22.60 -22.62
CA LEU F 202 -3.32 -22.55 -24.05
C LEU F 202 -1.98 -21.90 -24.23
N MET F 203 -1.06 -22.58 -24.91
CA MET F 203 0.28 -22.02 -25.14
C MET F 203 0.54 -21.64 -26.58
N ALA F 204 0.29 -20.38 -26.88
CA ALA F 204 0.45 -19.88 -28.24
C ALA F 204 1.93 -19.73 -28.60
N LYS F 205 2.43 -20.66 -29.42
CA LYS F 205 3.81 -20.64 -29.87
C LYS F 205 3.87 -20.21 -31.34
N ALA F 206 5.07 -20.13 -31.91
CA ALA F 206 5.26 -19.92 -33.35
C ALA F 206 5.70 -21.22 -33.99
N VAL F 207 5.27 -22.32 -33.38
CA VAL F 207 5.51 -23.66 -33.90
C VAL F 207 4.18 -24.40 -33.85
N ASP F 208 4.01 -25.40 -34.70
CA ASP F 208 2.76 -26.16 -34.79
C ASP F 208 2.43 -26.92 -33.51
N GLY F 209 3.46 -27.34 -32.78
CA GLY F 209 3.24 -28.03 -31.52
C GLY F 209 4.49 -28.58 -30.89
N VAL F 210 4.33 -29.75 -30.27
CA VAL F 210 5.43 -30.50 -29.65
C VAL F 210 5.74 -31.71 -30.52
N PHE F 211 7.02 -32.06 -30.65
CA PHE F 211 7.43 -33.10 -31.59
C PHE F 211 7.96 -34.37 -30.93
N ALA F 212 9.26 -34.40 -30.67
CA ALA F 212 10.03 -35.65 -30.65
C ALA F 212 10.52 -35.83 -32.08
N GLU F 213 11.56 -35.10 -32.49
CA GLU F 213 12.29 -34.12 -31.66
C GLU F 213 13.31 -33.42 -32.53
N ASP F 214 13.12 -32.11 -32.81
CA ASP F 214 14.10 -31.34 -33.59
C ASP F 214 14.90 -30.34 -32.75
N GLU F 222 8.05 -34.63 -36.63
CA GLU F 222 7.17 -35.75 -36.27
C GLU F 222 6.03 -35.35 -35.30
N LEU F 223 5.50 -34.14 -35.44
CA LEU F 223 4.55 -33.52 -34.49
C LEU F 223 3.49 -34.47 -33.89
N LEU F 224 3.49 -34.57 -32.57
CA LEU F 224 2.49 -35.37 -31.86
C LEU F 224 1.20 -34.60 -31.74
N THR F 225 0.14 -35.29 -31.29
CA THR F 225 -1.22 -34.75 -31.27
C THR F 225 -1.90 -34.86 -29.91
N ALA F 226 -1.65 -35.96 -29.20
CA ALA F 226 -2.11 -36.12 -27.82
C ALA F 226 -1.06 -36.92 -27.05
N VAL F 227 -0.73 -36.45 -25.84
CA VAL F 227 0.14 -37.17 -24.92
C VAL F 227 -0.33 -36.97 -23.48
N SER F 228 0.06 -37.89 -22.58
CA SER F 228 -0.17 -37.68 -21.16
C SER F 228 0.93 -36.81 -20.56
N HIS F 229 0.69 -36.31 -19.34
CA HIS F 229 1.70 -35.55 -18.62
C HIS F 229 2.88 -36.46 -18.30
N ARG F 230 2.57 -37.61 -17.69
CA ARG F 230 3.55 -38.67 -17.45
C ARG F 230 4.44 -38.93 -18.66
N GLU F 231 3.82 -39.14 -19.82
CA GLU F 231 4.50 -39.38 -21.09
C GLU F 231 5.50 -38.29 -21.53
N VAL F 232 5.29 -37.05 -21.08
CA VAL F 232 6.18 -35.95 -21.43
C VAL F 232 7.49 -36.04 -20.64
N LEU F 233 7.40 -36.50 -19.39
CA LEU F 233 8.59 -36.70 -18.57
C LEU F 233 9.42 -37.90 -19.04
N ASP F 234 8.89 -39.11 -18.89
CA ASP F 234 9.64 -40.39 -19.08
C ASP F 234 10.58 -40.40 -20.28
N ARG F 235 10.16 -39.73 -21.35
CA ARG F 235 10.99 -39.50 -22.51
C ARG F 235 10.16 -38.67 -23.47
N GLY F 236 10.54 -37.42 -23.71
CA GLY F 236 11.56 -36.68 -22.95
C GLY F 236 11.49 -35.24 -23.39
N LEU F 237 10.25 -34.75 -23.51
CA LEU F 237 9.92 -33.59 -24.31
C LEU F 237 9.98 -32.30 -23.53
N ARG F 238 9.92 -31.19 -24.26
CA ARG F 238 9.71 -29.88 -23.66
C ARG F 238 8.40 -29.25 -24.17
N VAL F 239 7.38 -29.32 -23.33
CA VAL F 239 6.13 -28.60 -23.54
C VAL F 239 6.24 -27.17 -23.00
N ALA F 240 6.90 -27.05 -21.85
CA ALA F 240 7.10 -25.77 -21.20
C ALA F 240 8.27 -25.85 -20.21
N ASP F 241 8.40 -24.81 -19.40
CA ASP F 241 9.37 -24.79 -18.31
C ASP F 241 9.20 -26.04 -17.40
N ALA F 242 10.32 -26.56 -16.89
CA ALA F 242 10.29 -27.71 -15.99
C ALA F 242 9.40 -27.47 -14.79
N THR F 243 9.65 -26.36 -14.11
CA THR F 243 8.89 -25.96 -12.94
C THR F 243 7.44 -25.68 -13.29
N ALA F 244 7.19 -25.07 -14.44
CA ALA F 244 5.83 -24.81 -14.87
C ALA F 244 5.10 -26.11 -15.11
N PHE F 245 5.78 -27.06 -15.75
CA PHE F 245 5.12 -28.31 -16.14
C PHE F 245 4.66 -29.10 -14.92
N SER F 246 5.53 -29.12 -13.91
CA SER F 246 5.28 -29.84 -12.68
C SER F 246 4.02 -29.35 -11.98
N LEU F 247 3.88 -28.04 -11.89
CA LEU F 247 2.71 -27.41 -11.25
C LEU F 247 1.42 -27.85 -11.93
N CYS F 248 1.45 -27.84 -13.27
CA CYS F 248 0.34 -28.31 -14.07
C CYS F 248 0.10 -29.79 -13.79
N MET F 249 1.16 -30.60 -13.85
CA MET F 249 1.01 -32.04 -13.65
C MET F 249 0.54 -32.37 -12.24
N ASP F 250 1.21 -31.82 -11.23
CA ASP F 250 0.84 -32.09 -9.85
C ASP F 250 -0.61 -31.74 -9.60
N ASN F 251 -1.21 -30.95 -10.49
CA ASN F 251 -2.61 -30.58 -10.37
C ASN F 251 -3.54 -31.07 -11.49
N GLY F 252 -3.01 -31.83 -12.45
CA GLY F 252 -3.84 -32.38 -13.53
C GLY F 252 -4.35 -31.37 -14.53
N MET F 253 -3.67 -30.24 -14.66
CA MET F 253 -4.09 -29.14 -15.53
C MET F 253 -3.69 -29.35 -16.99
N PRO F 254 -4.67 -29.38 -17.90
CA PRO F 254 -4.35 -29.59 -19.32
C PRO F 254 -3.50 -28.47 -19.92
N ILE F 255 -2.74 -28.79 -20.97
CA ILE F 255 -1.93 -27.81 -21.69
C ILE F 255 -2.05 -28.05 -23.19
N LEU F 256 -2.52 -27.04 -23.94
CA LEU F 256 -2.59 -27.16 -25.39
C LEU F 256 -1.61 -26.19 -26.07
N VAL F 257 -0.67 -26.77 -26.81
CA VAL F 257 0.38 -26.03 -27.49
C VAL F 257 0.02 -25.93 -28.96
N PHE F 258 -0.10 -24.71 -29.48
CA PHE F 258 -0.46 -24.51 -30.87
C PHE F 258 0.27 -23.31 -31.47
N ASN F 259 0.09 -23.15 -32.78
CA ASN F 259 0.71 -22.04 -33.52
C ASN F 259 -0.31 -20.93 -33.67
N LEU F 260 -0.03 -19.77 -33.08
CA LEU F 260 -0.93 -18.63 -33.24
C LEU F 260 -0.70 -17.91 -34.57
N LEU F 261 0.41 -18.19 -35.25
CA LEU F 261 0.75 -17.47 -36.48
C LEU F 261 -0.23 -17.74 -37.63
N THR F 262 -0.90 -18.90 -37.61
CA THR F 262 -1.95 -19.20 -38.59
C THR F 262 -3.30 -18.77 -38.04
N ASP F 263 -4.01 -17.95 -38.81
CA ASP F 263 -5.24 -17.29 -38.36
C ASP F 263 -6.29 -18.31 -37.92
N GLY F 264 -7.16 -17.87 -37.02
CA GLY F 264 -8.24 -18.71 -36.52
C GLY F 264 -7.77 -19.82 -35.59
N ASN F 265 -6.48 -19.87 -35.29
CA ASN F 265 -5.96 -20.98 -34.51
C ASN F 265 -6.42 -20.94 -33.05
N ILE F 266 -6.58 -19.75 -32.49
CA ILE F 266 -7.04 -19.62 -31.11
C ILE F 266 -8.49 -20.06 -31.03
N ALA F 267 -9.27 -19.65 -32.04
CA ALA F 267 -10.64 -20.08 -32.19
C ALA F 267 -10.68 -21.60 -32.37
N ARG F 268 -9.84 -22.10 -33.29
CA ARG F 268 -9.68 -23.54 -33.47
C ARG F 268 -9.45 -24.24 -32.13
N ALA F 269 -8.55 -23.65 -31.33
CA ALA F 269 -8.14 -24.25 -30.07
C ALA F 269 -9.27 -24.33 -29.05
N VAL F 270 -10.02 -23.24 -28.87
CA VAL F 270 -10.98 -23.17 -27.76
C VAL F 270 -12.26 -23.97 -28.03
N ARG F 271 -12.71 -23.97 -29.28
CA ARG F 271 -13.99 -24.60 -29.64
C ARG F 271 -13.89 -26.13 -29.63
N GLY F 272 -12.66 -26.63 -29.48
CA GLY F 272 -12.42 -28.06 -29.27
C GLY F 272 -11.79 -28.76 -30.46
N GLU F 273 -11.62 -28.03 -31.57
CA GLU F 273 -11.04 -28.63 -32.77
C GLU F 273 -9.67 -29.21 -32.47
N LYS F 274 -9.34 -30.29 -33.17
CA LYS F 274 -8.06 -30.97 -32.98
C LYS F 274 -7.10 -30.52 -34.08
N ILE F 275 -6.01 -29.80 -33.78
CA ILE F 275 -5.45 -29.60 -32.43
C ILE F 275 -4.06 -28.98 -32.64
N GLY F 276 -3.27 -28.83 -31.59
CA GLY F 276 -1.84 -28.64 -31.73
C GLY F 276 -1.21 -29.86 -31.09
N THR F 277 -0.91 -29.77 -29.80
CA THR F 277 -0.61 -30.94 -28.99
C THR F 277 -1.29 -30.75 -27.65
N LEU F 278 -2.24 -31.63 -27.31
CA LEU F 278 -2.92 -31.59 -26.03
C LEU F 278 -2.25 -32.55 -25.05
N VAL F 279 -2.13 -32.11 -23.81
CA VAL F 279 -1.50 -32.90 -22.76
C VAL F 279 -2.46 -33.01 -21.59
N THR F 280 -3.06 -34.19 -21.41
CA THR F 280 -3.94 -34.43 -20.29
C THR F 280 -3.47 -35.67 -19.57
N THR F 281 -3.92 -35.82 -18.33
CA THR F 281 -3.60 -36.98 -17.50
C THR F 281 -4.88 -37.53 -16.88
#